data_488D
# 
_entry.id   488D 
# 
_audit_conform.dict_name       mmcif_pdbx.dic 
_audit_conform.dict_version    5.383 
_audit_conform.dict_location   http://mmcif.pdb.org/dictionaries/ascii/mmcif_pdbx.dic 
# 
loop_
_database_2.database_id 
_database_2.database_code 
_database_2.pdbx_database_accession 
_database_2.pdbx_DOI 
PDB   488D         pdb_0000488d 10.2210/pdb488d/pdb 
NDB   UR0010       ?            ?                   
RCSB  RCSB001434   ?            ?                   
WWPDB D_1000001434 ?            ?                   
# 
loop_
_pdbx_audit_revision_history.ordinal 
_pdbx_audit_revision_history.data_content_type 
_pdbx_audit_revision_history.major_revision 
_pdbx_audit_revision_history.minor_revision 
_pdbx_audit_revision_history.revision_date 
1 'Structure model' 1 0 2000-03-06 
2 'Structure model' 1 1 2008-04-26 
3 'Structure model' 1 2 2011-07-13 
4 'Structure model' 1 3 2023-12-27 
# 
_pdbx_audit_revision_details.ordinal             1 
_pdbx_audit_revision_details.revision_ordinal    1 
_pdbx_audit_revision_details.data_content_type   'Structure model' 
_pdbx_audit_revision_details.provider            repository 
_pdbx_audit_revision_details.type                'Initial release' 
_pdbx_audit_revision_details.description         ? 
_pdbx_audit_revision_details.details             ? 
# 
loop_
_pdbx_audit_revision_group.ordinal 
_pdbx_audit_revision_group.revision_ordinal 
_pdbx_audit_revision_group.data_content_type 
_pdbx_audit_revision_group.group 
1 2 'Structure model' 'Version format compliance' 
2 3 'Structure model' 'Version format compliance' 
3 4 'Structure model' 'Data collection'           
4 4 'Structure model' 'Database references'       
5 4 'Structure model' 'Derived calculations'      
# 
loop_
_pdbx_audit_revision_category.ordinal 
_pdbx_audit_revision_category.revision_ordinal 
_pdbx_audit_revision_category.data_content_type 
_pdbx_audit_revision_category.category 
1 4 'Structure model' chem_comp_atom         
2 4 'Structure model' chem_comp_bond         
3 4 'Structure model' database_2             
4 4 'Structure model' pdbx_struct_conn_angle 
5 4 'Structure model' struct_conn            
6 4 'Structure model' struct_conn_type       
7 4 'Structure model' struct_site            
# 
loop_
_pdbx_audit_revision_item.ordinal 
_pdbx_audit_revision_item.revision_ordinal 
_pdbx_audit_revision_item.data_content_type 
_pdbx_audit_revision_item.item 
1  4 'Structure model' '_database_2.pdbx_DOI'                        
2  4 'Structure model' '_database_2.pdbx_database_accession'         
3  4 'Structure model' '_pdbx_struct_conn_angle.ptnr1_auth_asym_id'  
4  4 'Structure model' '_pdbx_struct_conn_angle.ptnr1_auth_comp_id'  
5  4 'Structure model' '_pdbx_struct_conn_angle.ptnr1_auth_seq_id'   
6  4 'Structure model' '_pdbx_struct_conn_angle.ptnr1_label_asym_id' 
7  4 'Structure model' '_pdbx_struct_conn_angle.ptnr1_label_atom_id' 
8  4 'Structure model' '_pdbx_struct_conn_angle.ptnr1_label_comp_id' 
9  4 'Structure model' '_pdbx_struct_conn_angle.ptnr1_label_seq_id'  
10 4 'Structure model' '_pdbx_struct_conn_angle.ptnr2_auth_asym_id'  
11 4 'Structure model' '_pdbx_struct_conn_angle.ptnr2_auth_seq_id'   
12 4 'Structure model' '_pdbx_struct_conn_angle.ptnr2_label_asym_id' 
13 4 'Structure model' '_pdbx_struct_conn_angle.ptnr3_auth_asym_id'  
14 4 'Structure model' '_pdbx_struct_conn_angle.ptnr3_auth_comp_id'  
15 4 'Structure model' '_pdbx_struct_conn_angle.ptnr3_auth_seq_id'   
16 4 'Structure model' '_pdbx_struct_conn_angle.ptnr3_label_asym_id' 
17 4 'Structure model' '_pdbx_struct_conn_angle.ptnr3_label_atom_id' 
18 4 'Structure model' '_pdbx_struct_conn_angle.ptnr3_label_comp_id' 
19 4 'Structure model' '_pdbx_struct_conn_angle.ptnr3_label_seq_id'  
20 4 'Structure model' '_pdbx_struct_conn_angle.value'               
21 4 'Structure model' '_struct_conn.conn_type_id'                   
22 4 'Structure model' '_struct_conn.id'                             
23 4 'Structure model' '_struct_conn.pdbx_dist_value'                
24 4 'Structure model' '_struct_conn.pdbx_leaving_atom_flag'         
25 4 'Structure model' '_struct_conn.ptnr1_auth_asym_id'             
26 4 'Structure model' '_struct_conn.ptnr1_auth_comp_id'             
27 4 'Structure model' '_struct_conn.ptnr1_auth_seq_id'              
28 4 'Structure model' '_struct_conn.ptnr1_label_asym_id'            
29 4 'Structure model' '_struct_conn.ptnr1_label_atom_id'            
30 4 'Structure model' '_struct_conn.ptnr1_label_comp_id'            
31 4 'Structure model' '_struct_conn.ptnr1_label_seq_id'             
32 4 'Structure model' '_struct_conn.ptnr2_auth_asym_id'             
33 4 'Structure model' '_struct_conn.ptnr2_auth_comp_id'             
34 4 'Structure model' '_struct_conn.ptnr2_auth_seq_id'              
35 4 'Structure model' '_struct_conn.ptnr2_label_asym_id'            
36 4 'Structure model' '_struct_conn.ptnr2_label_atom_id'            
37 4 'Structure model' '_struct_conn.ptnr2_label_comp_id'            
38 4 'Structure model' '_struct_conn.ptnr2_label_seq_id'             
39 4 'Structure model' '_struct_conn_type.id'                        
40 4 'Structure model' '_struct_site.pdbx_auth_asym_id'              
41 4 'Structure model' '_struct_site.pdbx_auth_comp_id'              
42 4 'Structure model' '_struct_site.pdbx_auth_seq_id'               
# 
_pdbx_database_status.status_code                     REL 
_pdbx_database_status.entry_id                        488D 
_pdbx_database_status.recvd_initial_deposition_date   2000-02-25 
_pdbx_database_status.deposit_site                    NDB 
_pdbx_database_status.process_site                    NDB 
_pdbx_database_status.SG_entry                        . 
_pdbx_database_status.pdb_format_compatible           Y 
_pdbx_database_status.status_code_mr                  ? 
_pdbx_database_status.status_code_sf                  ? 
_pdbx_database_status.status_code_cs                  ? 
_pdbx_database_status.status_code_nmr_data            ? 
_pdbx_database_status.methods_development_category    ? 
# 
loop_
_audit_author.name 
_audit_author.pdbx_ordinal 
'Murray, J.B.' 1 
'Szoke, H.'    2 
'Szoke, A.'    3 
'Scott, W.G.'  4 
# 
_citation.id                        primary 
_citation.title                     
;Capture and visualization of a catalytic RNA enzyme-product complex using crystal lattice trapping and X-ray holographic reconstruction.
;
_citation.journal_abbrev            Mol.Cell 
_citation.journal_volume            5 
_citation.page_first                279 
_citation.page_last                 287 
_citation.year                      2000 
_citation.journal_id_ASTM           MOCEFL 
_citation.country                   US 
_citation.journal_id_ISSN           1097-2765 
_citation.journal_id_CSD            2168 
_citation.book_publisher            ? 
_citation.pdbx_database_id_PubMed   10882069 
_citation.pdbx_database_id_DOI      '10.1016/S1097-2765(00)80423-2' 
# 
loop_
_citation_author.citation_id 
_citation_author.name 
_citation_author.ordinal 
_citation_author.identifier_ORCID 
primary 'Murray, J.B.' 1 ? 
primary 'Szoke, H.'    2 ? 
primary 'Szoke, A.'    3 ? 
primary 'Scott, W.G.'  4 ? 
# 
loop_
_entity.id 
_entity.type 
_entity.src_method 
_entity.pdbx_description 
_entity.formula_weight 
_entity.pdbx_number_of_molecules 
_entity.pdbx_ec 
_entity.pdbx_mutation 
_entity.pdbx_fragment 
_entity.details 
1 polymer     syn 'RNA RIBOZYME STRAND'                      5170.103 1 ? ? ? 16-MER                            
2 polymer     syn 'FIRST RNA FRAGMENT OF CLEAVED SUBSTRATE'  6507.884 1 ? ? ? 
;20-MER, 3'-END CYCLIC PHOSPHATE
;
3 polymer     syn 'SECOND RNA FRAGMENT OF CLEAVED SUBSTRATE' 1529.000 1 ? ? ? 5-MER                             
4 polymer     syn 'UNCLEAVED RNA SUBSTRATE'                  8019.876 1 ? ? ? 25-MER                            
5 non-polymer syn 'CADMIUM ION'                              112.411  8 ? ? ? ?                                 
# 
loop_
_entity_poly.entity_id 
_entity_poly.type 
_entity_poly.nstd_linkage 
_entity_poly.nstd_monomer 
_entity_poly.pdbx_seq_one_letter_code 
_entity_poly.pdbx_seq_one_letter_code_can 
_entity_poly.pdbx_strand_id 
_entity_poly.pdbx_target_identifier 
1 polyribonucleotide no no  GUGGUCUGAUGAGGCC           GUGGUCUGAUGAGGCC          A ? 
2 polyribonucleotide no yes 'GGCCGAAACUCGUAAGAGU(CCC)' GGCCGAAACUCGUAAGAGUC      B ? 
3 polyribonucleotide no no  ACCAC                      ACCAC                     C ? 
4 polyribonucleotide no no  GGCCGAAACUCGUAAGAGUCACCAC  GGCCGAAACUCGUAAGAGUCACCAC D ? 
# 
_pdbx_entity_nonpoly.entity_id   5 
_pdbx_entity_nonpoly.name        'CADMIUM ION' 
_pdbx_entity_nonpoly.comp_id     CD 
# 
loop_
_entity_poly_seq.entity_id 
_entity_poly_seq.num 
_entity_poly_seq.mon_id 
_entity_poly_seq.hetero 
1 1  G   n 
1 2  U   n 
1 3  G   n 
1 4  G   n 
1 5  U   n 
1 6  C   n 
1 7  U   n 
1 8  G   n 
1 9  A   n 
1 10 U   n 
1 11 G   n 
1 12 A   n 
1 13 G   n 
1 14 G   n 
1 15 C   n 
1 16 C   n 
2 1  G   n 
2 2  G   n 
2 3  C   n 
2 4  C   n 
2 5  G   n 
2 6  A   n 
2 7  A   n 
2 8  A   n 
2 9  C   n 
2 10 U   n 
2 11 C   n 
2 12 G   n 
2 13 U   n 
2 14 A   n 
2 15 A   n 
2 16 G   n 
2 17 A   n 
2 18 G   n 
2 19 U   n 
2 20 CCC n 
3 1  A   n 
3 2  C   n 
3 3  C   n 
3 4  A   n 
3 5  C   n 
4 1  G   n 
4 2  G   n 
4 3  C   n 
4 4  C   n 
4 5  G   n 
4 6  A   n 
4 7  A   n 
4 8  A   n 
4 9  C   n 
4 10 U   n 
4 11 C   n 
4 12 G   n 
4 13 U   n 
4 14 A   n 
4 15 A   n 
4 16 G   n 
4 17 A   n 
4 18 G   n 
4 19 U   n 
4 20 C   n 
4 21 A   n 
4 22 C   n 
4 23 C   n 
4 24 A   n 
4 25 C   n 
# 
loop_
_chem_comp.id 
_chem_comp.type 
_chem_comp.mon_nstd_flag 
_chem_comp.name 
_chem_comp.pdbx_synonyms 
_chem_comp.formula 
_chem_comp.formula_weight 
A   'RNA linking' y "ADENOSINE-5'-MONOPHOSPHATE"                   ? 'C10 H14 N5 O7 P'  347.221 
C   'RNA linking' y "CYTIDINE-5'-MONOPHOSPHATE"                    ? 'C9 H14 N3 O8 P'   323.197 
CCC 'RNA linking' n 
;CYTIDINE-5'-PHOSPHATE-2',3'-CYCLIC PHOSPHATE
;
? 'C9 H13 N3 O10 P2' 385.161 
CD  non-polymer   . 'CADMIUM ION'                                  ? 'Cd 2'             112.411 
G   'RNA linking' y "GUANOSINE-5'-MONOPHOSPHATE"                   ? 'C10 H14 N5 O8 P'  363.221 
U   'RNA linking' y "URIDINE-5'-MONOPHOSPHATE"                     ? 'C9 H13 N2 O9 P'   324.181 
# 
loop_
_pdbx_poly_seq_scheme.asym_id 
_pdbx_poly_seq_scheme.entity_id 
_pdbx_poly_seq_scheme.seq_id 
_pdbx_poly_seq_scheme.mon_id 
_pdbx_poly_seq_scheme.ndb_seq_num 
_pdbx_poly_seq_scheme.pdb_seq_num 
_pdbx_poly_seq_scheme.auth_seq_num 
_pdbx_poly_seq_scheme.pdb_mon_id 
_pdbx_poly_seq_scheme.auth_mon_id 
_pdbx_poly_seq_scheme.pdb_strand_id 
_pdbx_poly_seq_scheme.pdb_ins_code 
_pdbx_poly_seq_scheme.hetero 
A 1 1  G   1  25  25  G   G   A . n 
A 1 2  U   2  24  24  U   U   A . n 
A 1 3  G   3  23  23  G   G   A . n 
A 1 4  G   4  22  22  G   G   A . n 
A 1 5  U   5  21  21  U   U   A . n 
A 1 6  C   6  30  30  C   C   A . n 
A 1 7  U   7  40  40  U   U   A . n 
A 1 8  G   8  50  50  G   G   A . n 
A 1 9  A   9  60  60  A   A   A . n 
A 1 10 U   10 70  70  U   U   A . n 
A 1 11 G   11 80  80  G   G   A . n 
A 1 12 A   12 90  90  A   A   A . n 
A 1 13 G   13 101 101 G   G   A . n 
A 1 14 G   14 102 102 G   G   A . n 
A 1 15 C   15 103 103 C   C   A . n 
A 1 16 C   16 104 104 C   C   A . n 
B 2 1  G   1  114 114 G   G   B . n 
B 2 2  G   2  113 113 G   G   B . n 
B 2 3  C   3  112 112 C   C   B . n 
B 2 4  C   4  111 111 C   C   B . n 
B 2 5  G   5  120 120 G   G   B . n 
B 2 6  A   6  130 130 A   A   B . n 
B 2 7  A   7  140 140 A   A   B . n 
B 2 8  A   8  151 151 A   A   B . n 
B 2 9  C   9  152 152 C   C   B . n 
B 2 10 U   10 153 153 U   U   B . n 
B 2 11 C   11 154 154 C   C   B . n 
B 2 12 G   12 31  31  G   G   B L n 
B 2 13 U   13 32  32  U   U   B L n 
B 2 14 A   14 33  33  A   A   B L n 
B 2 15 A   15 34  34  A   A   B L n 
B 2 16 G   16 164 164 G   G   B . n 
B 2 17 A   17 163 163 A   A   B . n 
B 2 18 G   18 162 162 G   G   B . n 
B 2 19 U   19 161 161 U   U   B . n 
B 2 20 CCC 20 170 170 CCC CCC B . n 
C 3 1  A   1  11  11  A   A   C . n 
C 3 2  C   2  12  12  C   C   C . n 
C 3 3  C   3  13  13  C   C   C . n 
C 3 4  A   4  14  14  A   A   C . n 
C 3 5  C   5  15  15  C   C   C . n 
D 4 1  G   1  114 114 G   G   D . n 
D 4 2  G   2  113 113 G   G   D . n 
D 4 3  C   3  112 112 C   C   D . n 
D 4 4  C   4  111 111 C   C   D . n 
D 4 5  G   5  120 120 G   G   D . n 
D 4 6  A   6  130 130 A   A   D . n 
D 4 7  A   7  140 140 A   A   D . n 
D 4 8  A   8  151 151 A   A   D . n 
D 4 9  C   9  152 152 C   C   D . n 
D 4 10 U   10 153 153 U   U   D . n 
D 4 11 C   11 154 154 C   C   D . n 
D 4 12 G   12 31  31  G   G   D L n 
D 4 13 U   13 32  32  U   U   D L n 
D 4 14 A   14 33  33  A   A   D L n 
D 4 15 A   15 34  34  A   A   D L n 
D 4 16 G   16 164 164 G   G   D . n 
D 4 17 A   17 163 163 A   A   D . n 
D 4 18 G   18 162 162 G   G   D . n 
D 4 19 U   19 161 161 U   U   D . n 
D 4 20 C   20 170 170 C   C   D . n 
D 4 21 A   21 11  11  A   A   D . n 
D 4 22 C   22 12  12  C   C   D . n 
D 4 23 C   23 13  13  C   C   D . n 
D 4 24 A   24 14  14  A   A   D . n 
D 4 25 C   25 15  15  C   C   D . n 
# 
loop_
_pdbx_nonpoly_scheme.asym_id 
_pdbx_nonpoly_scheme.entity_id 
_pdbx_nonpoly_scheme.mon_id 
_pdbx_nonpoly_scheme.ndb_seq_num 
_pdbx_nonpoly_scheme.pdb_seq_num 
_pdbx_nonpoly_scheme.auth_seq_num 
_pdbx_nonpoly_scheme.pdb_mon_id 
_pdbx_nonpoly_scheme.auth_mon_id 
_pdbx_nonpoly_scheme.pdb_strand_id 
_pdbx_nonpoly_scheme.pdb_ins_code 
E 5 CD 1 1 1 CD CD A . 
F 5 CD 1 2 2 CD CD A . 
G 5 CD 1 6 6 CD CD A . 
H 5 CD 1 8 8 CD CD A . 
I 5 CD 1 3 3 CD CD B . 
J 5 CD 1 4 4 CD CD B . 
K 5 CD 1 5 5 CD CD B . 
L 5 CD 1 7 7 CD CD B . 
# 
loop_
_software.name 
_software.classification 
_software.version 
_software.citation_id 
_software.pdbx_ordinal 
X-PLOR 'model building' .         ? 1 
X-PLOR refinement       3.851     ? 2 
MOSFLM 'data reduction' .         ? 3 
CCP4   'data scaling'   '(SCALA)' ? 4 
X-PLOR phasing          .         ? 5 
# 
_cell.entry_id           488D 
_cell.length_a           65.503 
_cell.length_b           65.503 
_cell.length_c           136.484 
_cell.angle_alpha        90.00 
_cell.angle_beta         90.00 
_cell.angle_gamma        120.00 
_cell.Z_PDB              6 
_cell.pdbx_unique_axis   ? 
# 
_symmetry.entry_id                         488D 
_symmetry.space_group_name_H-M             'P 31 2 1' 
_symmetry.pdbx_full_space_group_name_H-M   ? 
_symmetry.cell_setting                     trigonal 
_symmetry.Int_Tables_number                152 
# 
_exptl.entry_id          488D 
_exptl.method            'X-RAY DIFFRACTION' 
_exptl.crystals_number   2 
# 
_exptl_crystal.id                    1 
_exptl_crystal.density_meas          ? 
_exptl_crystal.density_Matthews      3.98 
_exptl_crystal.density_percent_sol   78.0 
_exptl_crystal.description           ? 
# 
_exptl_crystal_grow.crystal_id      1 
_exptl_crystal_grow.method          'VAPOR DIFFUSION, HANGING DROP' 
_exptl_crystal_grow.temp            ? 
_exptl_crystal_grow.temp_details    ? 
_exptl_crystal_grow.pH              5.00 
_exptl_crystal_grow.pdbx_details    'pH 5.00, VAPOR DIFFUSION, HANGING DROP' 
_exptl_crystal_grow.pdbx_pH_range   ? 
# 
_diffrn.id                     1 
_diffrn.ambient_temp           100.0 
_diffrn.ambient_temp_details   ? 
_diffrn.crystal_id             1 
# 
_diffrn_detector.diffrn_id              1 
_diffrn_detector.detector               CCD 
_diffrn_detector.type                   'BRANDEIS - B4' 
_diffrn_detector.pdbx_collection_date   1999-10-15 
_diffrn_detector.details                ? 
# 
_diffrn_radiation.diffrn_id                        1 
_diffrn_radiation.wavelength_id                    1 
_diffrn_radiation.pdbx_monochromatic_or_laue_m_l   M 
_diffrn_radiation.monochromator                    ? 
_diffrn_radiation.pdbx_diffrn_protocol             'SINGLE WAVELENGTH' 
_diffrn_radiation.pdbx_scattering_type             x-ray 
# 
_diffrn_radiation_wavelength.id           1 
_diffrn_radiation_wavelength.wavelength   1.200 
_diffrn_radiation_wavelength.wt           1.0 
# 
_diffrn_source.diffrn_id                   1 
_diffrn_source.source                      SYNCHROTRON 
_diffrn_source.type                        'NSLS BEAMLINE X25' 
_diffrn_source.pdbx_synchrotron_site       NSLS 
_diffrn_source.pdbx_synchrotron_beamline   X25 
_diffrn_source.pdbx_wavelength             1.200 
_diffrn_source.pdbx_wavelength_list        ? 
# 
_reflns.entry_id                     488D 
_reflns.observed_criterion_sigma_I   ? 
_reflns.observed_criterion_sigma_F   ? 
_reflns.d_resolution_low             24.600 
_reflns.d_resolution_high            3.100 
_reflns.number_obs                   6553 
_reflns.number_all                   6553 
_reflns.percent_possible_obs         95.5 
_reflns.pdbx_Rmerge_I_obs            ? 
_reflns.pdbx_Rsym_value              0.1040000 
_reflns.pdbx_netI_over_sigmaI        ? 
_reflns.B_iso_Wilson_estimate        ? 
_reflns.pdbx_redundancy              1.700 
_reflns.R_free_details               ? 
_reflns.pdbx_diffrn_id               1 
_reflns.pdbx_ordinal                 1 
# 
_reflns_shell.d_res_high             3.10 
_reflns_shell.d_res_low              3.40 
_reflns_shell.percent_possible_all   91.3 
_reflns_shell.Rmerge_I_obs           0.2750000 
_reflns_shell.pdbx_Rsym_value        ? 
_reflns_shell.meanI_over_sigI_obs    ? 
_reflns_shell.pdbx_redundancy        1.70 
_reflns_shell.percent_possible_obs   ? 
_reflns_shell.number_unique_all      ? 
_reflns_shell.pdbx_diffrn_id         ? 
_reflns_shell.pdbx_ordinal           1 
# 
_refine.entry_id                                 488D 
_refine.ls_number_reflns_obs                     6553 
_refine.ls_number_reflns_all                     6553 
_refine.pdbx_ls_sigma_I                          ? 
_refine.pdbx_ls_sigma_F                          0.000 
_refine.pdbx_data_cutoff_high_absF               ? 
_refine.pdbx_data_cutoff_low_absF                ? 
_refine.pdbx_data_cutoff_high_rms_absF           ? 
_refine.ls_d_res_low                             24.60 
_refine.ls_d_res_high                            3.10 
_refine.ls_percent_reflns_obs                    95.5 
_refine.ls_R_factor_obs                          0.2580000 
_refine.ls_R_factor_all                          ? 
_refine.ls_R_factor_R_work                       0.2580000 
_refine.ls_R_factor_R_free                       0.3010000 
_refine.ls_R_factor_R_free_error                 ? 
_refine.ls_R_factor_R_free_error_details         ? 
_refine.ls_percent_reflns_R_free                 9.4 
_refine.ls_number_reflns_R_free                  618 
_refine.ls_number_parameters                     ? 
_refine.ls_number_restraints                     ? 
_refine.occupancy_min                            ? 
_refine.occupancy_max                            ? 
_refine.B_iso_mean                               ? 
_refine.aniso_B[1][1]                            ? 
_refine.aniso_B[2][2]                            ? 
_refine.aniso_B[3][3]                            ? 
_refine.aniso_B[1][2]                            ? 
_refine.aniso_B[1][3]                            ? 
_refine.aniso_B[2][3]                            ? 
_refine.solvent_model_details                    ? 
_refine.solvent_model_param_ksol                 ? 
_refine.solvent_model_param_bsol                 ? 
_refine.pdbx_ls_cross_valid_method               THROUGHOUT 
_refine.details                                  
;THE CRYSTAL IS A MIXTURE OF 40% CLEAVED HAMMERHEAD RNA AND 60% 
UNCLEAVED HAMMERHEAD RNA. THE OCCUPANCY OF THE ENZYME STRAND AND 
METALS PRESENT ARE SET TO 1.0 AND THE CHAIN IS LABELLED 'A'. THE 
OCCUPANCY OF THE SUBSTRATE STRAND IS SET TO 0.6 AND LABELLED AS CHAIN 
'D'. THE OCCUPANCY OF THE PRODUCT STRAND (OR CLEAVED STRAND) IS 0.4 
AND IS LABELLED 'B' AND 'C'. THE RELATIVE OCCUPANCIES WERE DETERMINED 
BY HPLC. A SECOND CRYSTAL WHOSE STRUCTURE IS ESSENTIALLY IDENTICAL WAS 
ALSO ANALYZED, IN WHICH 60% OF THE RNA HAD CLEAVED. HOWEVER, THE 
QUALITY OF THE DATA FOR THE SUBMITTED CRYSTAL STRUCTURE IS SOMEWHAT 
HIGHER.
;
_refine.pdbx_starting_model                      ? 
_refine.pdbx_method_to_determine_struct          ? 
_refine.pdbx_isotropic_thermal_model             ? 
_refine.pdbx_stereochemistry_target_values       ? 
_refine.pdbx_stereochem_target_val_spec_case     ? 
_refine.pdbx_R_Free_selection_details            random 
_refine.pdbx_overall_ESU_R                       ? 
_refine.pdbx_overall_ESU_R_Free                  ? 
_refine.overall_SU_ML                            ? 
_refine.overall_SU_B                             ? 
_refine.ls_redundancy_reflns_obs                 ? 
_refine.pdbx_refine_id                           'X-RAY DIFFRACTION' 
_refine.pdbx_diffrn_id                           1 
_refine.pdbx_TLS_residual_ADP_flag               ? 
_refine.correlation_coeff_Fo_to_Fc               ? 
_refine.correlation_coeff_Fo_to_Fc_free          ? 
_refine.pdbx_solvent_vdw_probe_radii             ? 
_refine.pdbx_solvent_ion_probe_radii             ? 
_refine.pdbx_solvent_shrinkage_radii             ? 
_refine.pdbx_overall_phase_error                 ? 
_refine.overall_SU_R_Cruickshank_DPI             ? 
_refine.pdbx_overall_SU_R_free_Cruickshank_DPI   ? 
_refine.pdbx_overall_SU_R_Blow_DPI               ? 
_refine.pdbx_overall_SU_R_free_Blow_DPI          ? 
# 
_refine_hist.pdbx_refine_id                   'X-RAY DIFFRACTION' 
_refine_hist.cycle_id                         LAST 
_refine_hist.pdbx_number_atoms_protein        0 
_refine_hist.pdbx_number_atoms_nucleic_acid   1404 
_refine_hist.pdbx_number_atoms_ligand         8 
_refine_hist.number_atoms_solvent             0 
_refine_hist.number_atoms_total               1412 
_refine_hist.d_res_high                       3.10 
_refine_hist.d_res_low                        24.60 
# 
loop_
_refine_ls_restr.type 
_refine_ls_restr.dev_ideal 
_refine_ls_restr.dev_ideal_target 
_refine_ls_restr.weight 
_refine_ls_restr.number 
_refine_ls_restr.pdbx_refine_id 
_refine_ls_restr.pdbx_restraint_function 
x_bond_d                0.010 ? ? ? 'X-RAY DIFFRACTION' ? 
x_bond_d_na             ?     ? ? ? 'X-RAY DIFFRACTION' ? 
x_bond_d_prot           ?     ? ? ? 'X-RAY DIFFRACTION' ? 
x_angle_d               ?     ? ? ? 'X-RAY DIFFRACTION' ? 
x_angle_d_na            ?     ? ? ? 'X-RAY DIFFRACTION' ? 
x_angle_d_prot          ?     ? ? ? 'X-RAY DIFFRACTION' ? 
x_angle_deg             1.89  ? ? ? 'X-RAY DIFFRACTION' ? 
x_angle_deg_na          ?     ? ? ? 'X-RAY DIFFRACTION' ? 
x_angle_deg_prot        ?     ? ? ? 'X-RAY DIFFRACTION' ? 
x_dihedral_angle_d      ?     ? ? ? 'X-RAY DIFFRACTION' ? 
x_dihedral_angle_d_na   ?     ? ? ? 'X-RAY DIFFRACTION' ? 
x_dihedral_angle_d_prot ?     ? ? ? 'X-RAY DIFFRACTION' ? 
x_improper_angle_d      ?     ? ? ? 'X-RAY DIFFRACTION' ? 
x_improper_angle_d_na   ?     ? ? ? 'X-RAY DIFFRACTION' ? 
x_improper_angle_d_prot ?     ? ? ? 'X-RAY DIFFRACTION' ? 
x_mcbond_it             ?     ? ? ? 'X-RAY DIFFRACTION' ? 
x_mcangle_it            ?     ? ? ? 'X-RAY DIFFRACTION' ? 
x_scbond_it             ?     ? ? ? 'X-RAY DIFFRACTION' ? 
x_scangle_it            ?     ? ? ? 'X-RAY DIFFRACTION' ? 
# 
_struct.entry_id                  488D 
_struct.title                     'CATALYTIC RNA ENZYME-PRODUCT COMPLEX' 
_struct.pdbx_model_details        ? 
_struct.pdbx_CASP_flag            ? 
_struct.pdbx_model_type_details   ? 
# 
_struct_keywords.entry_id        488D 
_struct_keywords.pdbx_keywords   RNA 
_struct_keywords.text            'CATALYTIC RNA, RIBOZYME, ENZYME-PRODUCT COMPLEX, CRYSTAL LATTICE TRAPPING, RNA' 
# 
loop_
_struct_asym.id 
_struct_asym.pdbx_blank_PDB_chainid_flag 
_struct_asym.pdbx_modified 
_struct_asym.entity_id 
_struct_asym.details 
A N N 1 ? 
B N N 2 ? 
C N N 3 ? 
D N N 4 ? 
E N N 5 ? 
F N N 5 ? 
G N N 5 ? 
H N N 5 ? 
I N N 5 ? 
J N N 5 ? 
K N N 5 ? 
L N N 5 ? 
# 
loop_
_struct_ref.id 
_struct_ref.entity_id 
_struct_ref.db_name 
_struct_ref.db_code 
_struct_ref.pdbx_db_accession 
_struct_ref.pdbx_db_isoform 
_struct_ref.pdbx_seq_one_letter_code 
_struct_ref.pdbx_align_begin 
1 1 PDB 488D 488D ? ? ? 
2 2 PDB 488D 488D ? ? ? 
3 3 PDB 488D 488D ? ? ? 
4 4 PDB 488D 488D ? ? ? 
# 
loop_
_struct_ref_seq.align_id 
_struct_ref_seq.ref_id 
_struct_ref_seq.pdbx_PDB_id_code 
_struct_ref_seq.pdbx_strand_id 
_struct_ref_seq.seq_align_beg 
_struct_ref_seq.pdbx_seq_align_beg_ins_code 
_struct_ref_seq.seq_align_end 
_struct_ref_seq.pdbx_seq_align_end_ins_code 
_struct_ref_seq.pdbx_db_accession 
_struct_ref_seq.db_align_beg 
_struct_ref_seq.pdbx_db_align_beg_ins_code 
_struct_ref_seq.db_align_end 
_struct_ref_seq.pdbx_db_align_end_ins_code 
_struct_ref_seq.pdbx_auth_seq_align_beg 
_struct_ref_seq.pdbx_auth_seq_align_end 
1 1 488D A 1 ? 16 ? 488D 25  ? 104 ? 25  104 
2 2 488D B 1 ? 20 ? 488D 114 ? 170 ? 114 170 
3 3 488D C 1 ? 5  ? 488D 11  ? 15  ? 11  15  
4 4 488D D 1 ? 25 ? 488D 114 ? 15  ? 114 15  
# 
_pdbx_struct_assembly.id                   1 
_pdbx_struct_assembly.details              author_defined_assembly 
_pdbx_struct_assembly.method_details       ? 
_pdbx_struct_assembly.oligomeric_details   tetrameric 
_pdbx_struct_assembly.oligomeric_count     4 
# 
_pdbx_struct_assembly_gen.assembly_id       1 
_pdbx_struct_assembly_gen.oper_expression   1 
_pdbx_struct_assembly_gen.asym_id_list      A,B,C,D,E,F,G,H,I,J,K,L 
# 
_pdbx_struct_oper_list.id                   1 
_pdbx_struct_oper_list.type                 'identity operation' 
_pdbx_struct_oper_list.name                 1_555 
_pdbx_struct_oper_list.symmetry_operation   x,y,z 
_pdbx_struct_oper_list.matrix[1][1]         1.0000000000 
_pdbx_struct_oper_list.matrix[1][2]         0.0000000000 
_pdbx_struct_oper_list.matrix[1][3]         0.0000000000 
_pdbx_struct_oper_list.vector[1]            0.0000000000 
_pdbx_struct_oper_list.matrix[2][1]         0.0000000000 
_pdbx_struct_oper_list.matrix[2][2]         1.0000000000 
_pdbx_struct_oper_list.matrix[2][3]         0.0000000000 
_pdbx_struct_oper_list.vector[2]            0.0000000000 
_pdbx_struct_oper_list.matrix[3][1]         0.0000000000 
_pdbx_struct_oper_list.matrix[3][2]         0.0000000000 
_pdbx_struct_oper_list.matrix[3][3]         1.0000000000 
_pdbx_struct_oper_list.vector[3]            0.0000000000 
# 
_struct_biol.id   1 
# 
loop_
_struct_conn.id 
_struct_conn.conn_type_id 
_struct_conn.pdbx_leaving_atom_flag 
_struct_conn.pdbx_PDB_id 
_struct_conn.ptnr1_label_asym_id 
_struct_conn.ptnr1_label_comp_id 
_struct_conn.ptnr1_label_seq_id 
_struct_conn.ptnr1_label_atom_id 
_struct_conn.pdbx_ptnr1_label_alt_id 
_struct_conn.pdbx_ptnr1_PDB_ins_code 
_struct_conn.pdbx_ptnr1_standard_comp_id 
_struct_conn.ptnr1_symmetry 
_struct_conn.ptnr2_label_asym_id 
_struct_conn.ptnr2_label_comp_id 
_struct_conn.ptnr2_label_seq_id 
_struct_conn.ptnr2_label_atom_id 
_struct_conn.pdbx_ptnr2_label_alt_id 
_struct_conn.pdbx_ptnr2_PDB_ins_code 
_struct_conn.ptnr1_auth_asym_id 
_struct_conn.ptnr1_auth_comp_id 
_struct_conn.ptnr1_auth_seq_id 
_struct_conn.ptnr2_auth_asym_id 
_struct_conn.ptnr2_auth_comp_id 
_struct_conn.ptnr2_auth_seq_id 
_struct_conn.ptnr2_symmetry 
_struct_conn.pdbx_ptnr3_label_atom_id 
_struct_conn.pdbx_ptnr3_label_seq_id 
_struct_conn.pdbx_ptnr3_label_comp_id 
_struct_conn.pdbx_ptnr3_label_asym_id 
_struct_conn.pdbx_ptnr3_label_alt_id 
_struct_conn.pdbx_ptnr3_PDB_ins_code 
_struct_conn.details 
_struct_conn.pdbx_dist_value 
_struct_conn.pdbx_value_order 
_struct_conn.pdbx_role 
covale1  covale both ? B U   19 "O3'" ? ? ? 1_555 B CCC 20 P   ? ? B U   161 B CCC 170 1_555 ? ? ? ? ? ? ?             1.601 ? ? 
covale2  covale none ? B CCC 20 OP1   ? ? ? 1_555 D C   20 OP1 ? ? B CCC 170 D C   170 1_555 ? ? ? ? ? ? ?             1.838 ? ? 
covale3  covale one  ? B CCC 20 P     ? ? ? 1_555 D C   20 OP1 ? ? B CCC 170 D C   170 1_555 ? ? ? ? ? ? ?             1.635 ? ? 
metalc1  metalc ?    ? E CD  .  CD    ? ? ? 1_555 A G   3  N7  ? ? A CD  1   A G   23  1_555 ? ? ? ? ? ? ?             2.096 ? ? 
metalc2  metalc ?    ? E CD  .  CD    ? ? ? 1_555 A G   3  O6  ? ? A CD  1   A G   23  1_555 ? ? ? ? ? ? ?             3.065 ? ? 
metalc3  metalc ?    ? F CD  .  CD    ? ? ? 1_555 A G   8  N7  ? ? A CD  2   A G   50  1_555 ? ? ? ? ? ? ?             1.987 ? ? 
metalc4  metalc ?    ? F CD  .  CD    ? ? ? 1_555 A G   8  O6  ? ? A CD  2   A G   50  1_555 ? ? ? ? ? ? ?             2.999 ? ? 
metalc5  metalc ?    ? G CD  .  CD    ? ? ? 1_555 A G   1  N7  ? ? A CD  6   A G   25  1_555 ? ? ? ? ? ? ?             1.965 ? ? 
metalc6  metalc ?    ? G CD  .  CD    ? ? ? 1_555 A G   1  O6  ? ? A CD  6   A G   25  1_555 ? ? ? ? ? ? ?             2.968 ? ? 
metalc7  metalc ?    ? H CD  .  CD    ? ? ? 1_555 A A   12 OP2 ? ? A CD  8   A A   90  1_555 ? ? ? ? ? ? ?             2.198 ? ? 
metalc8  metalc ?    ? H CD  .  CD    ? ? ? 1_555 A G   13 N7  ? ? A CD  8   A G   101 1_555 ? ? ? ? ? ? ?             1.911 ? ? 
metalc9  metalc ?    ? H CD  .  CD    ? ? ? 1_555 A G   13 O6  ? ? A CD  8   A G   101 1_555 ? ? ? ? ? ? ?             2.962 ? ? 
metalc10 metalc ?    ? I CD  .  CD    ? ? ? 1_555 B G   16 N7  ? ? B CD  3   B G   164 1_555 ? ? ? ? ? ? ?             1.967 ? ? 
metalc11 metalc ?    ? I CD  .  CD    ? ? ? 1_555 B G   16 O6  ? ? B CD  3   B G   164 1_555 ? ? ? ? ? ? ?             2.974 ? ? 
metalc12 metalc ?    ? I CD  .  CD    ? ? ? 1_555 D G   16 N7  ? ? B CD  3   D G   164 1_555 ? ? ? ? ? ? ?             1.967 ? ? 
metalc13 metalc ?    ? I CD  .  CD    ? ? ? 1_555 D G   16 O6  ? ? B CD  3   D G   164 1_555 ? ? ? ? ? ? ?             2.974 ? ? 
metalc14 metalc ?    ? J CD  .  CD    ? ? ? 1_555 B G   1  N7  ? ? B CD  4   B G   114 1_555 ? ? ? ? ? ? ?             1.973 ? ? 
metalc15 metalc ?    ? J CD  .  CD    ? ? ? 1_555 B G   1  O6  ? ? B CD  4   B G   114 1_555 ? ? ? ? ? ? ?             2.947 ? ? 
metalc16 metalc ?    ? J CD  .  CD    ? ? ? 1_555 D G   1  N7  ? ? B CD  4   D G   114 1_555 ? ? ? ? ? ? ?             1.973 ? ? 
metalc17 metalc ?    ? J CD  .  CD    ? ? ? 1_555 D G   1  O6  ? ? B CD  4   D G   114 1_555 ? ? ? ? ? ? ?             2.947 ? ? 
metalc18 metalc ?    ? K CD  .  CD    ? ? ? 1_555 B G   5  O6  ? ? B CD  5   B G   120 1_555 ? ? ? ? ? ? ?             3.055 ? ? 
metalc19 metalc ?    ? K CD  .  CD    ? ? ? 1_555 B G   5  N7  ? ? B CD  5   B G   120 1_555 ? ? ? ? ? ? ?             2.207 ? ? 
metalc20 metalc ?    ? K CD  .  CD    ? ? ? 1_555 D G   5  O6  ? ? B CD  5   D G   120 1_555 ? ? ? ? ? ? ?             3.055 ? ? 
metalc21 metalc ?    ? K CD  .  CD    ? ? ? 1_555 D G   5  N7  ? ? B CD  5   D G   120 1_555 ? ? ? ? ? ? ?             2.207 ? ? 
metalc22 metalc ?    ? L CD  .  CD    ? ? ? 1_555 B G   18 N7  ? ? B CD  7   B G   162 1_555 ? ? ? ? ? ? ?             2.032 ? ? 
metalc23 metalc ?    ? L CD  .  CD    ? ? ? 1_555 B G   18 O6  ? ? B CD  7   B G   162 1_555 ? ? ? ? ? ? ?             2.966 ? ? 
metalc24 metalc ?    ? L CD  .  CD    ? ? ? 1_555 D G   18 N7  ? ? B CD  7   D G   162 1_555 ? ? ? ? ? ? ?             2.032 ? ? 
metalc25 metalc ?    ? L CD  .  CD    ? ? ? 1_555 D G   18 O6  ? ? B CD  7   D G   162 1_555 ? ? ? ? ? ? ?             2.966 ? ? 
hydrog1  hydrog ?    ? A G   1  O6    ? ? ? 1_555 C A   4  N6  ? ? A G   25  C A   14  1_555 ? ? ? ? ? ? 'G-A MISPAIR' ?     ? ? 
hydrog2  hydrog ?    ? A G   1  O6    ? ? ? 1_555 D A   24 N6  ? ? A G   25  D A   14  1_555 ? ? ? ? ? ? 'G-A MISPAIR' ?     ? ? 
hydrog3  hydrog ?    ? A U   2  N3    ? ? ? 1_555 C A   4  N1  ? ? A U   24  C A   14  1_555 ? ? ? ? ? ? WATSON-CRICK  ?     ? ? 
hydrog4  hydrog ?    ? A U   2  O4    ? ? ? 1_555 C A   4  N6  ? ? A U   24  C A   14  1_555 ? ? ? ? ? ? WATSON-CRICK  ?     ? ? 
hydrog5  hydrog ?    ? A U   2  N3    ? ? ? 1_555 D A   24 N1  ? ? A U   24  D A   14  1_555 ? ? ? ? ? ? WATSON-CRICK  ?     ? ? 
hydrog6  hydrog ?    ? A U   2  O4    ? ? ? 1_555 D A   24 N6  ? ? A U   24  D A   14  1_555 ? ? ? ? ? ? WATSON-CRICK  ?     ? ? 
hydrog7  hydrog ?    ? A G   3  N1    ? ? ? 1_555 C C   3  N3  ? ? A G   23  C C   13  1_555 ? ? ? ? ? ? WATSON-CRICK  ?     ? ? 
hydrog8  hydrog ?    ? A G   3  N2    ? ? ? 1_555 C C   3  O2  ? ? A G   23  C C   13  1_555 ? ? ? ? ? ? WATSON-CRICK  ?     ? ? 
hydrog9  hydrog ?    ? A G   3  O6    ? ? ? 1_555 C C   3  N4  ? ? A G   23  C C   13  1_555 ? ? ? ? ? ? WATSON-CRICK  ?     ? ? 
hydrog10 hydrog ?    ? A G   3  N1    ? ? ? 1_555 D C   23 N3  ? ? A G   23  D C   13  1_555 ? ? ? ? ? ? WATSON-CRICK  ?     ? ? 
hydrog11 hydrog ?    ? A G   3  N2    ? ? ? 1_555 D C   23 O2  ? ? A G   23  D C   13  1_555 ? ? ? ? ? ? WATSON-CRICK  ?     ? ? 
hydrog12 hydrog ?    ? A G   3  O6    ? ? ? 1_555 D C   23 N4  ? ? A G   23  D C   13  1_555 ? ? ? ? ? ? WATSON-CRICK  ?     ? ? 
hydrog13 hydrog ?    ? A G   4  N1    ? ? ? 1_555 C C   2  N3  ? ? A G   22  C C   12  1_555 ? ? ? ? ? ? WATSON-CRICK  ?     ? ? 
hydrog14 hydrog ?    ? A G   4  N2    ? ? ? 1_555 C C   2  O2  ? ? A G   22  C C   12  1_555 ? ? ? ? ? ? WATSON-CRICK  ?     ? ? 
hydrog15 hydrog ?    ? A G   4  O6    ? ? ? 1_555 C C   2  N4  ? ? A G   22  C C   12  1_555 ? ? ? ? ? ? WATSON-CRICK  ?     ? ? 
hydrog16 hydrog ?    ? A G   4  N1    ? ? ? 1_555 D C   22 N3  ? ? A G   22  D C   12  1_555 ? ? ? ? ? ? WATSON-CRICK  ?     ? ? 
hydrog17 hydrog ?    ? A G   4  N2    ? ? ? 1_555 D C   22 O2  ? ? A G   22  D C   12  1_555 ? ? ? ? ? ? WATSON-CRICK  ?     ? ? 
hydrog18 hydrog ?    ? A G   4  O6    ? ? ? 1_555 D C   22 N4  ? ? A G   22  D C   12  1_555 ? ? ? ? ? ? WATSON-CRICK  ?     ? ? 
hydrog19 hydrog ?    ? A U   5  N3    ? ? ? 1_555 C A   1  N1  ? ? A U   21  C A   11  1_555 ? ? ? ? ? ? WATSON-CRICK  ?     ? ? 
hydrog20 hydrog ?    ? A U   5  O4    ? ? ? 1_555 C A   1  N6  ? ? A U   21  C A   11  1_555 ? ? ? ? ? ? WATSON-CRICK  ?     ? ? 
hydrog21 hydrog ?    ? A U   5  N3    ? ? ? 1_555 D A   21 N1  ? ? A U   21  D A   11  1_555 ? ? ? ? ? ? WATSON-CRICK  ?     ? ? 
hydrog22 hydrog ?    ? A U   5  O4    ? ? ? 1_555 D A   21 N6  ? ? A U   21  D A   11  1_555 ? ? ? ? ? ? WATSON-CRICK  ?     ? ? 
hydrog23 hydrog ?    ? A C   6  N3    ? ? ? 1_555 D C   20 N4  ? ? A C   30  D C   170 1_555 ? ? ? ? ? ? 'C-C MISPAIR' ?     ? ? 
hydrog24 hydrog ?    ? A G   13 N1    ? ? ? 1_555 B C   4  N3  ? ? A G   101 B C   111 1_555 ? ? ? ? ? ? WATSON-CRICK  ?     ? ? 
hydrog25 hydrog ?    ? A G   13 N2    ? ? ? 1_555 B C   4  O2  ? ? A G   101 B C   111 1_555 ? ? ? ? ? ? WATSON-CRICK  ?     ? ? 
hydrog26 hydrog ?    ? A G   13 O6    ? ? ? 1_555 B C   4  N4  ? ? A G   101 B C   111 1_555 ? ? ? ? ? ? WATSON-CRICK  ?     ? ? 
hydrog27 hydrog ?    ? A G   13 N1    ? ? ? 1_555 D C   4  N3  ? ? A G   101 D C   111 1_555 ? ? ? ? ? ? WATSON-CRICK  ?     ? ? 
hydrog28 hydrog ?    ? A G   13 N2    ? ? ? 1_555 D C   4  O2  ? ? A G   101 D C   111 1_555 ? ? ? ? ? ? WATSON-CRICK  ?     ? ? 
hydrog29 hydrog ?    ? A G   13 O6    ? ? ? 1_555 D C   4  N4  ? ? A G   101 D C   111 1_555 ? ? ? ? ? ? WATSON-CRICK  ?     ? ? 
hydrog30 hydrog ?    ? A G   14 N1    ? ? ? 1_555 B C   3  N3  ? ? A G   102 B C   112 1_555 ? ? ? ? ? ? WATSON-CRICK  ?     ? ? 
hydrog31 hydrog ?    ? A G   14 N2    ? ? ? 1_555 B C   3  O2  ? ? A G   102 B C   112 1_555 ? ? ? ? ? ? WATSON-CRICK  ?     ? ? 
hydrog32 hydrog ?    ? A G   14 O6    ? ? ? 1_555 B C   3  N4  ? ? A G   102 B C   112 1_555 ? ? ? ? ? ? WATSON-CRICK  ?     ? ? 
hydrog33 hydrog ?    ? A G   14 N1    ? ? ? 1_555 D C   3  N3  ? ? A G   102 D C   112 1_555 ? ? ? ? ? ? WATSON-CRICK  ?     ? ? 
hydrog34 hydrog ?    ? A G   14 N2    ? ? ? 1_555 D C   3  O2  ? ? A G   102 D C   112 1_555 ? ? ? ? ? ? WATSON-CRICK  ?     ? ? 
hydrog35 hydrog ?    ? A G   14 O6    ? ? ? 1_555 D C   3  N4  ? ? A G   102 D C   112 1_555 ? ? ? ? ? ? WATSON-CRICK  ?     ? ? 
hydrog36 hydrog ?    ? A C   15 N3    ? ? ? 1_555 B G   2  N1  ? ? A C   103 B G   113 1_555 ? ? ? ? ? ? WATSON-CRICK  ?     ? ? 
hydrog37 hydrog ?    ? A C   15 N4    ? ? ? 1_555 B G   2  O6  ? ? A C   103 B G   113 1_555 ? ? ? ? ? ? WATSON-CRICK  ?     ? ? 
hydrog38 hydrog ?    ? A C   15 O2    ? ? ? 1_555 B G   2  N2  ? ? A C   103 B G   113 1_555 ? ? ? ? ? ? WATSON-CRICK  ?     ? ? 
hydrog39 hydrog ?    ? A C   15 N3    ? ? ? 1_555 D G   2  N1  ? ? A C   103 D G   113 1_555 ? ? ? ? ? ? WATSON-CRICK  ?     ? ? 
hydrog40 hydrog ?    ? A C   15 N4    ? ? ? 1_555 D G   2  O6  ? ? A C   103 D G   113 1_555 ? ? ? ? ? ? WATSON-CRICK  ?     ? ? 
hydrog41 hydrog ?    ? A C   15 O2    ? ? ? 1_555 D G   2  N2  ? ? A C   103 D G   113 1_555 ? ? ? ? ? ? WATSON-CRICK  ?     ? ? 
hydrog42 hydrog ?    ? B A   8  N6    ? ? ? 1_555 D U   19 O4  ? ? B A   151 D U   161 1_555 ? ? ? ? ? ? 'A-U PAIR'    ?     ? ? 
hydrog43 hydrog ?    ? B C   9  N4    ? ? ? 1_555 B G   18 O6  ? ? B C   152 B G   162 1_555 ? ? ? ? ? ? 'C-G PAIR'    ?     ? ? 
hydrog44 hydrog ?    ? B C   9  N4    ? ? ? 1_555 D G   18 O6  ? ? B C   152 D G   162 1_555 ? ? ? ? ? ? 'C-G PAIR'    ?     ? ? 
hydrog45 hydrog ?    ? B U   10 N3    ? ? ? 1_555 B A   17 N1  ? ? B U   153 B A   163 1_555 ? ? ? ? ? ? WATSON-CRICK  ?     ? ? 
hydrog46 hydrog ?    ? B U   10 O4    ? ? ? 1_555 B A   17 N6  ? ? B U   153 B A   163 1_555 ? ? ? ? ? ? WATSON-CRICK  ?     ? ? 
hydrog47 hydrog ?    ? B U   10 N3    ? ? ? 1_555 D A   17 N1  ? ? B U   153 D A   163 1_555 ? ? ? ? ? ? WATSON-CRICK  ?     ? ? 
hydrog48 hydrog ?    ? B U   10 O4    ? ? ? 1_555 D A   17 N6  ? ? B U   153 D A   163 1_555 ? ? ? ? ? ? WATSON-CRICK  ?     ? ? 
hydrog49 hydrog ?    ? B C   11 N3    ? ? ? 1_555 B G   16 N1  ? ? B C   154 B G   164 1_555 ? ? ? ? ? ? WATSON-CRICK  ?     ? ? 
hydrog50 hydrog ?    ? B C   11 N4    ? ? ? 1_555 B G   16 O6  ? ? B C   154 B G   164 1_555 ? ? ? ? ? ? WATSON-CRICK  ?     ? ? 
hydrog51 hydrog ?    ? B C   11 O2    ? ? ? 1_555 B G   16 N2  ? ? B C   154 B G   164 1_555 ? ? ? ? ? ? WATSON-CRICK  ?     ? ? 
hydrog52 hydrog ?    ? B C   11 N3    ? ? ? 1_555 D G   16 N1  ? ? B C   154 D G   164 1_555 ? ? ? ? ? ? WATSON-CRICK  ?     ? ? 
hydrog53 hydrog ?    ? B C   11 N4    ? ? ? 1_555 D G   16 O6  ? ? B C   154 D G   164 1_555 ? ? ? ? ? ? WATSON-CRICK  ?     ? ? 
hydrog54 hydrog ?    ? B C   11 O2    ? ? ? 1_555 D G   16 N2  ? ? B C   154 D G   164 1_555 ? ? ? ? ? ? WATSON-CRICK  ?     ? ? 
hydrog55 hydrog ?    ? B G   12 N2    ? L ? 1_555 B A   15 N7  ? L B G   31  B A   34  1_555 ? ? ? ? ? ? 'G-A MISPAIR' ?     ? ? 
hydrog56 hydrog ?    ? B G   12 N2    ? L ? 1_555 D A   15 N7  ? L B G   31  D A   34  1_555 ? ? ? ? ? ? 'G-A MISPAIR' ?     ? ? 
hydrog57 hydrog ?    ? B A   15 N7    ? L ? 1_555 D G   12 N2  ? L B A   34  D G   31  1_555 ? ? ? ? ? ? 'A-G MISPAIR' ?     ? ? 
hydrog58 hydrog ?    ? B G   16 N1    ? ? ? 1_555 D C   11 N3  ? ? B G   164 D C   154 1_555 ? ? ? ? ? ? WATSON-CRICK  ?     ? ? 
hydrog59 hydrog ?    ? B G   16 N2    ? ? ? 1_555 D C   11 O2  ? ? B G   164 D C   154 1_555 ? ? ? ? ? ? WATSON-CRICK  ?     ? ? 
hydrog60 hydrog ?    ? B G   16 O6    ? ? ? 1_555 D C   11 N4  ? ? B G   164 D C   154 1_555 ? ? ? ? ? ? WATSON-CRICK  ?     ? ? 
hydrog61 hydrog ?    ? B A   17 N1    ? ? ? 1_555 D U   10 N3  ? ? B A   163 D U   153 1_555 ? ? ? ? ? ? WATSON-CRICK  ?     ? ? 
hydrog62 hydrog ?    ? B A   17 N6    ? ? ? 1_555 D U   10 O4  ? ? B A   163 D U   153 1_555 ? ? ? ? ? ? WATSON-CRICK  ?     ? ? 
hydrog63 hydrog ?    ? B G   18 N2    ? ? ? 1_555 D C   9  N3  ? ? B G   162 D C   152 1_555 ? ? ? ? ? ? 'G-C PAIR'    ?     ? ? 
hydrog64 hydrog ?    ? D A   8  N6    ? ? ? 1_555 D U   19 O4  ? ? D A   151 D U   161 1_555 ? ? ? ? ? ? 'A-U PAIR'    ?     ? ? 
hydrog65 hydrog ?    ? D C   9  N4    ? ? ? 1_555 D G   18 O6  ? ? D C   152 D G   162 1_555 ? ? ? ? ? ? 'C-G PAIR'    ?     ? ? 
hydrog66 hydrog ?    ? D U   10 N3    ? ? ? 1_555 D A   17 N1  ? ? D U   153 D A   163 1_555 ? ? ? ? ? ? WATSON-CRICK  ?     ? ? 
hydrog67 hydrog ?    ? D U   10 O4    ? ? ? 1_555 D A   17 N6  ? ? D U   153 D A   163 1_555 ? ? ? ? ? ? WATSON-CRICK  ?     ? ? 
hydrog68 hydrog ?    ? D C   11 N3    ? ? ? 1_555 D G   16 N1  ? ? D C   154 D G   164 1_555 ? ? ? ? ? ? WATSON-CRICK  ?     ? ? 
hydrog69 hydrog ?    ? D C   11 N4    ? ? ? 1_555 D G   16 O6  ? ? D C   154 D G   164 1_555 ? ? ? ? ? ? WATSON-CRICK  ?     ? ? 
hydrog70 hydrog ?    ? D C   11 O2    ? ? ? 1_555 D G   16 N2  ? ? D C   154 D G   164 1_555 ? ? ? ? ? ? WATSON-CRICK  ?     ? ? 
hydrog71 hydrog ?    ? D G   12 N2    ? L ? 1_555 D A   15 N7  ? L D G   31  D A   34  1_555 ? ? ? ? ? ? 'G-A MISPAIR' ?     ? ? 
# 
loop_
_struct_conn_type.id 
_struct_conn_type.criteria 
_struct_conn_type.reference 
covale ? ? 
metalc ? ? 
hydrog ? ? 
# 
loop_
_pdbx_struct_conn_angle.id 
_pdbx_struct_conn_angle.ptnr1_label_atom_id 
_pdbx_struct_conn_angle.ptnr1_label_alt_id 
_pdbx_struct_conn_angle.ptnr1_label_asym_id 
_pdbx_struct_conn_angle.ptnr1_label_comp_id 
_pdbx_struct_conn_angle.ptnr1_label_seq_id 
_pdbx_struct_conn_angle.ptnr1_auth_atom_id 
_pdbx_struct_conn_angle.ptnr1_auth_asym_id 
_pdbx_struct_conn_angle.ptnr1_auth_comp_id 
_pdbx_struct_conn_angle.ptnr1_auth_seq_id 
_pdbx_struct_conn_angle.ptnr1_PDB_ins_code 
_pdbx_struct_conn_angle.ptnr1_symmetry 
_pdbx_struct_conn_angle.ptnr2_label_atom_id 
_pdbx_struct_conn_angle.ptnr2_label_alt_id 
_pdbx_struct_conn_angle.ptnr2_label_asym_id 
_pdbx_struct_conn_angle.ptnr2_label_comp_id 
_pdbx_struct_conn_angle.ptnr2_label_seq_id 
_pdbx_struct_conn_angle.ptnr2_auth_atom_id 
_pdbx_struct_conn_angle.ptnr2_auth_asym_id 
_pdbx_struct_conn_angle.ptnr2_auth_comp_id 
_pdbx_struct_conn_angle.ptnr2_auth_seq_id 
_pdbx_struct_conn_angle.ptnr2_PDB_ins_code 
_pdbx_struct_conn_angle.ptnr2_symmetry 
_pdbx_struct_conn_angle.ptnr3_label_atom_id 
_pdbx_struct_conn_angle.ptnr3_label_alt_id 
_pdbx_struct_conn_angle.ptnr3_label_asym_id 
_pdbx_struct_conn_angle.ptnr3_label_comp_id 
_pdbx_struct_conn_angle.ptnr3_label_seq_id 
_pdbx_struct_conn_angle.ptnr3_auth_atom_id 
_pdbx_struct_conn_angle.ptnr3_auth_asym_id 
_pdbx_struct_conn_angle.ptnr3_auth_comp_id 
_pdbx_struct_conn_angle.ptnr3_auth_seq_id 
_pdbx_struct_conn_angle.ptnr3_PDB_ins_code 
_pdbx_struct_conn_angle.ptnr3_symmetry 
_pdbx_struct_conn_angle.value 
_pdbx_struct_conn_angle.value_esd 
1  N7  ? A G 3  ? A G 23  ? 1_555 CD ? E CD . ? A CD 1 ? 1_555 O6 ? A G 3  ? A G 23  ? 1_555 70.0  ? 
2  N7  ? A G 8  ? A G 50  ? 1_555 CD ? F CD . ? A CD 2 ? 1_555 O6 ? A G 8  ? A G 50  ? 1_555 73.8  ? 
3  N7  ? A G 1  ? A G 25  ? 1_555 CD ? G CD . ? A CD 6 ? 1_555 O6 ? A G 1  ? A G 25  ? 1_555 73.7  ? 
4  OP2 ? A A 12 ? A A 90  ? 1_555 CD ? H CD . ? A CD 8 ? 1_555 N7 ? A G 13 ? A G 101 ? 1_555 84.6  ? 
5  OP2 ? A A 12 ? A A 90  ? 1_555 CD ? H CD . ? A CD 8 ? 1_555 O6 ? A G 13 ? A G 101 ? 1_555 123.5 ? 
6  N7  ? A G 13 ? A G 101 ? 1_555 CD ? H CD . ? A CD 8 ? 1_555 O6 ? A G 13 ? A G 101 ? 1_555 75.7  ? 
7  N7  ? B G 16 ? B G 164 ? 1_555 CD ? I CD . ? B CD 3 ? 1_555 O6 ? B G 16 ? B G 164 ? 1_555 70.5  ? 
8  N7  ? B G 16 ? B G 164 ? 1_555 CD ? I CD . ? B CD 3 ? 1_555 N7 ? D G 16 ? D G 164 ? 1_555 0.0   ? 
9  O6  ? B G 16 ? B G 164 ? 1_555 CD ? I CD . ? B CD 3 ? 1_555 N7 ? D G 16 ? D G 164 ? 1_555 70.5  ? 
10 N7  ? B G 16 ? B G 164 ? 1_555 CD ? I CD . ? B CD 3 ? 1_555 O6 ? D G 16 ? D G 164 ? 1_555 70.5  ? 
11 O6  ? B G 16 ? B G 164 ? 1_555 CD ? I CD . ? B CD 3 ? 1_555 O6 ? D G 16 ? D G 164 ? 1_555 0.0   ? 
12 N7  ? D G 16 ? D G 164 ? 1_555 CD ? I CD . ? B CD 3 ? 1_555 O6 ? D G 16 ? D G 164 ? 1_555 70.5  ? 
13 N7  ? B G 1  ? B G 114 ? 1_555 CD ? J CD . ? B CD 4 ? 1_555 O6 ? B G 1  ? B G 114 ? 1_555 76.2  ? 
14 N7  ? B G 1  ? B G 114 ? 1_555 CD ? J CD . ? B CD 4 ? 1_555 N7 ? D G 1  ? D G 114 ? 1_555 0.0   ? 
15 O6  ? B G 1  ? B G 114 ? 1_555 CD ? J CD . ? B CD 4 ? 1_555 N7 ? D G 1  ? D G 114 ? 1_555 76.2  ? 
16 N7  ? B G 1  ? B G 114 ? 1_555 CD ? J CD . ? B CD 4 ? 1_555 O6 ? D G 1  ? D G 114 ? 1_555 76.2  ? 
17 O6  ? B G 1  ? B G 114 ? 1_555 CD ? J CD . ? B CD 4 ? 1_555 O6 ? D G 1  ? D G 114 ? 1_555 0.0   ? 
18 N7  ? D G 1  ? D G 114 ? 1_555 CD ? J CD . ? B CD 4 ? 1_555 O6 ? D G 1  ? D G 114 ? 1_555 76.2  ? 
19 O6  ? B G 5  ? B G 120 ? 1_555 CD ? K CD . ? B CD 5 ? 1_555 N7 ? B G 5  ? B G 120 ? 1_555 68.8  ? 
20 O6  ? B G 5  ? B G 120 ? 1_555 CD ? K CD . ? B CD 5 ? 1_555 O6 ? D G 5  ? D G 120 ? 1_555 0.0   ? 
21 N7  ? B G 5  ? B G 120 ? 1_555 CD ? K CD . ? B CD 5 ? 1_555 O6 ? D G 5  ? D G 120 ? 1_555 68.8  ? 
22 O6  ? B G 5  ? B G 120 ? 1_555 CD ? K CD . ? B CD 5 ? 1_555 N7 ? D G 5  ? D G 120 ? 1_555 68.8  ? 
23 N7  ? B G 5  ? B G 120 ? 1_555 CD ? K CD . ? B CD 5 ? 1_555 N7 ? D G 5  ? D G 120 ? 1_555 0.0   ? 
24 O6  ? D G 5  ? D G 120 ? 1_555 CD ? K CD . ? B CD 5 ? 1_555 N7 ? D G 5  ? D G 120 ? 1_555 68.8  ? 
25 N7  ? B G 18 ? B G 162 ? 1_555 CD ? L CD . ? B CD 7 ? 1_555 O6 ? B G 18 ? B G 162 ? 1_555 73.1  ? 
26 N7  ? B G 18 ? B G 162 ? 1_555 CD ? L CD . ? B CD 7 ? 1_555 N7 ? D G 18 ? D G 162 ? 1_555 0.0   ? 
27 O6  ? B G 18 ? B G 162 ? 1_555 CD ? L CD . ? B CD 7 ? 1_555 N7 ? D G 18 ? D G 162 ? 1_555 73.1  ? 
28 N7  ? B G 18 ? B G 162 ? 1_555 CD ? L CD . ? B CD 7 ? 1_555 O6 ? D G 18 ? D G 162 ? 1_555 73.1  ? 
29 O6  ? B G 18 ? B G 162 ? 1_555 CD ? L CD . ? B CD 7 ? 1_555 O6 ? D G 18 ? D G 162 ? 1_555 0.0   ? 
30 N7  ? D G 18 ? D G 162 ? 1_555 CD ? L CD . ? B CD 7 ? 1_555 O6 ? D G 18 ? D G 162 ? 1_555 73.1  ? 
# 
loop_
_struct_site.id 
_struct_site.pdbx_evidence_code 
_struct_site.pdbx_auth_asym_id 
_struct_site.pdbx_auth_comp_id 
_struct_site.pdbx_auth_seq_id 
_struct_site.pdbx_auth_ins_code 
_struct_site.pdbx_num_residues 
_struct_site.details 
AC1 Software A CD 1 ? 1 'BINDING SITE FOR RESIDUE CD A 1' 
AC2 Software A CD 2 ? 1 'BINDING SITE FOR RESIDUE CD A 2' 
AC3 Software B CD 3 ? 2 'BINDING SITE FOR RESIDUE CD B 3' 
AC4 Software B CD 4 ? 2 'BINDING SITE FOR RESIDUE CD B 4' 
AC5 Software B CD 5 ? 2 'BINDING SITE FOR RESIDUE CD B 5' 
AC6 Software A CD 6 ? 1 'BINDING SITE FOR RESIDUE CD A 6' 
AC7 Software B CD 7 ? 2 'BINDING SITE FOR RESIDUE CD B 7' 
AC8 Software A CD 8 ? 2 'BINDING SITE FOR RESIDUE CD A 8' 
# 
loop_
_struct_site_gen.id 
_struct_site_gen.site_id 
_struct_site_gen.pdbx_num_res 
_struct_site_gen.label_comp_id 
_struct_site_gen.label_asym_id 
_struct_site_gen.label_seq_id 
_struct_site_gen.pdbx_auth_ins_code 
_struct_site_gen.auth_comp_id 
_struct_site_gen.auth_asym_id 
_struct_site_gen.auth_seq_id 
_struct_site_gen.label_atom_id 
_struct_site_gen.label_alt_id 
_struct_site_gen.symmetry 
_struct_site_gen.details 
1  AC1 1 G A 3  ? G A 23  . ? 1_555 ? 
2  AC2 1 G A 8  ? G A 50  . ? 1_555 ? 
3  AC3 2 G B 16 ? G B 164 . ? 1_555 ? 
4  AC3 2 G D 16 ? G D 164 . ? 1_555 ? 
5  AC4 2 G B 1  ? G B 114 . ? 1_555 ? 
6  AC4 2 G D 1  ? G D 114 . ? 1_555 ? 
7  AC5 2 G B 5  ? G B 120 . ? 1_555 ? 
8  AC5 2 G D 5  ? G D 120 . ? 1_555 ? 
9  AC6 1 G A 1  ? G A 25  . ? 1_555 ? 
10 AC7 2 G B 18 ? G B 162 . ? 1_555 ? 
11 AC7 2 G D 18 ? G D 162 . ? 1_555 ? 
12 AC8 2 A A 12 ? A A 90  . ? 1_555 ? 
13 AC8 2 G A 13 ? G A 101 . ? 1_555 ? 
# 
loop_
_pdbx_validate_rmsd_bond.id 
_pdbx_validate_rmsd_bond.PDB_model_num 
_pdbx_validate_rmsd_bond.auth_atom_id_1 
_pdbx_validate_rmsd_bond.auth_asym_id_1 
_pdbx_validate_rmsd_bond.auth_comp_id_1 
_pdbx_validate_rmsd_bond.auth_seq_id_1 
_pdbx_validate_rmsd_bond.PDB_ins_code_1 
_pdbx_validate_rmsd_bond.label_alt_id_1 
_pdbx_validate_rmsd_bond.auth_atom_id_2 
_pdbx_validate_rmsd_bond.auth_asym_id_2 
_pdbx_validate_rmsd_bond.auth_comp_id_2 
_pdbx_validate_rmsd_bond.auth_seq_id_2 
_pdbx_validate_rmsd_bond.PDB_ins_code_2 
_pdbx_validate_rmsd_bond.label_alt_id_2 
_pdbx_validate_rmsd_bond.bond_value 
_pdbx_validate_rmsd_bond.bond_target_value 
_pdbx_validate_rmsd_bond.bond_deviation 
_pdbx_validate_rmsd_bond.bond_standard_deviation 
_pdbx_validate_rmsd_bond.linker_flag 
1 1 C5 B G 164 ? ? C6 B G 164 ? ? 1.351 1.419 -0.068 0.010 N 
2 1 C5 D G 164 ? ? C6 D G 164 ? ? 1.351 1.419 -0.068 0.010 N 
# 
loop_
_pdbx_validate_rmsd_angle.id 
_pdbx_validate_rmsd_angle.PDB_model_num 
_pdbx_validate_rmsd_angle.auth_atom_id_1 
_pdbx_validate_rmsd_angle.auth_asym_id_1 
_pdbx_validate_rmsd_angle.auth_comp_id_1 
_pdbx_validate_rmsd_angle.auth_seq_id_1 
_pdbx_validate_rmsd_angle.PDB_ins_code_1 
_pdbx_validate_rmsd_angle.label_alt_id_1 
_pdbx_validate_rmsd_angle.auth_atom_id_2 
_pdbx_validate_rmsd_angle.auth_asym_id_2 
_pdbx_validate_rmsd_angle.auth_comp_id_2 
_pdbx_validate_rmsd_angle.auth_seq_id_2 
_pdbx_validate_rmsd_angle.PDB_ins_code_2 
_pdbx_validate_rmsd_angle.label_alt_id_2 
_pdbx_validate_rmsd_angle.auth_atom_id_3 
_pdbx_validate_rmsd_angle.auth_asym_id_3 
_pdbx_validate_rmsd_angle.auth_comp_id_3 
_pdbx_validate_rmsd_angle.auth_seq_id_3 
_pdbx_validate_rmsd_angle.PDB_ins_code_3 
_pdbx_validate_rmsd_angle.label_alt_id_3 
_pdbx_validate_rmsd_angle.angle_value 
_pdbx_validate_rmsd_angle.angle_target_value 
_pdbx_validate_rmsd_angle.angle_deviation 
_pdbx_validate_rmsd_angle.angle_standard_deviation 
_pdbx_validate_rmsd_angle.linker_flag 
1 1 N9    A A 90  ? ? "C1'" A A 90  ? ? "C2'" A A 90  ? ? 104.33 112.00 -7.67 1.10 N 
2 1 N1    B C 112 ? ? "C1'" B C 112 ? ? "C2'" B C 112 ? ? 103.66 112.00 -8.34 1.10 N 
3 1 N9    B A 140 ? ? "C1'" B A 140 ? ? "C2'" B A 140 ? ? 104.18 112.00 -7.82 1.10 N 
4 1 "C2'" C C 15  ? ? "C3'" C C 15  ? ? "O3'" C C 15  ? ? 125.44 113.70 11.74 1.60 N 
5 1 N1    D C 112 ? ? "C1'" D C 112 ? ? "C2'" D C 112 ? ? 103.66 112.00 -8.34 1.10 N 
6 1 N9    D A 140 ? ? "C1'" D A 140 ? ? "C2'" D A 140 ? ? 104.18 112.00 -7.82 1.10 N 
7 1 "C2'" D C 15  ? ? "C3'" D C 15  ? ? "O3'" D C 15  ? ? 125.44 113.70 11.74 1.60 N 
# 
loop_
_pdbx_validate_planes.id 
_pdbx_validate_planes.PDB_model_num 
_pdbx_validate_planes.auth_comp_id 
_pdbx_validate_planes.auth_asym_id 
_pdbx_validate_planes.auth_seq_id 
_pdbx_validate_planes.PDB_ins_code 
_pdbx_validate_planes.label_alt_id 
_pdbx_validate_planes.rmsd 
_pdbx_validate_planes.type 
1 1 A B 140 ? ? 0.061 'SIDE CHAIN' 
2 1 A B 33  L ? 0.068 'SIDE CHAIN' 
3 1 U B 161 ? ? 0.071 'SIDE CHAIN' 
4 1 A C 14  ? ? 0.069 'SIDE CHAIN' 
5 1 A D 140 ? ? 0.061 'SIDE CHAIN' 
6 1 A D 33  L ? 0.068 'SIDE CHAIN' 
7 1 U D 161 ? ? 0.093 'SIDE CHAIN' 
8 1 A D 14  ? ? 0.069 'SIDE CHAIN' 
# 
_pdbx_struct_mod_residue.id               1 
_pdbx_struct_mod_residue.label_asym_id    B 
_pdbx_struct_mod_residue.label_comp_id    CCC 
_pdbx_struct_mod_residue.label_seq_id     20 
_pdbx_struct_mod_residue.auth_asym_id     B 
_pdbx_struct_mod_residue.auth_comp_id     CCC 
_pdbx_struct_mod_residue.auth_seq_id      170 
_pdbx_struct_mod_residue.PDB_ins_code     ? 
_pdbx_struct_mod_residue.parent_comp_id   C 
_pdbx_struct_mod_residue.details          ? 
# 
loop_
_chem_comp_atom.comp_id 
_chem_comp_atom.atom_id 
_chem_comp_atom.type_symbol 
_chem_comp_atom.pdbx_aromatic_flag 
_chem_comp_atom.pdbx_stereo_config 
_chem_comp_atom.pdbx_ordinal 
A   OP3    O  N N 1   
A   P      P  N N 2   
A   OP1    O  N N 3   
A   OP2    O  N N 4   
A   "O5'"  O  N N 5   
A   "C5'"  C  N N 6   
A   "C4'"  C  N R 7   
A   "O4'"  O  N N 8   
A   "C3'"  C  N S 9   
A   "O3'"  O  N N 10  
A   "C2'"  C  N R 11  
A   "O2'"  O  N N 12  
A   "C1'"  C  N R 13  
A   N9     N  Y N 14  
A   C8     C  Y N 15  
A   N7     N  Y N 16  
A   C5     C  Y N 17  
A   C6     C  Y N 18  
A   N6     N  N N 19  
A   N1     N  Y N 20  
A   C2     C  Y N 21  
A   N3     N  Y N 22  
A   C4     C  Y N 23  
A   HOP3   H  N N 24  
A   HOP2   H  N N 25  
A   "H5'"  H  N N 26  
A   "H5''" H  N N 27  
A   "H4'"  H  N N 28  
A   "H3'"  H  N N 29  
A   "HO3'" H  N N 30  
A   "H2'"  H  N N 31  
A   "HO2'" H  N N 32  
A   "H1'"  H  N N 33  
A   H8     H  N N 34  
A   H61    H  N N 35  
A   H62    H  N N 36  
A   H2     H  N N 37  
C   OP3    O  N N 38  
C   P      P  N N 39  
C   OP1    O  N N 40  
C   OP2    O  N N 41  
C   "O5'"  O  N N 42  
C   "C5'"  C  N N 43  
C   "C4'"  C  N R 44  
C   "O4'"  O  N N 45  
C   "C3'"  C  N S 46  
C   "O3'"  O  N N 47  
C   "C2'"  C  N R 48  
C   "O2'"  O  N N 49  
C   "C1'"  C  N R 50  
C   N1     N  N N 51  
C   C2     C  N N 52  
C   O2     O  N N 53  
C   N3     N  N N 54  
C   C4     C  N N 55  
C   N4     N  N N 56  
C   C5     C  N N 57  
C   C6     C  N N 58  
C   HOP3   H  N N 59  
C   HOP2   H  N N 60  
C   "H5'"  H  N N 61  
C   "H5''" H  N N 62  
C   "H4'"  H  N N 63  
C   "H3'"  H  N N 64  
C   "HO3'" H  N N 65  
C   "H2'"  H  N N 66  
C   "HO2'" H  N N 67  
C   "H1'"  H  N N 68  
C   H41    H  N N 69  
C   H42    H  N N 70  
C   H5     H  N N 71  
C   H6     H  N N 72  
CCC PC     P  N S 73  
CCC O1C    O  N N 74  
CCC O2C    O  N N 75  
CCC P      P  N N 76  
CCC OP1    O  N N 77  
CCC OP2    O  N N 78  
CCC OP3    O  N N 79  
CCC "O5'"  O  N N 80  
CCC "C5'"  C  N N 81  
CCC "C4'"  C  N R 82  
CCC "O4'"  O  N N 83  
CCC "C3'"  C  N R 84  
CCC "O3'"  O  N N 85  
CCC "C2'"  C  N R 86  
CCC "O2'"  O  N N 87  
CCC "C1'"  C  N R 88  
CCC N1     N  N N 89  
CCC C2     C  N N 90  
CCC O2     O  N N 91  
CCC N3     N  N N 92  
CCC C4     C  N N 93  
CCC N4     N  N N 94  
CCC C5     C  N N 95  
CCC C6     C  N N 96  
CCC HOC2   H  N N 97  
CCC HOP2   H  N N 98  
CCC HOP3   H  N N 99  
CCC "H5'"  H  N N 100 
CCC "H5''" H  N N 101 
CCC "H4'"  H  N N 102 
CCC "H3'"  H  N N 103 
CCC "H2'"  H  N N 104 
CCC "H1'"  H  N N 105 
CCC H41    H  N N 106 
CCC H42    H  N N 107 
CCC H5     H  N N 108 
CCC H6     H  N N 109 
CD  CD     CD N N 110 
G   OP3    O  N N 111 
G   P      P  N N 112 
G   OP1    O  N N 113 
G   OP2    O  N N 114 
G   "O5'"  O  N N 115 
G   "C5'"  C  N N 116 
G   "C4'"  C  N R 117 
G   "O4'"  O  N N 118 
G   "C3'"  C  N S 119 
G   "O3'"  O  N N 120 
G   "C2'"  C  N R 121 
G   "O2'"  O  N N 122 
G   "C1'"  C  N R 123 
G   N9     N  Y N 124 
G   C8     C  Y N 125 
G   N7     N  Y N 126 
G   C5     C  Y N 127 
G   C6     C  N N 128 
G   O6     O  N N 129 
G   N1     N  N N 130 
G   C2     C  N N 131 
G   N2     N  N N 132 
G   N3     N  N N 133 
G   C4     C  Y N 134 
G   HOP3   H  N N 135 
G   HOP2   H  N N 136 
G   "H5'"  H  N N 137 
G   "H5''" H  N N 138 
G   "H4'"  H  N N 139 
G   "H3'"  H  N N 140 
G   "HO3'" H  N N 141 
G   "H2'"  H  N N 142 
G   "HO2'" H  N N 143 
G   "H1'"  H  N N 144 
G   H8     H  N N 145 
G   H1     H  N N 146 
G   H21    H  N N 147 
G   H22    H  N N 148 
U   OP3    O  N N 149 
U   P      P  N N 150 
U   OP1    O  N N 151 
U   OP2    O  N N 152 
U   "O5'"  O  N N 153 
U   "C5'"  C  N N 154 
U   "C4'"  C  N R 155 
U   "O4'"  O  N N 156 
U   "C3'"  C  N S 157 
U   "O3'"  O  N N 158 
U   "C2'"  C  N R 159 
U   "O2'"  O  N N 160 
U   "C1'"  C  N R 161 
U   N1     N  N N 162 
U   C2     C  N N 163 
U   O2     O  N N 164 
U   N3     N  N N 165 
U   C4     C  N N 166 
U   O4     O  N N 167 
U   C5     C  N N 168 
U   C6     C  N N 169 
U   HOP3   H  N N 170 
U   HOP2   H  N N 171 
U   "H5'"  H  N N 172 
U   "H5''" H  N N 173 
U   "H4'"  H  N N 174 
U   "H3'"  H  N N 175 
U   "HO3'" H  N N 176 
U   "H2'"  H  N N 177 
U   "HO2'" H  N N 178 
U   "H1'"  H  N N 179 
U   H3     H  N N 180 
U   H5     H  N N 181 
U   H6     H  N N 182 
# 
loop_
_chem_comp_bond.comp_id 
_chem_comp_bond.atom_id_1 
_chem_comp_bond.atom_id_2 
_chem_comp_bond.value_order 
_chem_comp_bond.pdbx_aromatic_flag 
_chem_comp_bond.pdbx_stereo_config 
_chem_comp_bond.pdbx_ordinal 
A   OP3   P      sing N N 1   
A   OP3   HOP3   sing N N 2   
A   P     OP1    doub N N 3   
A   P     OP2    sing N N 4   
A   P     "O5'"  sing N N 5   
A   OP2   HOP2   sing N N 6   
A   "O5'" "C5'"  sing N N 7   
A   "C5'" "C4'"  sing N N 8   
A   "C5'" "H5'"  sing N N 9   
A   "C5'" "H5''" sing N N 10  
A   "C4'" "O4'"  sing N N 11  
A   "C4'" "C3'"  sing N N 12  
A   "C4'" "H4'"  sing N N 13  
A   "O4'" "C1'"  sing N N 14  
A   "C3'" "O3'"  sing N N 15  
A   "C3'" "C2'"  sing N N 16  
A   "C3'" "H3'"  sing N N 17  
A   "O3'" "HO3'" sing N N 18  
A   "C2'" "O2'"  sing N N 19  
A   "C2'" "C1'"  sing N N 20  
A   "C2'" "H2'"  sing N N 21  
A   "O2'" "HO2'" sing N N 22  
A   "C1'" N9     sing N N 23  
A   "C1'" "H1'"  sing N N 24  
A   N9    C8     sing Y N 25  
A   N9    C4     sing Y N 26  
A   C8    N7     doub Y N 27  
A   C8    H8     sing N N 28  
A   N7    C5     sing Y N 29  
A   C5    C6     sing Y N 30  
A   C5    C4     doub Y N 31  
A   C6    N6     sing N N 32  
A   C6    N1     doub Y N 33  
A   N6    H61    sing N N 34  
A   N6    H62    sing N N 35  
A   N1    C2     sing Y N 36  
A   C2    N3     doub Y N 37  
A   C2    H2     sing N N 38  
A   N3    C4     sing Y N 39  
C   OP3   P      sing N N 40  
C   OP3   HOP3   sing N N 41  
C   P     OP1    doub N N 42  
C   P     OP2    sing N N 43  
C   P     "O5'"  sing N N 44  
C   OP2   HOP2   sing N N 45  
C   "O5'" "C5'"  sing N N 46  
C   "C5'" "C4'"  sing N N 47  
C   "C5'" "H5'"  sing N N 48  
C   "C5'" "H5''" sing N N 49  
C   "C4'" "O4'"  sing N N 50  
C   "C4'" "C3'"  sing N N 51  
C   "C4'" "H4'"  sing N N 52  
C   "O4'" "C1'"  sing N N 53  
C   "C3'" "O3'"  sing N N 54  
C   "C3'" "C2'"  sing N N 55  
C   "C3'" "H3'"  sing N N 56  
C   "O3'" "HO3'" sing N N 57  
C   "C2'" "O2'"  sing N N 58  
C   "C2'" "C1'"  sing N N 59  
C   "C2'" "H2'"  sing N N 60  
C   "O2'" "HO2'" sing N N 61  
C   "C1'" N1     sing N N 62  
C   "C1'" "H1'"  sing N N 63  
C   N1    C2     sing N N 64  
C   N1    C6     sing N N 65  
C   C2    O2     doub N N 66  
C   C2    N3     sing N N 67  
C   N3    C4     doub N N 68  
C   C4    N4     sing N N 69  
C   C4    C5     sing N N 70  
C   N4    H41    sing N N 71  
C   N4    H42    sing N N 72  
C   C5    C6     doub N N 73  
C   C5    H5     sing N N 74  
C   C6    H6     sing N N 75  
CCC PC    O1C    doub N N 76  
CCC PC    O2C    sing N N 77  
CCC PC    "O3'"  sing N N 78  
CCC PC    "O2'"  sing N N 79  
CCC O2C   HOC2   sing N N 80  
CCC P     OP1    doub N N 81  
CCC P     OP2    sing N N 82  
CCC P     OP3    sing N N 83  
CCC P     "O5'"  sing N N 84  
CCC OP2   HOP2   sing N N 85  
CCC OP3   HOP3   sing N N 86  
CCC "O5'" "C5'"  sing N N 87  
CCC "C5'" "C4'"  sing N N 88  
CCC "C5'" "H5'"  sing N N 89  
CCC "C5'" "H5''" sing N N 90  
CCC "C4'" "O4'"  sing N N 91  
CCC "C4'" "C3'"  sing N N 92  
CCC "C4'" "H4'"  sing N N 93  
CCC "O4'" "C1'"  sing N N 94  
CCC "C3'" "O3'"  sing N N 95  
CCC "C3'" "C2'"  sing N N 96  
CCC "C3'" "H3'"  sing N N 97  
CCC "C2'" "O2'"  sing N N 98  
CCC "C2'" "C1'"  sing N N 99  
CCC "C2'" "H2'"  sing N N 100 
CCC "C1'" N1     sing N N 101 
CCC "C1'" "H1'"  sing N N 102 
CCC N1    C2     sing N N 103 
CCC N1    C6     sing N N 104 
CCC C2    O2     doub N N 105 
CCC C2    N3     sing N N 106 
CCC N3    C4     doub N N 107 
CCC C4    N4     sing N N 108 
CCC C4    C5     sing N N 109 
CCC N4    H41    sing N N 110 
CCC N4    H42    sing N N 111 
CCC C5    C6     doub N N 112 
CCC C5    H5     sing N N 113 
CCC C6    H6     sing N N 114 
G   OP3   P      sing N N 115 
G   OP3   HOP3   sing N N 116 
G   P     OP1    doub N N 117 
G   P     OP2    sing N N 118 
G   P     "O5'"  sing N N 119 
G   OP2   HOP2   sing N N 120 
G   "O5'" "C5'"  sing N N 121 
G   "C5'" "C4'"  sing N N 122 
G   "C5'" "H5'"  sing N N 123 
G   "C5'" "H5''" sing N N 124 
G   "C4'" "O4'"  sing N N 125 
G   "C4'" "C3'"  sing N N 126 
G   "C4'" "H4'"  sing N N 127 
G   "O4'" "C1'"  sing N N 128 
G   "C3'" "O3'"  sing N N 129 
G   "C3'" "C2'"  sing N N 130 
G   "C3'" "H3'"  sing N N 131 
G   "O3'" "HO3'" sing N N 132 
G   "C2'" "O2'"  sing N N 133 
G   "C2'" "C1'"  sing N N 134 
G   "C2'" "H2'"  sing N N 135 
G   "O2'" "HO2'" sing N N 136 
G   "C1'" N9     sing N N 137 
G   "C1'" "H1'"  sing N N 138 
G   N9    C8     sing Y N 139 
G   N9    C4     sing Y N 140 
G   C8    N7     doub Y N 141 
G   C8    H8     sing N N 142 
G   N7    C5     sing Y N 143 
G   C5    C6     sing N N 144 
G   C5    C4     doub Y N 145 
G   C6    O6     doub N N 146 
G   C6    N1     sing N N 147 
G   N1    C2     sing N N 148 
G   N1    H1     sing N N 149 
G   C2    N2     sing N N 150 
G   C2    N3     doub N N 151 
G   N2    H21    sing N N 152 
G   N2    H22    sing N N 153 
G   N3    C4     sing N N 154 
U   OP3   P      sing N N 155 
U   OP3   HOP3   sing N N 156 
U   P     OP1    doub N N 157 
U   P     OP2    sing N N 158 
U   P     "O5'"  sing N N 159 
U   OP2   HOP2   sing N N 160 
U   "O5'" "C5'"  sing N N 161 
U   "C5'" "C4'"  sing N N 162 
U   "C5'" "H5'"  sing N N 163 
U   "C5'" "H5''" sing N N 164 
U   "C4'" "O4'"  sing N N 165 
U   "C4'" "C3'"  sing N N 166 
U   "C4'" "H4'"  sing N N 167 
U   "O4'" "C1'"  sing N N 168 
U   "C3'" "O3'"  sing N N 169 
U   "C3'" "C2'"  sing N N 170 
U   "C3'" "H3'"  sing N N 171 
U   "O3'" "HO3'" sing N N 172 
U   "C2'" "O2'"  sing N N 173 
U   "C2'" "C1'"  sing N N 174 
U   "C2'" "H2'"  sing N N 175 
U   "O2'" "HO2'" sing N N 176 
U   "C1'" N1     sing N N 177 
U   "C1'" "H1'"  sing N N 178 
U   N1    C2     sing N N 179 
U   N1    C6     sing N N 180 
U   C2    O2     doub N N 181 
U   C2    N3     sing N N 182 
U   N3    C4     sing N N 183 
U   N3    H3     sing N N 184 
U   C4    O4     doub N N 185 
U   C4    C5     sing N N 186 
U   C5    C6     doub N N 187 
U   C5    H5     sing N N 188 
U   C6    H6     sing N N 189 
# 
loop_
_ndb_struct_conf_na.entry_id 
_ndb_struct_conf_na.feature 
488D 'double helix'        
488D 'a-form double helix' 
488D 'triple helix'        
488D 'quadruple helix'     
# 
loop_
_ndb_struct_na_base_pair.model_number 
_ndb_struct_na_base_pair.i_label_asym_id 
_ndb_struct_na_base_pair.i_label_comp_id 
_ndb_struct_na_base_pair.i_label_seq_id 
_ndb_struct_na_base_pair.i_symmetry 
_ndb_struct_na_base_pair.j_label_asym_id 
_ndb_struct_na_base_pair.j_label_comp_id 
_ndb_struct_na_base_pair.j_label_seq_id 
_ndb_struct_na_base_pair.j_symmetry 
_ndb_struct_na_base_pair.shear 
_ndb_struct_na_base_pair.stretch 
_ndb_struct_na_base_pair.stagger 
_ndb_struct_na_base_pair.buckle 
_ndb_struct_na_base_pair.propeller 
_ndb_struct_na_base_pair.opening 
_ndb_struct_na_base_pair.pair_number 
_ndb_struct_na_base_pair.pair_name 
_ndb_struct_na_base_pair.i_auth_asym_id 
_ndb_struct_na_base_pair.i_auth_seq_id 
_ndb_struct_na_base_pair.i_PDB_ins_code 
_ndb_struct_na_base_pair.j_auth_asym_id 
_ndb_struct_na_base_pair.j_auth_seq_id 
_ndb_struct_na_base_pair.j_PDB_ins_code 
_ndb_struct_na_base_pair.hbond_type_28 
_ndb_struct_na_base_pair.hbond_type_12 
1 A G 1  1_555 D A 24 1_555 1.393  1.934  -2.439 0.503  -30.179 -46.093 1  A_G25:A14_D   A 25  ? D 14  ? ?  ? 
1 A U 2  1_555 C A 4  1_555 0.652  0.011  0.302  -1.742 -16.912 0.390   2  A_U24:A14_C   A 24  ? C 14  ? 20 1 
1 A G 3  1_555 C C 3  1_555 1.079  -0.182 0.063  1.395  -3.863  -9.476  3  A_G23:C13_C   A 23  ? C 13  ? 19 1 
1 A G 4  1_555 C C 2  1_555 0.185  -0.510 0.221  0.402  -21.893 1.027   4  A_G22:C12_C   A 22  ? C 12  ? 19 1 
1 A U 5  1_555 C A 1  1_555 -0.912 -0.437 -0.766 10.537 -1.715  7.673   5  A_U21:A11_C   A 21  ? C 11  ? 20 1 
1 A C 6  1_555 D C 20 1_555 2.770  -1.689 0.593  18.829 -8.756  -5.431  6  A_C30:C170_D  A 30  ? D 170 ? ?  ? 
1 A G 13 1_555 B C 4  1_555 0.916  0.350  0.227  -1.586 -19.485 0.288   7  A_G101:C111_B A 101 ? B 111 ? 19 1 
1 A G 14 1_555 B C 3  1_555 -0.172 -0.770 0.301  1.269  -23.833 -2.095  8  A_G102:C112_B A 102 ? B 112 ? 19 1 
1 A C 15 1_555 B G 2  1_555 -0.602 -0.093 0.498  -1.136 -18.456 -14.483 9  A_C103:G113_B A 103 ? B 113 ? 19 1 
1 B A 8  1_555 D U 19 1_555 0.599  1.463  0.939  16.600 -16.618 35.800  10 B_A151:U161_D B 151 ? D 161 ? ?  ? 
# 
loop_
_ndb_struct_na_base_pair_step.model_number 
_ndb_struct_na_base_pair_step.i_label_asym_id_1 
_ndb_struct_na_base_pair_step.i_label_comp_id_1 
_ndb_struct_na_base_pair_step.i_label_seq_id_1 
_ndb_struct_na_base_pair_step.i_symmetry_1 
_ndb_struct_na_base_pair_step.j_label_asym_id_1 
_ndb_struct_na_base_pair_step.j_label_comp_id_1 
_ndb_struct_na_base_pair_step.j_label_seq_id_1 
_ndb_struct_na_base_pair_step.j_symmetry_1 
_ndb_struct_na_base_pair_step.i_label_asym_id_2 
_ndb_struct_na_base_pair_step.i_label_comp_id_2 
_ndb_struct_na_base_pair_step.i_label_seq_id_2 
_ndb_struct_na_base_pair_step.i_symmetry_2 
_ndb_struct_na_base_pair_step.j_label_asym_id_2 
_ndb_struct_na_base_pair_step.j_label_comp_id_2 
_ndb_struct_na_base_pair_step.j_label_seq_id_2 
_ndb_struct_na_base_pair_step.j_symmetry_2 
_ndb_struct_na_base_pair_step.shift 
_ndb_struct_na_base_pair_step.slide 
_ndb_struct_na_base_pair_step.rise 
_ndb_struct_na_base_pair_step.tilt 
_ndb_struct_na_base_pair_step.roll 
_ndb_struct_na_base_pair_step.twist 
_ndb_struct_na_base_pair_step.x_displacement 
_ndb_struct_na_base_pair_step.y_displacement 
_ndb_struct_na_base_pair_step.helical_rise 
_ndb_struct_na_base_pair_step.inclination 
_ndb_struct_na_base_pair_step.tip 
_ndb_struct_na_base_pair_step.helical_twist 
_ndb_struct_na_base_pair_step.step_number 
_ndb_struct_na_base_pair_step.step_name 
_ndb_struct_na_base_pair_step.i_auth_asym_id_1 
_ndb_struct_na_base_pair_step.i_auth_seq_id_1 
_ndb_struct_na_base_pair_step.i_PDB_ins_code_1 
_ndb_struct_na_base_pair_step.j_auth_asym_id_1 
_ndb_struct_na_base_pair_step.j_auth_seq_id_1 
_ndb_struct_na_base_pair_step.j_PDB_ins_code_1 
_ndb_struct_na_base_pair_step.i_auth_asym_id_2 
_ndb_struct_na_base_pair_step.i_auth_seq_id_2 
_ndb_struct_na_base_pair_step.i_PDB_ins_code_2 
_ndb_struct_na_base_pair_step.j_auth_asym_id_2 
_ndb_struct_na_base_pair_step.j_auth_seq_id_2 
_ndb_struct_na_base_pair_step.j_PDB_ins_code_2 
1 A G 1  1_555 D A 24 1_555 A U 2  1_555 C A 4  1_555 -0.616 -0.705 1.329 3.622   6.374  22.926 -2.438 1.901  0.992 15.535  -8.827 
24.054 1 AA_G25U24:A14A14_CD     A 25  ? D 14  ? A 24  ? C 14  ? 
1 A U 2  1_555 C A 4  1_555 A G 3  1_555 C C 3  1_555 -0.214 -1.012 3.183 0.926   2.450  33.821 -2.113 0.510  3.098 4.203   -1.589 
33.919 2 AA_U24G23:C13A14_CC     A 24  ? C 14  ? A 23  ? C 13  ? 
1 A G 3  1_555 C C 3  1_555 A G 4  1_555 C C 2  1_555 0.874  -2.530 3.004 3.692   6.359  22.591 -7.904 -1.106 2.326 15.708  -9.118 
23.743 3 AA_G23G22:C12C13_CC     A 23  ? C 13  ? A 22  ? C 12  ? 
1 A G 4  1_555 C C 2  1_555 A U 5  1_555 C A 1  1_555 0.218  -2.115 3.233 6.034   -5.748 22.405 -3.090 1.594  3.592 -14.177 
-14.883 23.886 4 AA_G22U21:A11C12_CC     A 22  ? C 12  ? A 21  ? C 11  ? 
1 A U 5  1_555 C A 1  1_555 A C 6  1_555 D C 20 1_555 0.433  -1.209 2.857 -11.128 7.321  47.433 -1.912 -1.219 2.500 8.897   13.525 
49.163 5 AA_U21C30:C170A11_DC    A 21  ? C 11  ? A 30  ? D 170 ? 
1 A G 13 1_555 B C 4  1_555 A G 14 1_555 B C 3  1_555 0.132  -2.569 2.774 0.740   8.902  26.641 -6.814 -0.145 1.838 18.664  -1.552 
28.074 6 AA_G101G102:C112C111_BB A 101 ? B 111 ? A 102 ? B 112 ? 
1 A G 14 1_555 B C 3  1_555 A C 15 1_555 B G 2  1_555 -0.445 -1.435 3.249 -1.944  4.521  22.333 -5.161 0.460  2.932 11.494  4.941 
22.862 7 AA_G102C103:G113C112_BB A 102 ? B 112 ? A 103 ? B 113 ? 
# 
_atom_sites.entry_id                    488D 
_atom_sites.fract_transf_matrix[1][1]   0.00242500 
_atom_sites.fract_transf_matrix[1][2]   0.01490785 
_atom_sites.fract_transf_matrix[1][3]   0.00908916 
_atom_sites.fract_transf_matrix[2][1]   -0.00792188 
_atom_sites.fract_transf_matrix[2][2]   0.00220417 
_atom_sites.fract_transf_matrix[2][3]   0.01559268 
_atom_sites.fract_transf_matrix[3][1]   0.00578352 
_atom_sites.fract_transf_matrix[3][2]   -0.00298994 
_atom_sites.fract_transf_matrix[3][3]   0.00336098 
_atom_sites.fract_transf_vector[1]      0.425144 
_atom_sites.fract_transf_vector[2]      0.005450 
_atom_sites.fract_transf_vector[3]      0.195651 
# 
loop_
_atom_type.symbol 
C  
CD 
N  
O  
P  
# 
loop_
_atom_site.group_PDB 
_atom_site.id 
_atom_site.type_symbol 
_atom_site.label_atom_id 
_atom_site.label_alt_id 
_atom_site.label_comp_id 
_atom_site.label_asym_id 
_atom_site.label_entity_id 
_atom_site.label_seq_id 
_atom_site.pdbx_PDB_ins_code 
_atom_site.Cartn_x 
_atom_site.Cartn_y 
_atom_site.Cartn_z 
_atom_site.occupancy 
_atom_site.B_iso_or_equiv 
_atom_site.pdbx_formal_charge 
_atom_site.auth_seq_id 
_atom_site.auth_comp_id 
_atom_site.auth_asym_id 
_atom_site.auth_atom_id 
_atom_site.pdbx_PDB_model_num 
ATOM   1    O  "O5'" . G   A 1 1  ? 8.712   -8.814  8.532   1.00 38.71 ? 25  G   A "O5'" 1 
ATOM   2    C  "C5'" . G   A 1 1  ? 9.677   -9.710  7.941   1.00 45.23 ? 25  G   A "C5'" 1 
ATOM   3    C  "C4'" . G   A 1 1  ? 10.566  -10.506 8.890   1.00 45.04 ? 25  G   A "C4'" 1 
ATOM   4    O  "O4'" . G   A 1 1  ? 11.278  -9.582  9.766   1.00 45.13 ? 25  G   A "O4'" 1 
ATOM   5    C  "C3'" . G   A 1 1  ? 9.874   -11.503 9.828   1.00 43.07 ? 25  G   A "C3'" 1 
ATOM   6    O  "O3'" . G   A 1 1  ? 9.599   -12.786 9.256   1.00 39.34 ? 25  G   A "O3'" 1 
ATOM   7    C  "C2'" . G   A 1 1  ? 10.804  -11.562 11.034  1.00 43.13 ? 25  G   A "C2'" 1 
ATOM   8    O  "O2'" . G   A 1 1  ? 11.840  -12.503 10.896  1.00 40.40 ? 25  G   A "O2'" 1 
ATOM   9    C  "C1'" . G   A 1 1  ? 11.341  -10.124 11.083  1.00 46.23 ? 25  G   A "C1'" 1 
ATOM   10   N  N9    . G   A 1 1  ? 10.544  -9.270  11.973  1.00 49.25 ? 25  G   A N9    1 
ATOM   11   C  C8    . G   A 1 1  ? 10.262  -7.928  11.823  1.00 45.26 ? 25  G   A C8    1 
ATOM   12   N  N7    . G   A 1 1  ? 9.532   -7.446  12.790  1.00 35.67 ? 25  G   A N7    1 
ATOM   13   C  C5    . G   A 1 1  ? 9.337   -8.517  13.645  1.00 41.92 ? 25  G   A C5    1 
ATOM   14   C  C6    . G   A 1 1  ? 8.660   -8.586  14.877  1.00 43.29 ? 25  G   A C6    1 
ATOM   15   O  O6    . G   A 1 1  ? 8.121   -7.679  15.501  1.00 44.77 ? 25  G   A O6    1 
ATOM   16   N  N1    . G   A 1 1  ? 8.644   -9.886  15.389  1.00 45.76 ? 25  G   A N1    1 
ATOM   17   C  C2    . G   A 1 1  ? 9.222   -10.986 14.791  1.00 47.17 ? 25  G   A C2    1 
ATOM   18   N  N2    . G   A 1 1  ? 9.037   -12.171 15.407  1.00 42.12 ? 25  G   A N2    1 
ATOM   19   N  N3    . G   A 1 1  ? 9.913   -10.924 13.659  1.00 47.28 ? 25  G   A N3    1 
ATOM   20   C  C4    . G   A 1 1  ? 9.924   -9.663  13.142  1.00 48.11 ? 25  G   A C4    1 
ATOM   21   P  P     . U   A 1 2  ? 8.354   -12.953 8.248   1.00 40.75 ? 24  U   A P     1 
ATOM   22   O  OP1   . U   A 1 2  ? 8.675   -13.927 7.182   1.00 41.05 ? 24  U   A OP1   1 
ATOM   23   O  OP2   . U   A 1 2  ? 7.911   -11.597 7.860   1.00 41.01 ? 24  U   A OP2   1 
ATOM   24   O  "O5'" . U   A 1 2  ? 7.235   -13.619 9.177   1.00 40.10 ? 24  U   A "O5'" 1 
ATOM   25   C  "C5'" . U   A 1 2  ? 7.151   -15.058 9.318   1.00 39.78 ? 24  U   A "C5'" 1 
ATOM   26   C  "C4'" . U   A 1 2  ? 6.584   -15.453 10.676  1.00 40.19 ? 24  U   A "C4'" 1 
ATOM   27   O  "O4'" . U   A 1 2  ? 7.318   -14.793 11.740  1.00 37.06 ? 24  U   A "O4'" 1 
ATOM   28   C  "C3'" . U   A 1 2  ? 5.139   -15.115 11.000  1.00 42.14 ? 24  U   A "C3'" 1 
ATOM   29   O  "O3'" . U   A 1 2  ? 4.199   -15.990 10.428  1.00 48.36 ? 24  U   A "O3'" 1 
ATOM   30   C  "C2'" . U   A 1 2  ? 5.085   -15.109 12.513  1.00 35.80 ? 24  U   A "C2'" 1 
ATOM   31   O  "O2'" . U   A 1 2  ? 4.890   -16.394 13.052  1.00 32.84 ? 24  U   A "O2'" 1 
ATOM   32   C  "C1'" . U   A 1 2  ? 6.457   -14.551 12.846  1.00 31.74 ? 24  U   A "C1'" 1 
ATOM   33   N  N1    . U   A 1 2  ? 6.368   -13.107 13.025  1.00 23.64 ? 24  U   A N1    1 
ATOM   34   C  C2    . U   A 1 2  ? 5.777   -12.642 14.152  1.00 24.08 ? 24  U   A C2    1 
ATOM   35   O  O2    . U   A 1 2  ? 5.265   -13.372 14.969  1.00 24.55 ? 24  U   A O2    1 
ATOM   36   N  N3    . U   A 1 2  ? 5.784   -11.283 14.285  1.00 24.20 ? 24  U   A N3    1 
ATOM   37   C  C4    . U   A 1 2  ? 6.299   -10.376 13.390  1.00 25.21 ? 24  U   A C4    1 
ATOM   38   O  O4    . U   A 1 2  ? 6.295   -9.182  13.662  1.00 33.27 ? 24  U   A O4    1 
ATOM   39   C  C5    . U   A 1 2  ? 6.858   -10.949 12.226  1.00 25.94 ? 24  U   A C5    1 
ATOM   40   C  C6    . U   A 1 2  ? 6.874   -12.264 12.092  1.00 25.40 ? 24  U   A C6    1 
ATOM   41   P  P     . G   A 1 3  ? 3.247   -15.425 9.273   1.00 53.34 ? 23  G   A P     1 
ATOM   42   O  OP1   . G   A 1 3  ? 2.916   -16.547 8.337   1.00 54.44 ? 23  G   A OP1   1 
ATOM   43   O  OP2   . G   A 1 3  ? 3.881   -14.177 8.738   1.00 51.66 ? 23  G   A OP2   1 
ATOM   44   O  "O5'" . G   A 1 3  ? 1.951   -14.970 10.097  1.00 52.14 ? 23  G   A "O5'" 1 
ATOM   45   C  "C5'" . G   A 1 3  ? 0.996   -15.947 10.577  1.00 49.71 ? 23  G   A "C5'" 1 
ATOM   46   C  "C4'" . G   A 1 3  ? 0.682   -15.732 12.046  1.00 45.10 ? 23  G   A "C4'" 1 
ATOM   47   O  "O4'" . G   A 1 3  ? 1.881   -15.280 12.720  1.00 40.29 ? 23  G   A "O4'" 1 
ATOM   48   C  "C3'" . G   A 1 3  ? -0.355  -14.684 12.440  1.00 43.90 ? 23  G   A "C3'" 1 
ATOM   49   O  "O3'" . G   A 1 3  ? -1.697  -15.115 12.308  1.00 45.64 ? 23  G   A "O3'" 1 
ATOM   50   C  "C2'" . G   A 1 3  ? 0.022   -14.343 13.869  1.00 37.75 ? 23  G   A "C2'" 1 
ATOM   51   O  "O2'" . G   A 1 3  ? -0.478  -15.278 14.799  1.00 33.41 ? 23  G   A "O2'" 1 
ATOM   52   C  "C1'" . G   A 1 3  ? 1.536   -14.401 13.773  1.00 35.26 ? 23  G   A "C1'" 1 
ATOM   53   N  N9    . G   A 1 3  ? 2.033   -13.087 13.417  1.00 29.98 ? 23  G   A N9    1 
ATOM   54   C  C8    . G   A 1 3  ? 2.742   -12.727 12.289  1.00 31.54 ? 23  G   A C8    1 
ATOM   55   N  N7    . G   A 1 3  ? 3.058   -11.456 12.267  1.00 35.05 ? 23  G   A N7    1 
ATOM   56   C  C5    . G   A 1 3  ? 2.527   -10.962 13.458  1.00 29.94 ? 23  G   A C5    1 
ATOM   57   C  C6    . G   A 1 3  ? 2.558   -9.663  13.994  1.00 30.11 ? 23  G   A C6    1 
ATOM   58   O  O6    . G   A 1 3  ? 3.083   -8.657  13.516  1.00 36.70 ? 23  G   A O6    1 
ATOM   59   N  N1    . G   A 1 3  ? 1.881   -9.593  15.205  1.00 27.27 ? 23  G   A N1    1 
ATOM   60   C  C2    . G   A 1 3  ? 1.246   -10.639 15.810  1.00 26.01 ? 23  G   A C2    1 
ATOM   61   N  N2    . G   A 1 3  ? 0.611   -10.336 16.946  1.00 28.05 ? 23  G   A N2    1 
ATOM   62   N  N3    . G   A 1 3  ? 1.224   -11.875 15.331  1.00 18.99 ? 23  G   A N3    1 
ATOM   63   C  C4    . G   A 1 3  ? 1.879   -11.959 14.161  1.00 26.26 ? 23  G   A C4    1 
ATOM   64   P  P     . G   A 1 4  ? -2.527  -14.674 11.011  1.00 45.18 ? 22  G   A P     1 
ATOM   65   O  OP1   . G   A 1 4  ? -3.311  -15.865 10.567  1.00 43.27 ? 22  G   A OP1   1 
ATOM   66   O  OP2   . G   A 1 4  ? -1.623  -13.960 10.034  1.00 41.29 ? 22  G   A OP2   1 
ATOM   67   O  "O5'" . G   A 1 4  ? -3.499  -13.576 11.627  1.00 41.81 ? 22  G   A "O5'" 1 
ATOM   68   C  "C5'" . G   A 1 4  ? -2.982  -12.338 12.126  1.00 35.66 ? 22  G   A "C5'" 1 
ATOM   69   C  "C4'" . G   A 1 4  ? -3.301  -12.183 13.590  1.00 35.18 ? 22  G   A "C4'" 1 
ATOM   70   O  "O4'" . G   A 1 4  ? -2.029  -12.031 14.250  1.00 34.31 ? 22  G   A "O4'" 1 
ATOM   71   C  "C3'" . G   A 1 4  ? -4.105  -10.933 13.968  1.00 41.30 ? 22  G   A "C3'" 1 
ATOM   72   O  "O3'" . G   A 1 4  ? -5.523  -11.120 14.105  1.00 44.28 ? 22  G   A "O3'" 1 
ATOM   73   C  "C2'" . G   A 1 4  ? -3.448  -10.452 15.245  1.00 39.24 ? 22  G   A "C2'" 1 
ATOM   74   O  "O2'" . G   A 1 4  ? -3.918  -11.155 16.374  1.00 45.71 ? 22  G   A "O2'" 1 
ATOM   75   C  "C1'" . G   A 1 4  ? -1.999  -10.810 14.958  1.00 35.87 ? 22  G   A "C1'" 1 
ATOM   76   N  N9    . G   A 1 4  ? -1.338  -9.834  14.099  1.00 29.13 ? 22  G   A N9    1 
ATOM   77   C  C8    . G   A 1 4  ? -0.852  -10.058 12.826  1.00 30.98 ? 22  G   A C8    1 
ATOM   78   N  N7    . G   A 1 4  ? -0.260  -9.016  12.309  1.00 27.62 ? 22  G   A N7    1 
ATOM   79   C  C5    . G   A 1 4  ? -0.368  -8.047  13.298  1.00 29.67 ? 22  G   A C5    1 
ATOM   80   C  C6    . G   A 1 4  ? 0.098   -6.726  13.314  1.00 32.08 ? 22  G   A C6    1 
ATOM   81   O  O6    . G   A 1 4  ? 0.762   -6.151  12.454  1.00 40.92 ? 22  G   A O6    1 
ATOM   82   N  N1    . G   A 1 4  ? -0.269  -6.061  14.478  1.00 25.30 ? 22  G   A N1    1 
ATOM   83   C  C2    . G   A 1 4  ? -0.985  -6.614  15.501  1.00 24.95 ? 22  G   A C2    1 
ATOM   84   N  N2    . G   A 1 4  ? -1.298  -5.782  16.495  1.00 15.99 ? 22  G   A N2    1 
ATOM   85   N  N3    . G   A 1 4  ? -1.383  -7.883  15.530  1.00 19.86 ? 22  G   A N3    1 
ATOM   86   C  C4    . G   A 1 4  ? -1.051  -8.531  14.399  1.00 25.92 ? 22  G   A C4    1 
ATOM   87   P  P     . U   A 1 5  ? -6.536  -10.441 13.044  1.00 45.71 ? 21  U   A P     1 
ATOM   88   O  OP1   . U   A 1 5  ? -7.835  -11.151 13.250  1.00 46.00 ? 21  U   A OP1   1 
ATOM   89   O  OP2   . U   A 1 5  ? -5.935  -10.405 11.674  1.00 42.45 ? 21  U   A OP2   1 
ATOM   90   O  "O5'" . U   A 1 5  ? -6.657  -8.940  13.592  1.00 37.08 ? 21  U   A "O5'" 1 
ATOM   91   C  "C5'" . U   A 1 5  ? -7.426  -8.669  14.771  1.00 33.38 ? 21  U   A "C5'" 1 
ATOM   92   C  "C4'" . U   A 1 5  ? -6.998  -7.373  15.424  1.00 32.56 ? 21  U   A "C4'" 1 
ATOM   93   O  "O4'" . U   A 1 5  ? -5.556  -7.320  15.440  1.00 30.65 ? 21  U   A "O4'" 1 
ATOM   94   C  "C3'" . U   A 1 5  ? -7.374  -6.023  14.813  1.00 33.51 ? 21  U   A "C3'" 1 
ATOM   95   O  "O3'" . U   A 1 5  ? -8.669  -5.554  15.108  1.00 34.33 ? 21  U   A "O3'" 1 
ATOM   96   C  "C2'" . U   A 1 5  ? -6.353  -5.066  15.397  1.00 31.24 ? 21  U   A "C2'" 1 
ATOM   97   O  "O2'" . U   A 1 5  ? -6.672  -4.522  16.652  1.00 32.49 ? 21  U   A "O2'" 1 
ATOM   98   C  "C1'" . U   A 1 5  ? -5.137  -5.961  15.507  1.00 30.72 ? 21  U   A "C1'" 1 
ATOM   99   N  N1    . U   A 1 5  ? -4.278  -5.654  14.369  1.00 29.06 ? 21  U   A N1    1 
ATOM   100  C  C2    . U   A 1 5  ? -3.578  -4.483  14.447  1.00 28.27 ? 21  U   A C2    1 
ATOM   101  O  O2    . U   A 1 5  ? -3.727  -3.693  15.354  1.00 29.77 ? 21  U   A O2    1 
ATOM   102  N  N3    . U   A 1 5  ? -2.727  -4.251  13.411  1.00 32.00 ? 21  U   A N3    1 
ATOM   103  C  C4    . U   A 1 5  ? -2.555  -5.034  12.298  1.00 39.46 ? 21  U   A C4    1 
ATOM   104  O  O4    . U   A 1 5  ? -1.757  -4.677  11.429  1.00 46.05 ? 21  U   A O4    1 
ATOM   105  C  C5    . U   A 1 5  ? -3.365  -6.219  12.266  1.00 38.55 ? 21  U   A C5    1 
ATOM   106  C  C6    . U   A 1 5  ? -4.174  -6.484  13.289  1.00 31.87 ? 21  U   A C6    1 
ATOM   107  P  P     . C   A 1 6  ? -9.758  -5.445  13.934  1.00 38.10 ? 30  C   A P     1 
ATOM   108  O  OP1   . C   A 1 6  ? -10.714 -4.440  14.470  1.00 42.52 ? 30  C   A OP1   1 
ATOM   109  O  OP2   . C   A 1 6  ? -10.248 -6.777  13.457  1.00 34.64 ? 30  C   A OP2   1 
ATOM   110  O  "O5'" . C   A 1 6  ? -8.987  -4.754  12.725  1.00 38.81 ? 30  C   A "O5'" 1 
ATOM   111  C  "C5'" . C   A 1 6  ? -9.354  -3.438  12.257  1.00 38.24 ? 30  C   A "C5'" 1 
ATOM   112  C  "C4'" . C   A 1 6  ? -8.740  -2.381  13.144  1.00 37.47 ? 30  C   A "C4'" 1 
ATOM   113  O  "O4'" . C   A 1 6  ? -7.575  -2.938  13.801  1.00 38.88 ? 30  C   A "O4'" 1 
ATOM   114  C  "C3'" . C   A 1 6  ? -8.244  -1.140  12.407  1.00 38.52 ? 30  C   A "C3'" 1 
ATOM   115  O  "O3'" . C   A 1 6  ? -9.193  -0.094  12.295  1.00 35.45 ? 30  C   A "O3'" 1 
ATOM   116  C  "C2'" . C   A 1 6  ? -7.017  -0.753  13.197  1.00 40.84 ? 30  C   A "C2'" 1 
ATOM   117  O  "O2'" . C   A 1 6  ? -7.388  -0.099  14.389  1.00 44.94 ? 30  C   A "O2'" 1 
ATOM   118  C  "C1'" . C   A 1 6  ? -6.444  -2.137  13.500  1.00 42.14 ? 30  C   A "C1'" 1 
ATOM   119  N  N1    . C   A 1 6  ? -5.789  -2.733  12.300  1.00 43.07 ? 30  C   A N1    1 
ATOM   120  C  C2    . C   A 1 6  ? -4.878  -1.967  11.534  1.00 39.77 ? 30  C   A C2    1 
ATOM   121  O  O2    . C   A 1 6  ? -4.631  -0.807  11.861  1.00 39.40 ? 30  C   A O2    1 
ATOM   122  N  N3    . C   A 1 6  ? -4.300  -2.522  10.447  1.00 39.45 ? 30  C   A N3    1 
ATOM   123  C  C4    . C   A 1 6  ? -4.598  -3.778  10.096  1.00 44.70 ? 30  C   A C4    1 
ATOM   124  N  N4    . C   A 1 6  ? -4.021  -4.279  8.995   1.00 48.33 ? 30  C   A N4    1 
ATOM   125  C  C5    . C   A 1 6  ? -5.507  -4.577  10.848  1.00 46.40 ? 30  C   A C5    1 
ATOM   126  C  C6    . C   A 1 6  ? -6.071  -4.021  11.934  1.00 46.20 ? 30  C   A C6    1 
ATOM   127  P  P     . U   A 1 7  ? -10.481 -0.292  11.355  1.00 35.69 ? 40  U   A P     1 
ATOM   128  O  OP1   . U   A 1 7  ? -11.637 0.050   12.206  1.00 36.91 ? 40  U   A OP1   1 
ATOM   129  O  OP2   . U   A 1 7  ? -10.447 -1.615  10.666  1.00 36.23 ? 40  U   A OP2   1 
ATOM   130  O  "O5'" . U   A 1 7  ? -10.279 0.812   10.226  1.00 33.21 ? 40  U   A "O5'" 1 
ATOM   131  C  "C5'" . U   A 1 7  ? -10.215 2.186   10.595  1.00 37.33 ? 40  U   A "C5'" 1 
ATOM   132  C  "C4'" . U   A 1 7  ? -8.976  2.846   10.041  1.00 38.37 ? 40  U   A "C4'" 1 
ATOM   133  O  "O4'" . U   A 1 7  ? -7.779  2.134   10.468  1.00 38.66 ? 40  U   A "O4'" 1 
ATOM   134  C  "C3'" . U   A 1 7  ? -8.779  2.971   8.536   1.00 38.27 ? 40  U   A "C3'" 1 
ATOM   135  O  "O3'" . U   A 1 7  ? -9.520  4.012   7.927   1.00 43.15 ? 40  U   A "O3'" 1 
ATOM   136  C  "C2'" . U   A 1 7  ? -7.300  3.287   8.467   1.00 36.73 ? 40  U   A "C2'" 1 
ATOM   137  O  "O2'" . U   A 1 7  ? -7.085  4.606   8.926   1.00 36.16 ? 40  U   A "O2'" 1 
ATOM   138  C  "C1'" . U   A 1 7  ? -6.753  2.318   9.499   1.00 36.33 ? 40  U   A "C1'" 1 
ATOM   139  N  N1    . U   A 1 7  ? -6.540  1.053   8.790   1.00 33.43 ? 40  U   A N1    1 
ATOM   140  C  C2    . U   A 1 7  ? -5.303  0.805   8.289   1.00 28.90 ? 40  U   A C2    1 
ATOM   141  O  O2    . U   A 1 7  ? -4.381  1.569   8.429   1.00 26.64 ? 40  U   A O2    1 
ATOM   142  N  N3    . U   A 1 7  ? -5.177  -0.377  7.616   1.00 25.09 ? 40  U   A N3    1 
ATOM   143  C  C4    . U   A 1 7  ? -6.148  -1.314  7.403   1.00 27.73 ? 40  U   A C4    1 
ATOM   144  O  O4    . U   A 1 7  ? -5.881  -2.350  6.789   1.00 31.78 ? 40  U   A O4    1 
ATOM   145  C  C5    . U   A 1 7  ? -7.404  -0.983  7.956   1.00 34.07 ? 40  U   A C5    1 
ATOM   146  C  C6    . U   A 1 7  ? -7.554  0.162   8.619   1.00 36.48 ? 40  U   A C6    1 
ATOM   147  P  P     . G   A 1 8  ? -11.055 3.774   7.529   1.00 46.95 ? 50  G   A P     1 
ATOM   148  O  OP1   . G   A 1 8  ? -11.641 5.136   7.706   1.00 48.13 ? 50  G   A OP1   1 
ATOM   149  O  OP2   . G   A 1 8  ? -11.642 2.594   8.226   1.00 47.50 ? 50  G   A OP2   1 
ATOM   150  O  "O5'" . G   A 1 8  ? -11.044 3.361   5.988   1.00 46.37 ? 50  G   A "O5'" 1 
ATOM   151  C  "C5'" . G   A 1 8  ? -9.937  2.642   5.415   1.00 43.48 ? 50  G   A "C5'" 1 
ATOM   152  C  "C4'" . G   A 1 8  ? -9.429  3.356   4.182   1.00 36.89 ? 50  G   A "C4'" 1 
ATOM   153  O  "O4'" . G   A 1 8  ? -9.754  4.752   4.270   1.00 35.46 ? 50  G   A "O4'" 1 
ATOM   154  C  "C3'" . G   A 1 8  ? -7.925  3.334   4.027   1.00 36.10 ? 50  G   A "C3'" 1 
ATOM   155  O  "O3'" . G   A 1 8  ? -7.541  2.158   3.392   1.00 35.50 ? 50  G   A "O3'" 1 
ATOM   156  C  "C2'" . G   A 1 8  ? -7.604  4.605   3.274   1.00 33.96 ? 50  G   A "C2'" 1 
ATOM   157  O  "O2'" . G   A 1 8  ? -7.779  4.410   1.888   1.00 32.15 ? 50  G   A "O2'" 1 
ATOM   158  C  "C1'" . G   A 1 8  ? -8.673  5.539   3.827   1.00 34.30 ? 50  G   A "C1'" 1 
ATOM   159  N  N9    . G   A 1 8  ? -8.285  6.400   4.942   1.00 38.02 ? 50  G   A N9    1 
ATOM   160  C  C8    . G   A 1 8  ? -9.007  6.631   6.105   1.00 37.60 ? 50  G   A C8    1 
ATOM   161  N  N7    . G   A 1 8  ? -8.453  7.523   6.881   1.00 38.90 ? 50  G   A N7    1 
ATOM   162  C  C5    . G   A 1 8  ? -7.287  7.884   6.208   1.00 41.68 ? 50  G   A C5    1 
ATOM   163  C  C6    . G   A 1 8  ? -6.271  8.808   6.556   1.00 46.85 ? 50  G   A C6    1 
ATOM   164  O  O6    . G   A 1 8  ? -6.185  9.521   7.571   1.00 53.27 ? 50  G   A O6    1 
ATOM   165  N  N1    . G   A 1 8  ? -5.270  8.856   5.592   1.00 46.69 ? 50  G   A N1    1 
ATOM   166  C  C2    . G   A 1 8  ? -5.238  8.105   4.445   1.00 44.68 ? 50  G   A C2    1 
ATOM   167  N  N2    . G   A 1 8  ? -4.176  8.292   3.651   1.00 48.98 ? 50  G   A N2    1 
ATOM   168  N  N3    . G   A 1 8  ? -6.172  7.236   4.105   1.00 39.74 ? 50  G   A N3    1 
ATOM   169  C  C4    . G   A 1 8  ? -7.160  7.180   5.021   1.00 39.71 ? 50  G   A C4    1 
ATOM   170  P  P     . A   A 1 9  ? -7.262  0.874   4.279   1.00 34.31 ? 60  A   A P     1 
ATOM   171  O  OP1   . A   A 1 9  ? -7.562  -0.372  3.495   1.00 30.86 ? 60  A   A OP1   1 
ATOM   172  O  OP2   . A   A 1 9  ? -7.815  1.059   5.642   1.00 34.29 ? 60  A   A OP2   1 
ATOM   173  O  "O5'" . A   A 1 9  ? -5.700  1.000   4.472   1.00 39.65 ? 60  A   A "O5'" 1 
ATOM   174  C  "C5'" . A   A 1 9  ? -4.817  0.501   3.443   1.00 44.27 ? 60  A   A "C5'" 1 
ATOM   175  C  "C4'" . A   A 1 9  ? -3.653  1.428   3.280   1.00 40.51 ? 60  A   A "C4'" 1 
ATOM   176  O  "O4'" . A   A 1 9  ? -4.205  2.765   3.234   1.00 34.36 ? 60  A   A "O4'" 1 
ATOM   177  C  "C3'" . A   A 1 9  ? -2.653  1.483   4.429   1.00 39.59 ? 60  A   A "C3'" 1 
ATOM   178  O  "O3'" . A   A 1 9  ? -1.572  0.571   4.302   1.00 41.26 ? 60  A   A "O3'" 1 
ATOM   179  C  "C2'" . A   A 1 9  ? -2.098  2.878   4.303   1.00 36.85 ? 60  A   A "C2'" 1 
ATOM   180  O  "O2'" . A   A 1 9  ? -1.170  2.923   3.267   1.00 42.83 ? 60  A   A "O2'" 1 
ATOM   181  C  "C1'" . A   A 1 9  ? -3.314  3.647   3.837   1.00 35.51 ? 60  A   A "C1'" 1 
ATOM   182  N  N9    . A   A 1 9  ? -3.949  4.228   4.987   1.00 37.78 ? 60  A   A N9    1 
ATOM   183  C  C8    . A   A 1 9  ? -5.077  3.918   5.687   1.00 41.28 ? 60  A   A C8    1 
ATOM   184  N  N7    . A   A 1 9  ? -5.341  4.782   6.645   1.00 41.78 ? 60  A   A N7    1 
ATOM   185  C  C5    . A   A 1 9  ? -4.304  5.697   6.559   1.00 35.88 ? 60  A   A C5    1 
ATOM   186  C  C6    . A   A 1 9  ? -4.009  6.868   7.247   1.00 36.44 ? 60  A   A C6    1 
ATOM   187  N  N6    . A   A 1 9  ? -4.766  7.418   8.179   1.00 42.58 ? 60  A   A N6    1 
ATOM   188  N  N1    . A   A 1 9  ? -2.884  7.499   6.923   1.00 39.00 ? 60  A   A N1    1 
ATOM   189  C  C2    . A   A 1 9  ? -2.124  7.018   5.949   1.00 45.97 ? 60  A   A C2    1 
ATOM   190  N  N3    . A   A 1 9  ? -2.305  5.954   5.208   1.00 44.00 ? 60  A   A N3    1 
ATOM   191  C  C4    . A   A 1 9  ? -3.428  5.335   5.570   1.00 39.59 ? 60  A   A C4    1 
ATOM   192  P  P     . U   A 1 10 ? -1.708  -0.948  4.810   1.00 45.36 ? 70  U   A P     1 
ATOM   193  O  OP1   . U   A 1 10 ? -2.469  -1.040  6.088   1.00 45.18 ? 70  U   A OP1   1 
ATOM   194  O  OP2   . U   A 1 10 ? -0.322  -1.473  4.767   1.00 47.02 ? 70  U   A OP2   1 
ATOM   195  O  "O5'" . U   A 1 10 ? -2.540  -1.678  3.672   1.00 39.07 ? 70  U   A "O5'" 1 
ATOM   196  C  "C5'" . U   A 1 10 ? -2.069  -2.898  3.104   1.00 35.09 ? 70  U   A "C5'" 1 
ATOM   197  C  "C4'" . U   A 1 10 ? -2.812  -3.153  1.843   1.00 33.89 ? 70  U   A "C4'" 1 
ATOM   198  O  "O4'" . U   A 1 10 ? -3.220  -1.873  1.328   1.00 30.19 ? 70  U   A "O4'" 1 
ATOM   199  C  "C3'" . U   A 1 10 ? -2.025  -3.810  0.726   1.00 37.41 ? 70  U   A "C3'" 1 
ATOM   200  O  "O3'" . U   A 1 10 ? -2.085  -5.220  0.771   1.00 44.29 ? 70  U   A "O3'" 1 
ATOM   201  C  "C2'" . U   A 1 10 ? -2.653  -3.217  -0.516  1.00 33.22 ? 70  U   A "C2'" 1 
ATOM   202  O  "O2'" . U   A 1 10 ? -3.872  -3.860  -0.832  1.00 32.76 ? 70  U   A "O2'" 1 
ATOM   203  C  "C1'" . U   A 1 10 ? -2.888  -1.789  -0.034  1.00 30.11 ? 70  U   A "C1'" 1 
ATOM   204  N  N1    . U   A 1 10 ? -1.641  -1.040  -0.070  1.00 25.00 ? 70  U   A N1    1 
ATOM   205  C  C2    . U   A 1 10 ? -0.990  -0.892  -1.268  1.00 29.70 ? 70  U   A C2    1 
ATOM   206  O  O2    . U   A 1 10 ? -1.415  -1.341  -2.319  1.00 33.52 ? 70  U   A O2    1 
ATOM   207  N  N3    . U   A 1 10 ? 0.183   -0.200  -1.190  1.00 29.36 ? 70  U   A N3    1 
ATOM   208  C  C4    . U   A 1 10 ? 0.758   0.321   -0.050  1.00 29.03 ? 70  U   A C4    1 
ATOM   209  O  O4    . U   A 1 10 ? 1.879   0.835   -0.102  1.00 32.95 ? 70  U   A O4    1 
ATOM   210  C  C5    . U   A 1 10 ? -0.008  0.138   1.133   1.00 28.89 ? 70  U   A C5    1 
ATOM   211  C  C6    . U   A 1 10 ? -1.149  -0.519  1.081   1.00 21.89 ? 70  U   A C6    1 
ATOM   212  P  P     . G   A 1 11 ? -1.531  -5.997  2.058   1.00 49.48 ? 80  G   A P     1 
ATOM   213  O  OP1   . G   A 1 11 ? -2.709  -6.443  2.828   1.00 48.91 ? 80  G   A OP1   1 
ATOM   214  O  OP2   . G   A 1 11 ? -0.501  -5.150  2.745   1.00 48.36 ? 80  G   A OP2   1 
ATOM   215  O  "O5'" . G   A 1 11 ? -0.843  -7.258  1.355   1.00 51.08 ? 80  G   A "O5'" 1 
ATOM   216  C  "C5'" . G   A 1 11 ? -1.565  -8.003  0.337   1.00 50.31 ? 80  G   A "C5'" 1 
ATOM   217  C  "C4'" . G   A 1 11 ? -0.839  -7.975  -0.998  1.00 51.22 ? 80  G   A "C4'" 1 
ATOM   218  O  "O4'" . G   A 1 11 ? -0.652  -6.590  -1.419  1.00 47.90 ? 80  G   A "O4'" 1 
ATOM   219  C  "C3'" . G   A 1 11 ? 0.550   -8.620  -1.075  1.00 54.31 ? 80  G   A "C3'" 1 
ATOM   220  O  "O3'" . G   A 1 11 ? 0.788   -9.323  -2.299  1.00 56.22 ? 80  G   A "O3'" 1 
ATOM   221  C  "C2'" . G   A 1 11 ? 1.487   -7.430  -1.127  1.00 54.89 ? 80  G   A "C2'" 1 
ATOM   222  O  "O2'" . G   A 1 11 ? 2.701   -7.740  -1.789  1.00 60.47 ? 80  G   A "O2'" 1 
ATOM   223  C  "C1'" . G   A 1 11 ? 0.652   -6.445  -1.928  1.00 50.03 ? 80  G   A "C1'" 1 
ATOM   224  N  N9    . G   A 1 11 ? 1.105   -5.081  -1.734  1.00 47.84 ? 80  G   A N9    1 
ATOM   225  C  C8    . G   A 1 11 ? 1.435   -4.463  -0.552  1.00 51.61 ? 80  G   A C8    1 
ATOM   226  N  N7    . G   A 1 11 ? 1.817   -3.224  -0.714  1.00 49.84 ? 80  G   A N7    1 
ATOM   227  C  C5    . G   A 1 11 ? 1.724   -3.015  -2.083  1.00 41.95 ? 80  G   A C5    1 
ATOM   228  C  C6    . G   A 1 11 ? 1.986   -1.871  -2.843  1.00 35.38 ? 80  G   A C6    1 
ATOM   229  O  O6    . G   A 1 11 ? 2.358   -0.774  -2.454  1.00 31.86 ? 80  G   A O6    1 
ATOM   230  N  N1    . G   A 1 11 ? 1.776   -2.091  -4.195  1.00 37.62 ? 80  G   A N1    1 
ATOM   231  C  C2    . G   A 1 11 ? 1.361   -3.277  -4.745  1.00 43.12 ? 80  G   A C2    1 
ATOM   232  N  N2    . G   A 1 11 ? 1.212   -3.296  -6.072  1.00 43.62 ? 80  G   A N2    1 
ATOM   233  N  N3    . G   A 1 11 ? 1.107   -4.364  -4.043  1.00 46.67 ? 80  G   A N3    1 
ATOM   234  C  C4    . G   A 1 11 ? 1.302   -4.158  -2.724  1.00 47.48 ? 80  G   A C4    1 
ATOM   235  P  P     . A   A 1 12 ? 0.541   -10.905 -2.380  1.00 59.03 ? 90  A   A P     1 
ATOM   236  O  OP1   . A   A 1 12 ? -0.008  -11.327 -1.052  1.00 58.97 ? 90  A   A OP1   1 
ATOM   237  O  OP2   . A   A 1 12 ? 1.797   -11.567 -2.924  1.00 59.66 ? 90  A   A OP2   1 
ATOM   238  O  "O5'" . A   A 1 12 ? -0.620  -11.052 -3.458  1.00 58.45 ? 90  A   A "O5'" 1 
ATOM   239  C  "C5'" . A   A 1 12 ? -1.597  -12.095 -3.340  1.00 56.61 ? 90  A   A "C5'" 1 
ATOM   240  C  "C4'" . A   A 1 12 ? -1.705  -12.832 -4.638  1.00 54.86 ? 90  A   A "C4'" 1 
ATOM   241  O  "O4'" . A   A 1 12 ? -2.454  -12.040 -5.614  1.00 53.53 ? 90  A   A "O4'" 1 
ATOM   242  C  "C3'" . A   A 1 12 ? -0.367  -13.063 -5.311  1.00 55.07 ? 90  A   A "C3'" 1 
ATOM   243  O  "O3'" . A   A 1 12 ? 0.450   -14.075 -4.713  1.00 50.99 ? 90  A   A "O3'" 1 
ATOM   244  C  "C2'" . A   A 1 12 ? -0.826  -13.278 -6.757  1.00 56.95 ? 90  A   A "C2'" 1 
ATOM   245  O  "O2'" . A   A 1 12 ? -1.480  -14.506 -7.024  1.00 62.13 ? 90  A   A "O2'" 1 
ATOM   246  C  "C1'" . A   A 1 12 ? -1.860  -12.171 -6.899  1.00 53.05 ? 90  A   A "C1'" 1 
ATOM   247  N  N9    . A   A 1 12 ? -1.069  -10.970 -7.173  1.00 50.98 ? 90  A   A N9    1 
ATOM   248  C  C8    . A   A 1 12 ? -0.614  -10.042 -6.270  1.00 51.67 ? 90  A   A C8    1 
ATOM   249  N  N7    . A   A 1 12 ? 0.149   -9.118  -6.800  1.00 48.88 ? 90  A   A N7    1 
ATOM   250  C  C5    . A   A 1 12 ? 0.181   -9.444  -8.145  1.00 48.29 ? 90  A   A C5    1 
ATOM   251  C  C6    . A   A 1 12 ? 0.798   -8.836  -9.236  1.00 48.89 ? 90  A   A C6    1 
ATOM   252  N  N6    . A   A 1 12 ? 1.520   -7.719  -9.139  1.00 51.41 ? 90  A   A N6    1 
ATOM   253  N  N1    . A   A 1 12 ? 0.640   -9.408  -10.450 1.00 46.33 ? 90  A   A N1    1 
ATOM   254  C  C2    . A   A 1 12 ? -0.113  -10.504 -10.543 1.00 46.99 ? 90  A   A C2    1 
ATOM   255  N  N3    . A   A 1 12 ? -0.764  -11.163 -9.586  1.00 49.44 ? 90  A   A N3    1 
ATOM   256  C  C4    . A   A 1 12 ? -0.573  -10.575 -8.393  1.00 49.62 ? 90  A   A C4    1 
ATOM   257  P  P     . G   A 1 13 ? -0.048  -15.595 -4.673  1.00 51.32 ? 101 G   A P     1 
ATOM   258  O  OP1   . G   A 1 13 ? -1.537  -15.642 -4.711  1.00 53.70 ? 101 G   A OP1   1 
ATOM   259  O  OP2   . G   A 1 13 ? 0.659   -16.307 -3.601  1.00 52.66 ? 101 G   A OP2   1 
ATOM   260  O  "O5'" . G   A 1 13 ? 0.514   -16.144 -6.059  1.00 52.13 ? 101 G   A "O5'" 1 
ATOM   261  C  "C5'" . G   A 1 13 ? 1.881   -15.886 -6.455  1.00 50.23 ? 101 G   A "C5'" 1 
ATOM   262  C  "C4'" . G   A 1 13 ? 1.926   -15.094 -7.746  1.00 47.28 ? 101 G   A "C4'" 1 
ATOM   263  O  "O4'" . G   A 1 13 ? 1.407   -13.766 -7.504  1.00 46.31 ? 101 G   A "O4'" 1 
ATOM   264  C  "C3'" . G   A 1 13 ? 3.315   -14.842 -8.301  1.00 47.60 ? 101 G   A "C3'" 1 
ATOM   265  O  "O3'" . G   A 1 13 ? 3.783   -15.878 -9.109  1.00 47.36 ? 101 G   A "O3'" 1 
ATOM   266  C  "C2'" . G   A 1 13 ? 3.192   -13.525 -9.028  1.00 47.59 ? 101 G   A "C2'" 1 
ATOM   267  O  "O2'" . G   A 1 13 ? 2.624   -13.698 -10.311 1.00 51.88 ? 101 G   A "O2'" 1 
ATOM   268  C  "C1'" . G   A 1 13 ? 2.255   -12.785 -8.087  1.00 47.70 ? 101 G   A "C1'" 1 
ATOM   269  N  N9    . G   A 1 13 ? 3.011   -12.192 -6.988  1.00 50.21 ? 101 G   A N9    1 
ATOM   270  C  C8    . G   A 1 13 ? 2.964   -12.592 -5.664  1.00 49.73 ? 101 G   A C8    1 
ATOM   271  N  N7    . G   A 1 13 ? 3.728   -11.878 -4.891  1.00 42.90 ? 101 G   A N7    1 
ATOM   272  C  C5    . G   A 1 13 ? 4.302   -10.934 -5.732  1.00 46.11 ? 101 G   A C5    1 
ATOM   273  C  C6    . G   A 1 13 ? 5.180   -9.854  -5.444  1.00 46.60 ? 101 G   A C6    1 
ATOM   274  O  O6    . G   A 1 13 ? 5.577   -9.446  -4.343  1.00 46.09 ? 101 G   A O6    1 
ATOM   275  N  N1    . G   A 1 13 ? 5.581   -9.197  -6.604  1.00 45.30 ? 101 G   A N1    1 
ATOM   276  C  C2    . G   A 1 13 ? 5.165   -9.507  -7.869  1.00 43.37 ? 101 G   A C2    1 
ATOM   277  N  N2    . G   A 1 13 ? 5.739   -8.792  -8.850  1.00 41.99 ? 101 G   A N2    1 
ATOM   278  N  N3    . G   A 1 13 ? 4.278   -10.460 -8.152  1.00 42.41 ? 101 G   A N3    1 
ATOM   279  C  C4    . G   A 1 13 ? 3.900   -11.134 -7.043  1.00 47.36 ? 101 G   A C4    1 
ATOM   280  P  P     . G   A 1 14 ? 5.237   -16.460 -8.835  1.00 48.17 ? 102 G   A P     1 
ATOM   281  O  OP1   . G   A 1 14 ? 5.158   -17.884 -9.269  1.00 45.49 ? 102 G   A OP1   1 
ATOM   282  O  OP2   . G   A 1 14 ? 5.648   -16.136 -7.442  1.00 43.03 ? 102 G   A OP2   1 
ATOM   283  O  "O5'" . G   A 1 14 ? 6.099   -15.568 -9.853  1.00 44.81 ? 102 G   A "O5'" 1 
ATOM   284  C  "C5'" . G   A 1 14 ? 7.386   -15.016 -9.502  1.00 41.50 ? 102 G   A "C5'" 1 
ATOM   285  C  "C4'" . G   A 1 14 ? 7.680   -13.773 -10.328 1.00 39.53 ? 102 G   A "C4'" 1 
ATOM   286  O  "O4'" . G   A 1 14 ? 6.982   -12.649 -9.728  1.00 37.75 ? 102 G   A "O4'" 1 
ATOM   287  C  "C3'" . G   A 1 14 ? 9.138   -13.333 -10.312 1.00 43.21 ? 102 G   A "C3'" 1 
ATOM   288  O  "O3'" . G   A 1 14 ? 9.955   -14.022 -11.245 1.00 47.06 ? 102 G   A "O3'" 1 
ATOM   289  C  "C2'" . G   A 1 14 ? 9.101   -11.820 -10.460 1.00 38.23 ? 102 G   A "C2'" 1 
ATOM   290  O  "O2'" . G   A 1 14 ? 9.104   -11.348 -11.796 1.00 37.36 ? 102 G   A "O2'" 1 
ATOM   291  C  "C1'" . G   A 1 14 ? 7.816   -11.488 -9.710  1.00 35.13 ? 102 G   A "C1'" 1 
ATOM   292  N  N9    . G   A 1 14 ? 8.049   -11.164 -8.310  1.00 28.43 ? 102 G   A N9    1 
ATOM   293  C  C8    . G   A 1 14 ? 7.576   -11.883 -7.250  1.00 31.24 ? 102 G   A C8    1 
ATOM   294  N  N7    . G   A 1 14 ? 7.904   -11.380 -6.097  1.00 33.59 ? 102 G   A N7    1 
ATOM   295  C  C5    . G   A 1 14 ? 8.642   -10.257 -6.413  1.00 27.21 ? 102 G   A C5    1 
ATOM   296  C  C6    . G   A 1 14 ? 9.255   -9.311  -5.567  1.00 28.02 ? 102 G   A C6    1 
ATOM   297  O  O6    . G   A 1 14 ? 9.250   -9.266  -4.334  1.00 23.53 ? 102 G   A O6    1 
ATOM   298  N  N1    . G   A 1 14 ? 9.918   -8.344  -6.289  1.00 24.04 ? 102 G   A N1    1 
ATOM   299  C  C2    . G   A 1 14 ? 9.977   -8.289  -7.647  1.00 26.47 ? 102 G   A C2    1 
ATOM   300  N  N2    . G   A 1 14 ? 10.684  -7.284  -8.146  1.00 28.37 ? 102 G   A N2    1 
ATOM   301  N  N3    . G   A 1 14 ? 9.390   -9.157  -8.458  1.00 27.36 ? 102 G   A N3    1 
ATOM   302  C  C4    . G   A 1 14 ? 8.749   -10.112 -7.776  1.00 25.49 ? 102 G   A C4    1 
ATOM   303  P  P     . C   A 1 15 ? 10.530  -15.467 -10.852 1.00 48.63 ? 103 C   A P     1 
ATOM   304  O  OP1   . C   A 1 15 ? 9.614   -16.504 -11.395 1.00 49.83 ? 103 C   A OP1   1 
ATOM   305  O  OP2   . C   A 1 15 ? 10.837  -15.455 -9.395  1.00 47.20 ? 103 C   A OP2   1 
ATOM   306  O  "O5'" . C   A 1 15 ? 11.922  -15.503 -11.614 1.00 44.35 ? 103 C   A "O5'" 1 
ATOM   307  C  "C5'" . C   A 1 15 ? 13.068  -14.909 -11.021 1.00 38.42 ? 103 C   A "C5'" 1 
ATOM   308  C  "C4'" . C   A 1 15 ? 12.960  -13.417 -11.099 1.00 34.12 ? 103 C   A "C4'" 1 
ATOM   309  O  "O4'" . C   A 1 15 ? 11.876  -12.966 -10.256 1.00 29.10 ? 103 C   A "O4'" 1 
ATOM   310  C  "C3'" . C   A 1 15 ? 14.135  -12.643 -10.550 1.00 37.74 ? 103 C   A "C3'" 1 
ATOM   311  O  "O3'" . C   A 1 15 ? 15.266  -12.681 -11.375 1.00 40.15 ? 103 C   A "O3'" 1 
ATOM   312  C  "C2'" . C   A 1 15 ? 13.553  -11.284 -10.244 1.00 33.13 ? 103 C   A "C2'" 1 
ATOM   313  O  "O2'" . C   A 1 15 ? 13.461  -10.464 -11.376 1.00 34.13 ? 103 C   A "O2'" 1 
ATOM   314  C  "C1'" . C   A 1 15 ? 12.168  -11.674 -9.751  1.00 30.79 ? 103 C   A "C1'" 1 
ATOM   315  N  N1    . C   A 1 15 ? 12.086  -11.690 -8.279  1.00 28.05 ? 103 C   A N1    1 
ATOM   316  C  C2    . C   A 1 15 ? 12.772  -10.697 -7.552  1.00 30.81 ? 103 C   A C2    1 
ATOM   317  O  O2    . C   A 1 15 ? 13.533  -9.911  -8.161  1.00 31.98 ? 103 C   A O2    1 
ATOM   318  N  N3    . C   A 1 15 ? 12.603  -10.623 -6.208  1.00 29.35 ? 103 C   A N3    1 
ATOM   319  C  C4    . C   A 1 15 ? 11.827  -11.507 -5.588  1.00 26.44 ? 103 C   A C4    1 
ATOM   320  N  N4    . C   A 1 15 ? 11.671  -11.375 -4.281  1.00 21.35 ? 103 C   A N4    1 
ATOM   321  C  C5    . C   A 1 15 ? 11.173  -12.560 -6.289  1.00 27.50 ? 103 C   A C5    1 
ATOM   322  C  C6    . C   A 1 15 ? 11.329  -12.615 -7.622  1.00 27.44 ? 103 C   A C6    1 
ATOM   323  P  P     . C   A 1 16 ? 16.403  -13.764 -11.047 1.00 43.98 ? 104 C   A P     1 
ATOM   324  O  OP1   . C   A 1 16 ? 17.116  -14.086 -12.328 1.00 45.46 ? 104 C   A OP1   1 
ATOM   325  O  OP2   . C   A 1 16 ? 15.873  -14.872 -10.201 1.00 37.83 ? 104 C   A OP2   1 
ATOM   326  O  "O5'" . C   A 1 16 ? 17.357  -12.910 -10.109 1.00 41.62 ? 104 C   A "O5'" 1 
ATOM   327  C  "C5'" . C   A 1 16 ? 18.172  -11.873 -10.664 1.00 41.61 ? 104 C   A "C5'" 1 
ATOM   328  C  "C4'" . C   A 1 16 ? 18.927  -11.204 -9.564  1.00 41.91 ? 104 C   A "C4'" 1 
ATOM   329  O  "O4'" . C   A 1 16 ? 17.965  -10.544 -8.716  1.00 41.00 ? 104 C   A "O4'" 1 
ATOM   330  C  "C3'" . C   A 1 16 ? 19.651  -12.183 -8.654  1.00 44.62 ? 104 C   A "C3'" 1 
ATOM   331  O  "O3'" . C   A 1 16 ? 20.838  -12.837 -9.178  1.00 40.95 ? 104 C   A "O3'" 1 
ATOM   332  C  "C2'" . C   A 1 16 ? 19.671  -11.456 -7.318  1.00 45.62 ? 104 C   A "C2'" 1 
ATOM   333  O  "O2'" . C   A 1 16 ? 20.768  -10.561 -7.227  1.00 53.09 ? 104 C   A "O2'" 1 
ATOM   334  C  "C1'" . C   A 1 16 ? 18.339  -10.686 -7.364  1.00 40.34 ? 104 C   A "C1'" 1 
ATOM   335  N  N1    . C   A 1 16 ? 17.244  -11.387 -6.686  1.00 33.69 ? 104 C   A N1    1 
ATOM   336  C  C2    . C   A 1 16 ? 16.780  -10.894 -5.457  1.00 25.92 ? 104 C   A C2    1 
ATOM   337  O  O2    . C   A 1 16 ? 17.263  -9.842  -5.024  1.00 18.35 ? 104 C   A O2    1 
ATOM   338  N  N3    . C   A 1 16 ? 15.819  -11.578 -4.786  1.00 25.96 ? 104 C   A N3    1 
ATOM   339  C  C4    . C   A 1 16 ? 15.317  -12.710 -5.308  1.00 34.34 ? 104 C   A C4    1 
ATOM   340  N  N4    . C   A 1 16 ? 14.388  -13.383 -4.607  1.00 32.99 ? 104 C   A N4    1 
ATOM   341  C  C5    . C   A 1 16 ? 15.749  -13.214 -6.585  1.00 35.44 ? 104 C   A C5    1 
ATOM   342  C  C6    . C   A 1 16 ? 16.702  -12.524 -7.233  1.00 33.09 ? 104 C   A C6    1 
ATOM   343  O  "O5'" . G   B 2 1  ? 12.934  -4.906  5.682   0.40 59.62 ? 114 G   B "O5'" 1 
ATOM   344  C  "C5'" . G   B 2 1  ? 12.768  -6.278  5.275   0.40 59.42 ? 114 G   B "C5'" 1 
ATOM   345  C  "C4'" . G   B 2 1  ? 14.025  -6.751  4.597   0.40 58.33 ? 114 G   B "C4'" 1 
ATOM   346  O  "O4'" . G   B 2 1  ? 14.061  -8.204  4.520   0.40 59.36 ? 114 G   B "O4'" 1 
ATOM   347  C  "C3'" . G   B 2 1  ? 14.216  -6.327  3.158   0.40 58.28 ? 114 G   B "C3'" 1 
ATOM   348  O  "O3'" . G   B 2 1  ? 14.590  -4.993  2.997   0.40 54.87 ? 114 G   B "O3'" 1 
ATOM   349  C  "C2'" . G   B 2 1  ? 15.231  -7.318  2.648   0.40 59.53 ? 114 G   B "C2'" 1 
ATOM   350  O  "O2'" . G   B 2 1  ? 16.511  -6.891  3.070   0.40 61.92 ? 114 G   B "O2'" 1 
ATOM   351  C  "C1'" . G   B 2 1  ? 14.762  -8.600  3.345   0.40 59.65 ? 114 G   B "C1'" 1 
ATOM   352  N  N9    . G   B 2 1  ? 13.868  -9.376  2.478   0.40 59.83 ? 114 G   B N9    1 
ATOM   353  C  C8    . G   B 2 1  ? 12.596  -9.852  2.745   0.40 59.41 ? 114 G   B C8    1 
ATOM   354  N  N7    . G   B 2 1  ? 12.085  -10.538 1.754   0.40 57.75 ? 114 G   B N7    1 
ATOM   355  C  C5    . G   B 2 1  ? 13.079  -10.527 0.780   0.40 59.82 ? 114 G   B C5    1 
ATOM   356  C  C6    . G   B 2 1  ? 13.136  -11.144 -0.515  0.40 60.56 ? 114 G   B C6    1 
ATOM   357  O  O6    . G   B 2 1  ? 12.315  -11.887 -1.060  0.40 62.47 ? 114 G   B O6    1 
ATOM   358  N  N1    . G   B 2 1  ? 14.320  -10.831 -1.186  0.40 59.60 ? 114 G   B N1    1 
ATOM   359  C  C2    . G   B 2 1  ? 15.319  -10.043 -0.687  0.40 59.39 ? 114 G   B C2    1 
ATOM   360  N  N2    . G   B 2 1  ? 16.340  -9.815  -1.512  0.40 60.30 ? 114 G   B N2    1 
ATOM   361  N  N3    . G   B 2 1  ? 15.310  -9.506  0.523   0.40 59.26 ? 114 G   B N3    1 
ATOM   362  C  C4    . G   B 2 1  ? 14.169  -9.787  1.198   0.40 59.89 ? 114 G   B C4    1 
ATOM   363  P  P     . G   B 2 2  ? 13.446  -3.929  2.719   0.40 53.36 ? 113 G   B P     1 
ATOM   364  O  OP1   . G   B 2 2  ? 13.538  -2.862  3.742   0.40 51.77 ? 113 G   B OP1   1 
ATOM   365  O  OP2   . G   B 2 2  ? 12.181  -4.691  2.526   0.40 52.59 ? 113 G   B OP2   1 
ATOM   366  O  "O5'" . G   B 2 2  ? 13.849  -3.338  1.310   0.40 52.98 ? 113 G   B "O5'" 1 
ATOM   367  C  "C5'" . G   B 2 2  ? 15.113  -2.719  1.150   0.40 51.61 ? 113 G   B "C5'" 1 
ATOM   368  C  "C4'" . G   B 2 2  ? 15.763  -3.204  -0.106  0.40 49.66 ? 113 G   B "C4'" 1 
ATOM   369  O  "O4'" . G   B 2 2  ? 15.956  -4.635  -0.052  0.40 49.88 ? 113 G   B "O4'" 1 
ATOM   370  C  "C3'" . G   B 2 2  ? 14.952  -3.041  -1.364  0.40 49.61 ? 113 G   B "C3'" 1 
ATOM   371  O  "O3'" . G   B 2 2  ? 14.945  -1.736  -1.811  0.40 50.02 ? 113 G   B "O3'" 1 
ATOM   372  C  "C2'" . G   B 2 2  ? 15.560  -4.038  -2.317  0.40 48.43 ? 113 G   B "C2'" 1 
ATOM   373  O  "O2'" . G   B 2 2  ? 16.750  -3.527  -2.885  0.40 49.20 ? 113 G   B "O2'" 1 
ATOM   374  C  "C1'" . G   B 2 2  ? 15.836  -5.184  -1.361  0.40 47.56 ? 113 G   B "C1'" 1 
ATOM   375  N  N9    . G   B 2 2  ? 14.710  -6.102  -1.376  0.40 43.56 ? 113 G   B N9    1 
ATOM   376  C  C8    . G   B 2 2  ? 13.809  -6.353  -0.371  0.40 43.72 ? 113 G   B C8    1 
ATOM   377  N  N7    . G   B 2 2  ? 12.924  -7.254  -0.696  0.40 42.66 ? 113 G   B N7    1 
ATOM   378  C  C5    . G   B 2 2  ? 13.264  -7.604  -1.992  0.40 42.11 ? 113 G   B C5    1 
ATOM   379  C  C6    . G   B 2 2  ? 12.657  -8.524  -2.880  0.40 42.36 ? 113 G   B C6    1 
ATOM   380  O  O6    . G   B 2 2  ? 11.669  -9.226  -2.695  0.40 43.23 ? 113 G   B O6    1 
ATOM   381  N  N1    . G   B 2 2  ? 13.317  -8.570  -4.099  0.40 43.16 ? 113 G   B N1    1 
ATOM   382  C  C2    . G   B 2 2  ? 14.416  -7.805  -4.426  0.40 44.65 ? 113 G   B C2    1 
ATOM   383  N  N2    . G   B 2 2  ? 14.919  -8.008  -5.657  0.40 47.23 ? 113 G   B N2    1 
ATOM   384  N  N3    . G   B 2 2  ? 14.980  -6.921  -3.611  0.40 41.26 ? 113 G   B N3    1 
ATOM   385  C  C4    . G   B 2 2  ? 14.360  -6.885  -2.420  0.40 42.27 ? 113 G   B C4    1 
ATOM   386  P  P     . C   B 2 3  ? 13.604  -0.908  -1.654  0.40 49.64 ? 112 C   B P     1 
ATOM   387  O  OP1   . C   B 2 3  ? 14.057  0.461   -1.287  0.40 50.57 ? 112 C   B OP1   1 
ATOM   388  O  OP2   . C   B 2 3  ? 12.674  -1.649  -0.745  0.40 47.85 ? 112 C   B OP2   1 
ATOM   389  O  "O5'" . C   B 2 3  ? 13.028  -1.017  -3.145  0.40 47.92 ? 112 C   B "O5'" 1 
ATOM   390  C  "C5'" . C   B 2 3  ? 13.894  -0.787  -4.296  0.40 42.95 ? 112 C   B "C5'" 1 
ATOM   391  C  "C4'" . C   B 2 3  ? 13.820  -1.935  -5.298  0.40 40.13 ? 112 C   B "C4'" 1 
ATOM   392  O  "O4'" . C   B 2 3  ? 13.957  -3.206  -4.616  0.40 37.49 ? 112 C   B "O4'" 1 
ATOM   393  C  "C3'" . C   B 2 3  ? 12.568  -2.195  -6.128  0.40 40.06 ? 112 C   B "C3'" 1 
ATOM   394  O  "O3'" . C   B 2 3  ? 12.385  -1.332  -7.225  0.40 42.87 ? 112 C   B "O3'" 1 
ATOM   395  C  "C2'" . C   B 2 3  ? 12.789  -3.603  -6.636  0.40 36.97 ? 112 C   B "C2'" 1 
ATOM   396  O  "O2'" . C   B 2 3  ? 13.623  -3.666  -7.760  0.40 37.82 ? 112 C   B "O2'" 1 
ATOM   397  C  "C1'" . C   B 2 3  ? 13.487  -4.242  -5.456  0.40 34.12 ? 112 C   B "C1'" 1 
ATOM   398  N  N1    . C   B 2 3  ? 12.437  -4.973  -4.795  0.40 29.20 ? 112 C   B N1    1 
ATOM   399  C  C2    . C   B 2 3  ? 11.837  -5.984  -5.506  0.40 27.66 ? 112 C   B C2    1 
ATOM   400  O  O2    . C   B 2 3  ? 12.251  -6.214  -6.637  0.40 25.70 ? 112 C   B O2    1 
ATOM   401  N  N3    . C   B 2 3  ? 10.827  -6.691  -4.960  0.40 25.29 ? 112 C   B N3    1 
ATOM   402  C  C4    . C   B 2 3  ? 10.421  -6.407  -3.728  0.40 27.27 ? 112 C   B C4    1 
ATOM   403  N  N4    . C   B 2 3  ? 9.424   -7.127  -3.211  0.40 26.38 ? 112 C   B N4    1 
ATOM   404  C  C5    . C   B 2 3  ? 11.026  -5.366  -2.962  0.40 30.21 ? 112 C   B C5    1 
ATOM   405  C  C6    . C   B 2 3  ? 12.028  -4.677  -3.534  0.40 30.11 ? 112 C   B C6    1 
ATOM   406  P  P     . C   B 2 4  ? 11.165  -0.292  -7.209  0.40 44.79 ? 111 C   B P     1 
ATOM   407  O  OP1   . C   B 2 4  ? 11.689  0.984   -7.817  0.40 44.21 ? 111 C   B OP1   1 
ATOM   408  O  OP2   . C   B 2 4  ? 10.507  -0.243  -5.866  0.40 44.84 ? 111 C   B OP2   1 
ATOM   409  O  "O5'" . C   B 2 4  ? 10.138  -1.027  -8.176  0.40 42.81 ? 111 C   B "O5'" 1 
ATOM   410  C  "C5'" . C   B 2 4  ? 10.324  -0.983  -9.586  0.40 40.57 ? 111 C   B "C5'" 1 
ATOM   411  C  "C4'" . C   B 2 4  ? 9.967   -2.302  -10.206 0.40 39.19 ? 111 C   B "C4'" 1 
ATOM   412  O  "O4'" . C   B 2 4  ? 10.439  -3.358  -9.334  0.40 37.42 ? 111 C   B "O4'" 1 
ATOM   413  C  "C3'" . C   B 2 4  ? 8.509   -2.695  -10.389 0.40 39.49 ? 111 C   B "C3'" 1 
ATOM   414  O  "O3'" . C   B 2 4  ? 7.843   -2.064  -11.456 0.40 41.88 ? 111 C   B "O3'" 1 
ATOM   415  C  "C2'" . C   B 2 4  ? 8.613   -4.187  -10.597 0.40 37.57 ? 111 C   B "C2'" 1 
ATOM   416  O  "O2'" . C   B 2 4  ? 9.055   -4.491  -11.896 0.40 38.36 ? 111 C   B "O2'" 1 
ATOM   417  C  "C1'" . C   B 2 4  ? 9.701   -4.539  -9.599  0.40 35.81 ? 111 C   B "C1'" 1 
ATOM   418  N  N1    . C   B 2 4  ? 9.038   -4.995  -8.384  0.40 31.84 ? 111 C   B N1    1 
ATOM   419  C  C2    . C   B 2 4  ? 8.214   -6.119  -8.489  0.40 31.27 ? 111 C   B C2    1 
ATOM   420  O  O2    . C   B 2 4  ? 8.075   -6.653  -9.598  0.40 28.69 ? 111 C   B O2    1 
ATOM   421  N  N3    . C   B 2 4  ? 7.590   -6.591  -7.400  0.40 31.65 ? 111 C   B N3    1 
ATOM   422  C  C4    . C   B 2 4  ? 7.742   -5.967  -6.232  0.40 33.79 ? 111 C   B C4    1 
ATOM   423  N  N4    . C   B 2 4  ? 7.081   -6.462  -5.177  0.40 36.02 ? 111 C   B N4    1 
ATOM   424  C  C5    . C   B 2 4  ? 8.573   -4.804  -6.093  0.40 32.19 ? 111 C   B C5    1 
ATOM   425  C  C6    . C   B 2 4  ? 9.199   -4.360  -7.188  0.40 30.72 ? 111 C   B C6    1 
ATOM   426  P  P     . G   B 2 5  ? 7.142   -0.644  -11.200 0.40 45.42 ? 120 G   B P     1 
ATOM   427  O  OP1   . G   B 2 5  ? 6.630   -0.218  -12.533 0.40 46.01 ? 120 G   B OP1   1 
ATOM   428  O  OP2   . G   B 2 5  ? 8.079   0.250   -10.446 0.40 43.62 ? 120 G   B OP2   1 
ATOM   429  O  "O5'" . G   B 2 5  ? 5.910   -0.979  -10.230 0.40 43.55 ? 120 G   B "O5'" 1 
ATOM   430  C  "C5'" . G   B 2 5  ? 4.620   -1.436  -10.734 0.40 42.44 ? 120 G   B "C5'" 1 
ATOM   431  C  "C4'" . G   B 2 5  ? 4.443   -2.898  -10.424 0.40 40.99 ? 120 G   B "C4'" 1 
ATOM   432  O  "O4'" . G   B 2 5  ? 5.490   -3.265  -9.500  0.40 40.79 ? 120 G   B "O4'" 1 
ATOM   433  C  "C3'" . G   B 2 5  ? 3.160   -3.320  -9.719  0.40 41.39 ? 120 G   B "C3'" 1 
ATOM   434  O  "O3'" . G   B 2 5  ? 2.117   -3.684  -10.596 0.40 43.48 ? 120 G   B "O3'" 1 
ATOM   435  C  "C2'" . G   B 2 5  ? 3.560   -4.550  -8.927  0.40 39.92 ? 120 G   B "C2'" 1 
ATOM   436  O  "O2'" . G   B 2 5  ? 3.468   -5.711  -9.721  0.40 38.26 ? 120 G   B "O2'" 1 
ATOM   437  C  "C1'" . G   B 2 5  ? 5.009   -4.230  -8.579  0.40 38.88 ? 120 G   B "C1'" 1 
ATOM   438  N  N9    . G   B 2 5  ? 5.199   -3.724  -7.221  0.40 35.59 ? 120 G   B N9    1 
ATOM   439  C  C8    . G   B 2 5  ? 5.865   -2.584  -6.824  0.40 33.90 ? 120 G   B C8    1 
ATOM   440  N  N7    . G   B 2 5  ? 5.929   -2.455  -5.532  0.40 30.96 ? 120 G   B N7    1 
ATOM   441  C  C5    . G   B 2 5  ? 5.247   -3.560  -5.049  0.40 32.38 ? 120 G   B C5    1 
ATOM   442  C  C6    . G   B 2 5  ? 4.999   -3.964  -3.735  0.40 33.01 ? 120 G   B C6    1 
ATOM   443  O  O6    . G   B 2 5  ? 5.354   -3.404  -2.686  0.40 36.55 ? 120 G   B O6    1 
ATOM   444  N  N1    . G   B 2 5  ? 4.263   -5.151  -3.693  0.40 29.97 ? 120 G   B N1    1 
ATOM   445  C  C2    . G   B 2 5  ? 3.830   -5.847  -4.790  0.40 29.39 ? 120 G   B C2    1 
ATOM   446  N  N2    . G   B 2 5  ? 3.137   -6.965  -4.560  0.40 29.22 ? 120 G   B N2    1 
ATOM   447  N  N3    . G   B 2 5  ? 4.061   -5.476  -6.026  0.40 30.99 ? 120 G   B N3    1 
ATOM   448  C  C4    . G   B 2 5  ? 4.773   -4.336  -6.083  0.40 32.60 ? 120 G   B C4    1 
ATOM   449  P  P     . A   B 2 6  ? 0.870   -2.711  -10.790 0.40 44.04 ? 130 A   B P     1 
ATOM   450  O  OP1   . A   B 2 6  ? 1.171   -1.923  -12.020 0.40 43.36 ? 130 A   B OP1   1 
ATOM   451  O  OP2   . A   B 2 6  ? 0.614   -1.994  -9.497  0.40 45.37 ? 130 A   B OP2   1 
ATOM   452  O  "O5'" . A   B 2 6  ? -0.344  -3.729  -10.995 0.40 42.99 ? 130 A   B "O5'" 1 
ATOM   453  C  "C5'" . A   B 2 6  ? -0.813  -4.063  -12.305 0.40 43.34 ? 130 A   B "C5'" 1 
ATOM   454  C  "C4'" . A   B 2 6  ? -1.258  -5.496  -12.345 0.40 44.23 ? 130 A   B "C4'" 1 
ATOM   455  O  "O4'" . A   B 2 6  ? -0.317  -6.255  -11.542 0.40 43.44 ? 130 A   B "O4'" 1 
ATOM   456  C  "C3'" . A   B 2 6  ? -2.600  -5.860  -11.723 0.40 46.99 ? 130 A   B "C3'" 1 
ATOM   457  O  "O3'" . A   B 2 6  ? -3.740  -5.556  -12.506 0.40 50.45 ? 130 A   B "O3'" 1 
ATOM   458  C  "C2'" . A   B 2 6  ? -2.427  -7.329  -11.381 0.40 45.34 ? 130 A   B "C2'" 1 
ATOM   459  O  "O2'" . A   B 2 6  ? -2.627  -8.218  -12.470 0.40 45.17 ? 130 A   B "O2'" 1 
ATOM   460  C  "C1'" . A   B 2 6  ? -0.986  -7.321  -10.885 0.40 43.67 ? 130 A   B "C1'" 1 
ATOM   461  N  N9    . A   B 2 6  ? -1.040  -6.976  -9.475  0.40 41.78 ? 130 A   B N9    1 
ATOM   462  C  C8    . A   B 2 6  ? -0.362  -5.993  -8.809  0.40 42.55 ? 130 A   B C8    1 
ATOM   463  N  N7    . A   B 2 6  ? -0.690  -5.901  -7.543  0.40 43.19 ? 130 A   B N7    1 
ATOM   464  C  C5    . A   B 2 6  ? -1.636  -6.898  -7.373  0.40 40.90 ? 130 A   B C5    1 
ATOM   465  C  C6    . A   B 2 6  ? -2.374  -7.306  -6.270  0.40 40.93 ? 130 A   B C6    1 
ATOM   466  N  N6    . A   B 2 6  ? -2.272  -6.735  -5.072  0.40 44.53 ? 130 A   B N6    1 
ATOM   467  N  N1    . A   B 2 6  ? -3.238  -8.327  -6.431  0.40 39.17 ? 130 A   B N1    1 
ATOM   468  C  C2    . A   B 2 6  ? -3.344  -8.885  -7.633  0.40 39.32 ? 130 A   B C2    1 
ATOM   469  N  N3    . A   B 2 6  ? -2.702  -8.586  -8.753  0.40 40.69 ? 130 A   B N3    1 
ATOM   470  C  C4    . A   B 2 6  ? -1.852  -7.573  -8.550  0.40 40.48 ? 130 A   B C4    1 
ATOM   471  P  P     . A   B 2 7  ? -4.400  -4.093  -12.395 0.40 53.98 ? 140 A   B P     1 
ATOM   472  O  OP1   . A   B 2 7  ? -5.437  -4.060  -13.468 0.40 56.00 ? 140 A   B OP1   1 
ATOM   473  O  OP2   . A   B 2 7  ? -3.349  -3.011  -12.341 0.40 52.46 ? 140 A   B OP2   1 
ATOM   474  O  "O5'" . A   B 2 7  ? -5.155  -4.119  -10.985 0.40 53.74 ? 140 A   B "O5'" 1 
ATOM   475  C  "C5'" . A   B 2 7  ? -6.245  -5.038  -10.723 0.40 54.52 ? 140 A   B "C5'" 1 
ATOM   476  C  "C4'" . A   B 2 7  ? -6.302  -5.366  -9.246  0.40 55.27 ? 140 A   B "C4'" 1 
ATOM   477  O  "O4'" . A   B 2 7  ? -4.976  -5.835  -8.866  0.40 56.89 ? 140 A   B "O4'" 1 
ATOM   478  C  "C3'" . A   B 2 7  ? -6.571  -4.209  -8.281  0.40 55.70 ? 140 A   B "C3'" 1 
ATOM   479  O  "O3'" . A   B 2 7  ? -7.936  -3.916  -8.014  0.40 53.83 ? 140 A   B "O3'" 1 
ATOM   480  C  "C2'" . A   B 2 7  ? -5.847  -4.631  -7.007  0.40 57.03 ? 140 A   B "C2'" 1 
ATOM   481  O  "O2'" . A   B 2 7  ? -6.599  -5.426  -6.107  0.40 59.57 ? 140 A   B "O2'" 1 
ATOM   482  C  "C1'" . A   B 2 7  ? -4.619  -5.339  -7.577  0.40 56.19 ? 140 A   B "C1'" 1 
ATOM   483  N  N9    . A   B 2 7  ? -3.637  -4.273  -7.745  0.40 54.58 ? 140 A   B N9    1 
ATOM   484  C  C8    . A   B 2 7  ? -3.137  -3.663  -8.884  0.40 55.10 ? 140 A   B C8    1 
ATOM   485  N  N7    . A   B 2 7  ? -2.399  -2.608  -8.640  0.40 51.76 ? 140 A   B N7    1 
ATOM   486  C  C5    . A   B 2 7  ? -2.381  -2.545  -7.257  0.40 53.38 ? 140 A   B C5    1 
ATOM   487  C  C6    . A   B 2 7  ? -1.794  -1.654  -6.387  0.40 54.68 ? 140 A   B C6    1 
ATOM   488  N  N6    . A   B 2 7  ? -1.087  -0.593  -6.810  0.40 53.69 ? 140 A   B N6    1 
ATOM   489  N  N1    . A   B 2 7  ? -1.956  -1.879  -5.045  0.40 55.71 ? 140 A   B N1    1 
ATOM   490  C  C2    . A   B 2 7  ? -2.686  -2.949  -4.644  0.40 52.08 ? 140 A   B C2    1 
ATOM   491  N  N3    . A   B 2 7  ? -3.300  -3.856  -5.386  0.40 50.71 ? 140 A   B N3    1 
ATOM   492  C  C4    . A   B 2 7  ? -3.106  -3.591  -6.694  0.40 53.15 ? 140 A   B C4    1 
ATOM   493  P  P     . A   B 2 8  ? -8.776  -2.991  -9.023  0.40 53.01 ? 151 A   B P     1 
ATOM   494  O  OP1   . A   B 2 8  ? -9.352  -3.857  -10.095 0.40 52.78 ? 151 A   B OP1   1 
ATOM   495  O  OP2   . A   B 2 8  ? -8.007  -1.772  -9.393  0.40 51.14 ? 151 A   B OP2   1 
ATOM   496  O  "O5'" . A   B 2 8  ? -9.968  -2.515  -8.090  0.40 52.44 ? 151 A   B "O5'" 1 
ATOM   497  C  "C5'" . A   B 2 8  ? -9.725  -1.637  -6.981  0.40 51.13 ? 151 A   B "C5'" 1 
ATOM   498  C  "C4'" . A   B 2 8  ? -9.727  -2.414  -5.692  0.40 49.55 ? 151 A   B "C4'" 1 
ATOM   499  O  "O4'" . A   B 2 8  ? -8.560  -3.278  -5.667  0.40 48.30 ? 151 A   B "O4'" 1 
ATOM   500  C  "C3'" . A   B 2 8  ? -9.606  -1.585  -4.418  0.40 49.73 ? 151 A   B "C3'" 1 
ATOM   501  O  "O3'" . A   B 2 8  ? -10.834 -1.076  -3.947  0.40 49.39 ? 151 A   B "O3'" 1 
ATOM   502  C  "C2'" . A   B 2 8  ? -8.957  -2.563  -3.479  0.40 49.51 ? 151 A   B "C2'" 1 
ATOM   503  O  "O2'" . A   B 2 8  ? -9.906  -3.546  -3.123  0.40 50.40 ? 151 A   B "O2'" 1 
ATOM   504  C  "C1'" . A   B 2 8  ? -7.906  -3.153  -4.414  0.40 49.23 ? 151 A   B "C1'" 1 
ATOM   505  N  N9    . A   B 2 8  ? -6.780  -2.207  -4.560  0.40 49.46 ? 151 A   B N9    1 
ATOM   506  C  C8    . A   B 2 8  ? -6.048  -1.929  -5.691  0.40 50.56 ? 151 A   B C8    1 
ATOM   507  N  N7    . A   B 2 8  ? -5.085  -1.050  -5.503  0.40 49.50 ? 151 A   B N7    1 
ATOM   508  C  C5    . A   B 2 8  ? -5.189  -0.720  -4.157  0.40 48.51 ? 151 A   B C5    1 
ATOM   509  C  C6    . A   B 2 8  ? -4.435  0.153   -3.319  0.40 48.49 ? 151 A   B C6    1 
ATOM   510  N  N6    . A   B 2 8  ? -3.389  0.883   -3.722  0.40 48.32 ? 151 A   B N6    1 
ATOM   511  N  N1    . A   B 2 8  ? -4.798  0.245   -2.028  0.40 47.79 ? 151 A   B N1    1 
ATOM   512  C  C2    . A   B 2 8  ? -5.837  -0.482  -1.608  0.40 49.09 ? 151 A   B C2    1 
ATOM   513  N  N3    . A   B 2 8  ? -6.617  -1.332  -2.285  0.40 48.78 ? 151 A   B N3    1 
ATOM   514  C  C4    . A   B 2 8  ? -6.235  -1.414  -3.567  0.40 48.91 ? 151 A   B C4    1 
ATOM   515  P  P     . C   B 2 9  ? -11.731 -0.174  -4.922  0.40 50.85 ? 152 C   B P     1 
ATOM   516  O  OP1   . C   B 2 9  ? -12.736 -1.063  -5.586  0.40 51.40 ? 152 C   B OP1   1 
ATOM   517  O  OP2   . C   B 2 9  ? -10.826 0.656   -5.758  0.40 51.38 ? 152 C   B OP2   1 
ATOM   518  O  "O5'" . C   B 2 9  ? -12.484 0.826   -3.933  0.40 48.98 ? 152 C   B "O5'" 1 
ATOM   519  C  "C5'" . C   B 2 9  ? -11.812 1.968   -3.379  0.40 43.72 ? 152 C   B "C5'" 1 
ATOM   520  C  "C4'" . C   B 2 9  ? -11.104 1.584   -2.110  0.40 40.64 ? 152 C   B "C4'" 1 
ATOM   521  O  "O4'" . C   B 2 9  ? -9.999  0.707   -2.448  0.40 38.62 ? 152 C   B "O4'" 1 
ATOM   522  C  "C3'" . C   B 2 9  ? -10.436 2.735   -1.377  0.40 40.78 ? 152 C   B "C3'" 1 
ATOM   523  O  "O3'" . C   B 2 9  ? -11.305 3.515   -0.575  0.40 42.01 ? 152 C   B "O3'" 1 
ATOM   524  C  "C2'" . C   B 2 9  ? -9.304  2.059   -0.628  0.40 39.32 ? 152 C   B "C2'" 1 
ATOM   525  O  "O2'" . C   B 2 9  ? -9.661  1.443   0.586   0.40 40.44 ? 152 C   B "O2'" 1 
ATOM   526  C  "C1'" . C   B 2 9  ? -8.862  1.034   -1.661  0.40 38.17 ? 152 C   B "C1'" 1 
ATOM   527  N  N1    . C   B 2 9  ? -7.837  1.632   -2.541  0.40 35.65 ? 152 C   B N1    1 
ATOM   528  C  C2    . C   B 2 9  ? -7.025  2.686   -2.043  0.40 36.39 ? 152 C   B C2    1 
ATOM   529  O  O2    . C   B 2 9  ? -7.203  3.106   -0.878  0.40 35.37 ? 152 C   B O2    1 
ATOM   530  N  N3    . C   B 2 9  ? -6.070  3.217   -2.839  0.40 34.70 ? 152 C   B N3    1 
ATOM   531  C  C4    . C   B 2 9  ? -5.907  2.750   -4.073  0.40 34.64 ? 152 C   B C4    1 
ATOM   532  N  N4    . C   B 2 9  ? -4.942  3.289   -4.817  0.40 32.54 ? 152 C   B N4    1 
ATOM   533  C  C5    . C   B 2 9  ? -6.724  1.702   -4.603  0.40 34.27 ? 152 C   B C5    1 
ATOM   534  C  C6    . C   B 2 9  ? -7.664  1.180   -3.813  0.40 34.04 ? 152 C   B C6    1 
ATOM   535  P  P     . U   B 2 10 ? -12.246 4.615   -1.271  0.40 42.13 ? 153 U   B P     1 
ATOM   536  O  OP1   . U   B 2 10 ? -13.479 4.697   -0.442  0.40 43.77 ? 153 U   B OP1   1 
ATOM   537  O  OP2   . U   B 2 10 ? -12.354 4.305   -2.720  0.40 40.66 ? 153 U   B OP2   1 
ATOM   538  O  "O5'" . U   B 2 10 ? -11.454 5.977   -1.044  0.40 39.34 ? 153 U   B "O5'" 1 
ATOM   539  C  "C5'" . U   B 2 10 ? -11.380 6.528   0.268   0.40 37.86 ? 153 U   B "C5'" 1 
ATOM   540  C  "C4'" . U   B 2 10 ? -10.087 7.266   0.452   0.40 37.75 ? 153 U   B "C4'" 1 
ATOM   541  O  "O4'" . U   B 2 10 ? -9.004  6.415   0.035   0.40 37.35 ? 153 U   B "O4'" 1 
ATOM   542  C  "C3'" . U   B 2 10 ? -9.852  8.499   -0.393  0.40 38.31 ? 153 U   B "C3'" 1 
ATOM   543  O  "O3'" . U   B 2 10 ? -10.489 9.629   0.084   0.40 40.52 ? 153 U   B "O3'" 1 
ATOM   544  C  "C2'" . U   B 2 10 ? -8.358  8.653   -0.405  0.40 35.92 ? 153 U   B "C2'" 1 
ATOM   545  O  "O2'" . U   B 2 10 ? -7.943  9.232   0.812   0.40 35.09 ? 153 U   B "O2'" 1 
ATOM   546  C  "C1'" . U   B 2 10 ? -7.944  7.199   -0.496  0.40 35.26 ? 153 U   B "C1'" 1 
ATOM   547  N  N1    . U   B 2 10 ? -7.707  6.754   -1.873  0.40 33.23 ? 153 U   B N1    1 
ATOM   548  C  C2    . U   B 2 10 ? -6.707  7.362   -2.603  0.40 31.96 ? 153 U   B C2    1 
ATOM   549  O  O2    . U   B 2 10 ? -6.085  8.326   -2.212  0.40 30.70 ? 153 U   B O2    1 
ATOM   550  N  N3    . U   B 2 10 ? -6.474  6.796   -3.822  0.40 32.59 ? 153 U   B N3    1 
ATOM   551  C  C4    . U   B 2 10 ? -7.147  5.732   -4.383  0.40 33.89 ? 153 U   B C4    1 
ATOM   552  O  O4    . U   B 2 10 ? -6.823  5.328   -5.491  0.40 37.42 ? 153 U   B O4    1 
ATOM   553  C  C5    . U   B 2 10 ? -8.194  5.203   -3.590  0.40 33.52 ? 153 U   B C5    1 
ATOM   554  C  C6    . U   B 2 10 ? -8.439  5.722   -2.395  0.40 33.20 ? 153 U   B C6    1 
ATOM   555  P  P     . C   B 2 11 ? -11.601 10.293  -0.828  0.40 41.79 ? 154 C   B P     1 
ATOM   556  O  OP1   . C   B 2 11 ? -12.596 10.850  0.145   0.40 41.65 ? 154 C   B OP1   1 
ATOM   557  O  OP2   . C   B 2 11 ? -12.053 9.292   -1.867  0.40 39.16 ? 154 C   B OP2   1 
ATOM   558  O  "O5'" . C   B 2 11 ? -10.714 11.432  -1.519  0.40 40.68 ? 154 C   B "O5'" 1 
ATOM   559  C  "C5'" . C   B 2 11 ? -9.958  12.353  -0.694  0.40 40.45 ? 154 C   B "C5'" 1 
ATOM   560  C  "C4'" . C   B 2 11 ? -8.734  12.907  -1.420  0.40 40.55 ? 154 C   B "C4'" 1 
ATOM   561  O  "O4'" . C   B 2 11 ? -7.765  11.865  -1.721  0.40 40.29 ? 154 C   B "O4'" 1 
ATOM   562  C  "C3'" . C   B 2 11 ? -8.873  13.609  -2.754  0.40 41.32 ? 154 C   B "C3'" 1 
ATOM   563  O  "O3'" . C   B 2 11 ? -9.416  14.898  -2.679  0.40 45.05 ? 154 C   B "O3'" 1 
ATOM   564  C  "C2'" . C   B 2 11 ? -7.452  13.620  -3.283  0.40 38.77 ? 154 C   B "C2'" 1 
ATOM   565  O  "O2'" . C   B 2 11 ? -6.707  14.652  -2.678  0.40 37.72 ? 154 C   B "O2'" 1 
ATOM   566  C  "C1'" . C   B 2 11 ? -6.960  12.253  -2.832  0.40 37.01 ? 154 C   B "C1'" 1 
ATOM   567  N  N1    . C   B 2 11 ? -7.113  11.258  -3.910  0.40 31.81 ? 154 C   B N1    1 
ATOM   568  C  C2    . C   B 2 11 ? -6.192  11.265  -4.960  0.40 30.21 ? 154 C   B C2    1 
ATOM   569  O  O2    . C   B 2 11 ? -5.279  12.101  -4.946  0.40 30.73 ? 154 C   B O2    1 
ATOM   570  N  N3    . C   B 2 11 ? -6.319  10.370  -5.964  0.40 28.52 ? 154 C   B N3    1 
ATOM   571  C  C4    . C   B 2 11 ? -7.323  9.495   -5.944  0.40 28.36 ? 154 C   B C4    1 
ATOM   572  N  N4    . C   B 2 11 ? -7.423  8.629   -6.958  0.40 26.22 ? 154 C   B N4    1 
ATOM   573  C  C5    . C   B 2 11 ? -8.275  9.464   -4.879  0.40 27.33 ? 154 C   B C5    1 
ATOM   574  C  C6    . C   B 2 11 ? -8.131  10.351  -3.895  0.40 28.42 ? 154 C   B C6    1 
ATOM   575  P  P     . G   B 2 12 L -10.893 15.147  -3.245  0.40 46.56 ? 31  G   B P     1 
ATOM   576  O  OP1   . G   B 2 12 L -11.617 15.978  -2.226  0.40 46.30 ? 31  G   B OP1   1 
ATOM   577  O  OP2   . G   B 2 12 L -11.479 13.848  -3.706  0.40 43.38 ? 31  G   B OP2   1 
ATOM   578  O  "O5'" . G   B 2 12 L -10.592 16.014  -4.552  0.40 48.00 ? 31  G   B "O5'" 1 
ATOM   579  C  "C5'" . G   B 2 12 L -10.747 15.457  -5.885  0.40 48.27 ? 31  G   B "C5'" 1 
ATOM   580  C  "C4'" . G   B 2 12 L -9.529  15.773  -6.729  0.40 47.86 ? 31  G   B "C4'" 1 
ATOM   581  O  "O4'" . G   B 2 12 L -8.472  14.815  -6.427  0.40 47.68 ? 31  G   B "O4'" 1 
ATOM   582  C  "C3'" . G   B 2 12 L -9.701  15.672  -8.241  0.40 47.19 ? 31  G   B "C3'" 1 
ATOM   583  O  "O3'" . G   B 2 12 L -10.283 16.843  -8.806  0.40 45.74 ? 31  G   B "O3'" 1 
ATOM   584  C  "C2'" . G   B 2 12 L -8.299  15.347  -8.715  0.40 47.32 ? 31  G   B "C2'" 1 
ATOM   585  O  "O2'" . G   B 2 12 L -7.470  16.496  -8.737  0.40 49.13 ? 31  G   B "O2'" 1 
ATOM   586  C  "C1'" . G   B 2 12 L -7.861  14.372  -7.625  0.40 46.02 ? 31  G   B "C1'" 1 
ATOM   587  N  N9    . G   B 2 12 L -8.426  13.067  -7.946  0.40 43.90 ? 31  G   B N9    1 
ATOM   588  C  C8    . G   B 2 12 L -9.446  12.406  -7.293  0.40 43.98 ? 31  G   B C8    1 
ATOM   589  N  N7    . G   B 2 12 L -9.780  11.283  -7.871  0.40 43.51 ? 31  G   B N7    1 
ATOM   590  C  C5    . G   B 2 12 L -8.918  11.195  -8.962  0.40 43.37 ? 31  G   B C5    1 
ATOM   591  C  C6    . G   B 2 12 L -8.816  10.210  -9.989  0.40 43.16 ? 31  G   B C6    1 
ATOM   592  O  O6    . G   B 2 12 L -9.501  9.194   -10.155 0.40 43.23 ? 31  G   B O6    1 
ATOM   593  N  N1    . G   B 2 12 L -7.806  10.516  -10.900 0.40 42.06 ? 31  G   B N1    1 
ATOM   594  C  C2    . G   B 2 12 L -7.017  11.636  -10.855 0.40 41.67 ? 31  G   B C2    1 
ATOM   595  N  N2    . G   B 2 12 L -6.149  11.786  -11.858 0.40 40.83 ? 31  G   B N2    1 
ATOM   596  N  N3    . G   B 2 12 L -7.092  12.554  -9.906  0.40 42.04 ? 31  G   B N3    1 
ATOM   597  C  C4    . G   B 2 12 L -8.064  12.276  -9.004  0.40 43.47 ? 31  G   B C4    1 
ATOM   598  P  P     . U   B 2 13 L -11.870 17.022  -8.730  0.40 43.37 ? 32  U   B P     1 
ATOM   599  O  OP1   . U   B 2 13 L -12.314 17.944  -9.787  0.40 42.03 ? 32  U   B OP1   1 
ATOM   600  O  OP2   . U   B 2 13 L -12.193 17.330  -7.299  0.40 40.82 ? 32  U   B OP2   1 
ATOM   601  O  "O5'" . U   B 2 13 L -12.313 15.554  -9.167  0.40 41.93 ? 32  U   B "O5'" 1 
ATOM   602  C  "C5'" . U   B 2 13 L -13.578 15.307  -9.766  0.40 40.94 ? 32  U   B "C5'" 1 
ATOM   603  C  "C4'" . U   B 2 13 L -13.511 15.500  -11.260 0.40 40.21 ? 32  U   B "C4'" 1 
ATOM   604  O  "O4'" . U   B 2 13 L -13.275 16.887  -11.579 0.40 39.79 ? 32  U   B "O4'" 1 
ATOM   605  C  "C3'" . U   B 2 13 L -12.414 14.813  -12.047 0.40 41.17 ? 32  U   B "C3'" 1 
ATOM   606  O  "O3'" . U   B 2 13 L -12.689 13.454  -12.305 0.40 41.56 ? 32  U   B "O3'" 1 
ATOM   607  C  "C2'" . U   B 2 13 L -12.367 15.591  -13.358 0.40 40.56 ? 32  U   B "C2'" 1 
ATOM   608  O  "O2'" . U   B 2 13 L -13.221 15.052  -14.357 0.40 39.20 ? 32  U   B "O2'" 1 
ATOM   609  C  "C1'" . U   B 2 13 L -12.821 16.982  -12.916 0.40 40.20 ? 32  U   B "C1'" 1 
ATOM   610  N  N1    . U   B 2 13 L -11.763 17.993  -12.996 0.40 39.76 ? 32  U   B N1    1 
ATOM   611  C  C2    . U   B 2 13 L -11.137 18.168  -14.220 0.40 41.62 ? 32  U   B C2    1 
ATOM   612  O  O2    . U   B 2 13 L -11.458 17.550  -15.229 0.40 42.42 ? 32  U   B O2    1 
ATOM   613  N  N3    . U   B 2 13 L -10.137 19.106  -14.225 0.40 41.82 ? 32  U   B N3    1 
ATOM   614  C  C4    . U   B 2 13 L -9.731  19.881  -13.160 0.40 42.77 ? 32  U   B C4    1 
ATOM   615  O  O4    . U   B 2 13 L -8.778  20.649  -13.298 0.40 46.28 ? 32  U   B O4    1 
ATOM   616  C  C5    . U   B 2 13 L -10.451 19.654  -11.944 0.40 41.91 ? 32  U   B C5    1 
ATOM   617  C  C6    . U   B 2 13 L -11.409 18.734  -11.908 0.40 39.85 ? 32  U   B C6    1 
ATOM   618  P  P     . A   B 2 14 L -11.757 12.328  -11.657 0.40 39.52 ? 33  A   B P     1 
ATOM   619  O  OP1   . A   B 2 14 L -12.539 11.602  -10.625 0.40 39.82 ? 33  A   B OP1   1 
ATOM   620  O  OP2   . A   B 2 14 L -10.492 13.039  -11.265 0.40 36.86 ? 33  A   B OP2   1 
ATOM   621  O  "O5'" . A   B 2 14 L -11.565 11.352  -12.911 0.40 37.81 ? 33  A   B "O5'" 1 
ATOM   622  C  "C5'" . A   B 2 14 L -10.263 11.083  -13.458 0.40 36.58 ? 33  A   B "C5'" 1 
ATOM   623  C  "C4'" . A   B 2 14 L -10.029 11.879  -14.719 0.40 33.54 ? 33  A   B "C4'" 1 
ATOM   624  O  "O4'" . A   B 2 14 L -10.302 13.269  -14.448 0.40 30.29 ? 33  A   B "O4'" 1 
ATOM   625  C  "C3'" . A   B 2 14 L -8.577  11.882  -15.160 0.40 35.39 ? 33  A   B "C3'" 1 
ATOM   626  O  "O3'" . A   B 2 14 L -8.182  10.756  -15.904 0.40 38.85 ? 33  A   B "O3'" 1 
ATOM   627  C  "C2'" . A   B 2 14 L -8.379  13.198  -15.868 0.40 32.08 ? 33  A   B "C2'" 1 
ATOM   628  O  "O2'" . A   B 2 14 L -8.687  13.117  -17.243 0.40 33.26 ? 33  A   B "O2'" 1 
ATOM   629  C  "C1'" . A   B 2 14 L -9.335  14.083  -15.083 0.40 28.60 ? 33  A   B "C1'" 1 
ATOM   630  N  N9    . A   B 2 14 L -8.691  14.885  -14.059 0.40 21.88 ? 33  A   B N9    1 
ATOM   631  C  C8    . A   B 2 14 L -8.807  14.766  -12.708 0.40 19.90 ? 33  A   B C8    1 
ATOM   632  N  N7    . A   B 2 14 L -8.258  15.751  -12.047 0.40 18.11 ? 33  A   B N7    1 
ATOM   633  C  C5    . A   B 2 14 L -7.702  16.542  -13.034 0.40 17.98 ? 33  A   B C5    1 
ATOM   634  C  C6    . A   B 2 14 L -7.001  17.740  -12.985 0.40 18.32 ? 33  A   B C6    1 
ATOM   635  N  N6    . A   B 2 14 L -6.734  18.386  -11.855 0.40 18.98 ? 33  A   B N6    1 
ATOM   636  N  N1    . A   B 2 14 L -6.577  18.268  -14.149 0.40 20.02 ? 33  A   B N1    1 
ATOM   637  C  C2    . A   B 2 14 L -6.846  17.610  -15.286 0.40 20.97 ? 33  A   B C2    1 
ATOM   638  N  N3    . A   B 2 14 L -7.503  16.469  -15.455 0.40 20.81 ? 33  A   B N3    1 
ATOM   639  C  C4    . A   B 2 14 L -7.917  15.989  -14.274 0.40 19.86 ? 33  A   B C4    1 
ATOM   640  P  P     . A   B 2 15 L -7.218  9.684   -15.207 0.40 40.25 ? 34  A   B P     1 
ATOM   641  O  OP1   . A   B 2 15 L -7.507  8.308   -15.749 0.40 38.99 ? 34  A   B OP1   1 
ATOM   642  O  OP2   . A   B 2 15 L -7.285  9.950   -13.726 0.40 37.57 ? 34  A   B OP2   1 
ATOM   643  O  "O5'" . A   B 2 15 L -5.787  10.167  -15.710 0.40 38.11 ? 34  A   B "O5'" 1 
ATOM   644  C  "C5'" . A   B 2 15 L -5.496  10.240  -17.115 0.40 34.73 ? 34  A   B "C5'" 1 
ATOM   645  C  "C4'" . A   B 2 15 L -4.513  11.336  -17.363 0.40 32.21 ? 34  A   B "C4'" 1 
ATOM   646  O  "O4'" . A   B 2 15 L -5.047  12.519  -16.729 0.40 31.80 ? 34  A   B "O4'" 1 
ATOM   647  C  "C3'" . A   B 2 15 L -3.161  11.227  -16.674 0.40 32.40 ? 34  A   B "C3'" 1 
ATOM   648  O  "O3'" . A   B 2 15 L -2.247  10.366  -17.339 0.40 31.97 ? 34  A   B "O3'" 1 
ATOM   649  C  "C2'" . A   B 2 15 L -2.689  12.676  -16.619 0.40 31.45 ? 34  A   B "C2'" 1 
ATOM   650  O  "O2'" . A   B 2 15 L -2.153  13.144  -17.827 0.40 34.86 ? 34  A   B "O2'" 1 
ATOM   651  C  "C1'" . A   B 2 15 L -3.997  13.422  -16.473 0.40 29.84 ? 34  A   B "C1'" 1 
ATOM   652  N  N9    . A   B 2 15 L -4.167  14.023  -15.165 0.40 25.81 ? 34  A   B N9    1 
ATOM   653  C  C8    . A   B 2 15 L -4.656  13.496  -14.011 0.40 25.37 ? 34  A   B C8    1 
ATOM   654  N  N7    . A   B 2 15 L -4.688  14.352  -13.020 0.40 24.80 ? 34  A   B N7    1 
ATOM   655  C  C5    . A   B 2 15 L -4.183  15.517  -13.569 0.40 23.02 ? 34  A   B C5    1 
ATOM   656  C  C6    . A   B 2 15 L -3.971  16.802  -13.041 0.40 24.38 ? 34  A   B C6    1 
ATOM   657  N  N6    . A   B 2 15 L -4.237  17.145  -11.777 0.40 25.30 ? 34  A   B N6    1 
ATOM   658  N  N1    . A   B 2 15 L -3.462  17.743  -13.866 0.40 25.49 ? 34  A   B N1    1 
ATOM   659  C  C2    . A   B 2 15 L -3.180  17.400  -15.125 0.40 26.89 ? 34  A   B C2    1 
ATOM   660  N  N3    . A   B 2 15 L -3.331  16.219  -15.731 0.40 26.26 ? 34  A   B N3    1 
ATOM   661  C  C4    . A   B 2 15 L -3.846  15.319  -14.885 0.40 24.39 ? 34  A   B C4    1 
ATOM   662  P  P     . G   B 2 16 ? -2.016  8.868   -16.793 0.40 31.57 ? 164 G   B P     1 
ATOM   663  O  OP1   . G   B 2 16 ? -0.737  8.374   -17.381 0.40 31.40 ? 164 G   B OP1   1 
ATOM   664  O  OP2   . G   B 2 16 ? -3.257  8.075   -17.015 0.40 31.53 ? 164 G   B OP2   1 
ATOM   665  O  "O5'" . G   B 2 16 ? -1.800  9.094   -15.225 0.40 25.92 ? 164 G   B "O5'" 1 
ATOM   666  C  "C5'" . G   B 2 16 ? -0.489  9.310   -14.681 0.40 22.97 ? 164 G   B "C5'" 1 
ATOM   667  C  "C4'" . G   B 2 16 ? -0.486  10.575  -13.888 0.40 22.58 ? 164 G   B "C4'" 1 
ATOM   668  O  "O4'" . G   B 2 16 ? -1.839  11.042  -13.889 0.40 21.19 ? 164 G   B "O4'" 1 
ATOM   669  C  "C3'" . G   B 2 16 ? -0.122  10.454  -12.415 0.40 24.14 ? 164 G   B "C3'" 1 
ATOM   670  O  "O3'" . G   B 2 16 ? 1.268   10.442  -12.118 0.40 27.40 ? 164 G   B "O3'" 1 
ATOM   671  C  "C2'" . G   B 2 16 ? -1.014  11.465  -11.704 0.40 21.80 ? 164 G   B "C2'" 1 
ATOM   672  O  "O2'" . G   B 2 16 ? -0.607  12.807  -11.549 0.40 19.90 ? 164 G   B "O2'" 1 
ATOM   673  C  "C1'" . G   B 2 16 ? -2.253  11.354  -12.562 0.40 22.12 ? 164 G   B "C1'" 1 
ATOM   674  N  N9    . G   B 2 16 ? -3.031  10.227  -12.066 0.40 23.95 ? 164 G   B N9    1 
ATOM   675  C  C8    . G   B 2 16 ? -3.307  9.033   -12.701 0.40 23.09 ? 164 G   B C8    1 
ATOM   676  N  N7    . G   B 2 16 ? -4.074  8.253   -11.997 0.40 19.29 ? 164 G   B N7    1 
ATOM   677  C  C5    . G   B 2 16 ? -4.317  8.971   -10.847 0.40 20.02 ? 164 G   B C5    1 
ATOM   678  C  C6    . G   B 2 16 ? -5.086  8.656   -9.781  0.40 23.14 ? 164 G   B C6    1 
ATOM   679  O  O6    . G   B 2 16 ? -5.809  7.683   -9.658  0.40 29.41 ? 164 G   B O6    1 
ATOM   680  N  N1    . G   B 2 16 ? -5.011  9.622   -8.771  0.40 23.15 ? 164 G   B N1    1 
ATOM   681  C  C2    . G   B 2 16 ? -4.284  10.778  -8.844  0.40 22.24 ? 164 G   B C2    1 
ATOM   682  N  N2    . G   B 2 16 ? -4.271  11.551  -7.745  0.40 20.45 ? 164 G   B N2    1 
ATOM   683  N  N3    . G   B 2 16 ? -3.599  11.130  -9.910  0.40 20.65 ? 164 G   B N3    1 
ATOM   684  C  C4    . G   B 2 16 ? -3.651  10.175  -10.861 0.40 21.55 ? 164 G   B C4    1 
ATOM   685  P  P     . A   B 2 17 ? 1.944   9.065   -11.651 0.40 29.29 ? 163 A   B P     1 
ATOM   686  O  OP1   . A   B 2 17 ? 3.418   9.145   -11.908 0.40 29.50 ? 163 A   B OP1   1 
ATOM   687  O  OP2   . A   B 2 17 ? 1.155   7.898   -12.188 0.40 27.24 ? 163 A   B OP2   1 
ATOM   688  O  "O5'" . A   B 2 17 ? 1.770   9.175   -10.075 0.40 27.36 ? 163 A   B "O5'" 1 
ATOM   689  C  "C5'" . A   B 2 17 ? 2.510   10.181  -9.370  0.40 26.54 ? 163 A   B "C5'" 1 
ATOM   690  C  "C4'" . A   B 2 17 ? 1.660   10.811  -8.300  0.40 27.97 ? 163 A   B "C4'" 1 
ATOM   691  O  "O4'" . A   B 2 17 ? 0.266   10.801  -8.725  0.40 27.23 ? 163 A   B "O4'" 1 
ATOM   692  C  "C3'" . A   B 2 17 ? 1.567   10.145  -6.939  0.40 29.51 ? 163 A   B "C3'" 1 
ATOM   693  O  "O3'" . A   B 2 17 ? 2.676   10.355  -6.101  0.40 31.40 ? 163 A   B "O3'" 1 
ATOM   694  C  "C2'" . A   B 2 17 ? 0.303   10.738  -6.361  0.40 27.58 ? 163 A   B "C2'" 1 
ATOM   695  O  "O2'" . A   B 2 17 ? 0.577   12.056  -5.915  0.40 28.27 ? 163 A   B "O2'" 1 
ATOM   696  C  "C1'" . A   B 2 17 ? -0.588  10.755  -7.591  0.40 25.49 ? 163 A   B "C1'" 1 
ATOM   697  N  N9    . A   B 2 17 ? -1.397  9.545   -7.676  0.40 21.87 ? 163 A   B N9    1 
ATOM   698  C  C8    . A   B 2 17 ? -1.458  8.653   -8.712  0.40 23.77 ? 163 A   B C8    1 
ATOM   699  N  N7    . A   B 2 17 ? -2.336  7.689   -8.531  0.40 22.97 ? 163 A   B N7    1 
ATOM   700  C  C5    . A   B 2 17 ? -2.865  7.962   -7.284  0.40 20.40 ? 163 A   B C5    1 
ATOM   701  C  C6    . A   B 2 17 ? -3.832  7.317   -6.530  0.40 20.05 ? 163 A   B C6    1 
ATOM   702  N  N6    . A   B 2 17 ? -4.453  6.208   -6.940  0.40 18.72 ? 163 A   B N6    1 
ATOM   703  N  N1    . A   B 2 17 ? -4.144  7.841   -5.324  0.40 19.86 ? 163 A   B N1    1 
ATOM   704  C  C2    . A   B 2 17 ? -3.493  8.928   -4.921  0.40 21.02 ? 163 A   B C2    1 
ATOM   705  N  N3    . A   B 2 17 ? -2.547  9.623   -5.542  0.40 21.39 ? 163 A   B N3    1 
ATOM   706  C  C4    . A   B 2 17 ? -2.282  9.087   -6.737  0.40 20.77 ? 163 A   B C4    1 
ATOM   707  P  P     . G   B 2 18 ? 3.599   9.105   -5.727  0.40 32.27 ? 162 G   B P     1 
ATOM   708  O  OP1   . G   B 2 18 ? 4.984   9.668   -5.725  0.40 31.68 ? 162 G   B OP1   1 
ATOM   709  O  OP2   . G   B 2 18 ? 3.245   7.930   -6.606  0.40 28.70 ? 162 G   B OP2   1 
ATOM   710  O  "O5'" . G   B 2 18 ? 3.129   8.757   -4.236  0.40 33.66 ? 162 G   B "O5'" 1 
ATOM   711  C  "C5'" . G   B 2 18 ? 3.090   9.789   -3.199  0.40 34.32 ? 162 G   B "C5'" 1 
ATOM   712  C  "C4'" . G   B 2 18 ? 1.858   9.627   -2.329  0.40 34.28 ? 162 G   B "C4'" 1 
ATOM   713  O  "O4'" . G   B 2 18 ? 0.731   9.472   -3.221  0.40 33.36 ? 162 G   B "O4'" 1 
ATOM   714  C  "C3'" . G   B 2 18 ? 1.746   8.410   -1.407  0.40 35.63 ? 162 G   B "C3'" 1 
ATOM   715  O  "O3'" . G   B 2 18 ? 2.353   8.585   -0.136  0.40 39.35 ? 162 G   B "O3'" 1 
ATOM   716  C  "C2'" . G   B 2 18 ? 0.249   8.225   -1.261  0.40 33.52 ? 162 G   B "C2'" 1 
ATOM   717  O  "O2'" . G   B 2 18 ? -0.296  9.129   -0.320  0.40 34.54 ? 162 G   B "O2'" 1 
ATOM   718  C  "C1'" . G   B 2 18 ? -0.226  8.598   -2.657  0.40 31.15 ? 162 G   B "C1'" 1 
ATOM   719  N  N9    . G   B 2 18 ? -0.292  7.420   -3.498  0.40 27.20 ? 162 G   B N9    1 
ATOM   720  C  C8    . G   B 2 18 ? 0.608   7.017   -4.466  0.40 25.59 ? 162 G   B C8    1 
ATOM   721  N  N7    . G   B 2 18 ? 0.259   5.906   -5.052  0.40 24.59 ? 162 G   B N7    1 
ATOM   722  C  C5    . G   B 2 18 ? -0.934  5.565   -4.429  0.40 26.25 ? 162 G   B C5    1 
ATOM   723  C  C6    . G   B 2 18 ? -1.782  4.463   -4.636  0.40 29.98 ? 162 G   B C6    1 
ATOM   724  O  O6    . G   B 2 18 ? -1.654  3.540   -5.452  0.40 35.67 ? 162 G   B O6    1 
ATOM   725  N  N1    . G   B 2 18 ? -2.888  4.485   -3.782  0.40 29.57 ? 162 G   B N1    1 
ATOM   726  C  C2    . G   B 2 18 ? -3.159  5.469   -2.878  0.40 27.92 ? 162 G   B C2    1 
ATOM   727  N  N2    . G   B 2 18 ? -4.316  5.316   -2.205  0.40 27.14 ? 162 G   B N2    1 
ATOM   728  N  N3    . G   B 2 18 ? -2.363  6.516   -2.662  0.40 25.79 ? 162 G   B N3    1 
ATOM   729  C  C4    . G   B 2 18 ? -1.277  6.491   -3.468  0.40 26.07 ? 162 G   B C4    1 
ATOM   730  P  P     . U   B 2 19 ? 3.598   7.632   0.258   0.40 42.87 ? 161 U   B P     1 
ATOM   731  O  OP1   . U   B 2 19 ? 4.766   8.527   0.534   0.40 42.89 ? 161 U   B OP1   1 
ATOM   732  O  OP2   . U   B 2 19 ? 3.725   6.527   -0.753  0.40 37.87 ? 161 U   B OP2   1 
ATOM   733  O  "O5'" . U   B 2 19 ? 3.127   6.958   1.626   0.40 40.96 ? 161 U   B "O5'" 1 
ATOM   734  C  "C5'" . U   B 2 19 ? 2.895   7.760   2.801   0.40 39.52 ? 161 U   B "C5'" 1 
ATOM   735  C  "C4'" . U   B 2 19 ? 1.995   7.029   3.762   0.40 38.39 ? 161 U   B "C4'" 1 
ATOM   736  O  "O4'" . U   B 2 19 ? 0.815   6.632   3.020   0.40 38.27 ? 161 U   B "O4'" 1 
ATOM   737  C  "C3'" . U   B 2 19 ? 2.544   5.762   4.421   0.40 37.87 ? 161 U   B "C3'" 1 
ATOM   738  O  "O3'" . U   B 2 19 ? 2.228   5.713   5.799   0.40 37.28 ? 161 U   B "O3'" 1 
ATOM   739  C  "C2'" . U   B 2 19 ? 1.892   4.615   3.665   0.40 38.00 ? 161 U   B "C2'" 1 
ATOM   740  O  "O2'" . U   B 2 19 ? 1.600   3.514   4.513   0.40 36.84 ? 161 U   B "O2'" 1 
ATOM   741  C  "C1'" . U   B 2 19 ? 0.606   5.244   3.146   0.40 36.67 ? 161 U   B "C1'" 1 
ATOM   742  N  N1    . U   B 2 19 ? 0.258   4.718   1.819   0.40 34.49 ? 161 U   B N1    1 
ATOM   743  C  C2    . U   B 2 19 ? -0.800  5.287   1.157   0.40 33.49 ? 161 U   B C2    1 
ATOM   744  O  O2    . U   B 2 19 ? -1.383  6.267   1.578   0.40 35.18 ? 161 U   B O2    1 
ATOM   745  N  N3    . U   B 2 19 ? -1.145  4.674   -0.024  0.40 32.15 ? 161 U   B N3    1 
ATOM   746  C  C4    . U   B 2 19 ? -0.534  3.582   -0.600  0.40 32.14 ? 161 U   B C4    1 
ATOM   747  O  O4    . U   B 2 19 ? -1.054  3.043   -1.583  0.40 30.45 ? 161 U   B O4    1 
ATOM   748  C  C5    . U   B 2 19 ? 0.598   3.091   0.123   0.40 33.53 ? 161 U   B C5    1 
ATOM   749  C  C6    . U   B 2 19 ? 0.947   3.659   1.276   0.40 33.45 ? 161 U   B C6    1 
HETATM 750  P  PC    . CCC B 2 20 ? -2.825  9.993   9.088   0.40 45.35 ? 170 CCC B PC    1 
HETATM 751  O  O1C   . CCC B 2 20 ? -3.181  8.788   9.882   0.40 45.56 ? 170 CCC B O1C   1 
HETATM 752  O  O2C   . CCC B 2 20 ? -2.452  11.430  9.239   0.40 45.05 ? 170 CCC B O2C   1 
HETATM 753  P  P     . CCC B 2 20 ? 2.867   6.799   6.787   0.40 38.70 ? 170 CCC B P     1 
HETATM 754  O  OP1   . CCC B 2 20 ? 3.884   7.550   6.019   0.40 39.89 ? 170 CCC B OP1   1 
HETATM 755  O  OP2   . CCC B 2 20 ? 3.265   6.078   8.018   0.40 39.03 ? 170 CCC B OP2   1 
HETATM 756  O  "O5'" . CCC B 2 20 ? 1.678   7.797   7.148   0.40 39.89 ? 170 CCC B "O5'" 1 
HETATM 757  C  "C5'" . CCC B 2 20 ? 1.324   8.914   6.291   0.40 39.71 ? 170 CCC B "C5'" 1 
HETATM 758  C  "C4'" . CCC B 2 20 ? 0.351   9.809   7.023   0.40 40.01 ? 170 CCC B "C4'" 1 
HETATM 759  O  "O4'" . CCC B 2 20 ? -0.146  10.856  6.155   0.40 39.04 ? 170 CCC B "O4'" 1 
HETATM 760  C  "C3'" . CCC B 2 20 ? -0.877  9.052   7.554   0.40 40.94 ? 170 CCC B "C3'" 1 
HETATM 761  O  "O3'" . CCC B 2 20 ? -1.305  9.492   8.830   0.40 43.02 ? 170 CCC B "O3'" 1 
HETATM 762  C  "C2'" . CCC B 2 20 ? -2.008  9.597   6.679   0.40 40.12 ? 170 CCC B "C2'" 1 
HETATM 763  O  "O2'" . CCC B 2 20 ? -3.173  9.763   7.462   0.40 40.88 ? 170 CCC B "O2'" 1 
HETATM 764  C  "C1'" . CCC B 2 20 ? -1.499  11.012  6.445   0.40 38.79 ? 170 CCC B "C1'" 1 
HETATM 765  N  N1    . CCC B 2 20 ? -2.197  11.742  5.376   0.40 35.17 ? 170 CCC B N1    1 
HETATM 766  C  C2    . CCC B 2 20 ? -2.000  13.107  5.281   0.40 32.23 ? 170 CCC B C2    1 
HETATM 767  O  O2    . CCC B 2 20 ? -1.113  13.637  5.962   0.40 30.64 ? 170 CCC B O2    1 
HETATM 768  N  N3    . CCC B 2 20 ? -2.772  13.820  4.440   0.40 30.82 ? 170 CCC B N3    1 
HETATM 769  C  C4    . CCC B 2 20 ? -3.695  13.209  3.698   0.40 30.78 ? 170 CCC B C4    1 
HETATM 770  N  N4    . CCC B 2 20 ? -4.486  13.972  2.943   0.40 31.14 ? 170 CCC B N4    1 
HETATM 771  C  C5    . CCC B 2 20 ? -3.854  11.801  3.710   0.40 30.26 ? 170 CCC B C5    1 
HETATM 772  C  C6    . CCC B 2 20 ? -3.084  11.110  4.551   0.40 32.30 ? 170 CCC B C6    1 
ATOM   773  O  "O5'" . A   C 3 1  ? 1.824   4.946   12.114  0.40 58.56 ? 11  A   C "O5'" 1 
ATOM   774  C  "C5'" . A   C 3 1  ? 1.456   5.531   13.375  0.40 56.49 ? 11  A   C "C5'" 1 
ATOM   775  C  "C4'" . A   C 3 1  ? 0.701   4.547   14.238  0.40 55.31 ? 11  A   C "C4'" 1 
ATOM   776  O  "O4'" . A   C 3 1  ? -0.400  3.990   13.475  0.40 55.16 ? 11  A   C "O4'" 1 
ATOM   777  C  "C3'" . A   C 3 1  ? 1.431   3.312   14.748  0.40 55.71 ? 11  A   C "C3'" 1 
ATOM   778  O  "O3'" . A   C 3 1  ? 2.302   3.511   15.871  0.40 54.88 ? 11  A   C "O3'" 1 
ATOM   779  C  "C2'" . A   C 3 1  ? 0.261   2.398   15.098  0.40 55.81 ? 11  A   C "C2'" 1 
ATOM   780  O  "O2'" . A   C 3 1  ? -0.398  2.749   16.296  0.40 56.45 ? 11  A   C "O2'" 1 
ATOM   781  C  "C1'" . A   C 3 1  ? -0.706  2.697   13.965  0.40 55.69 ? 11  A   C "C1'" 1 
ATOM   782  N  N9    . A   C 3 1  ? -0.502  1.716   12.909  0.40 55.65 ? 11  A   C N9    1 
ATOM   783  C  C8    . A   C 3 1  ? 0.223   1.825   11.759  0.40 55.90 ? 11  A   C C8    1 
ATOM   784  N  N7    . A   C 3 1  ? 0.220   0.735   11.034  0.40 56.86 ? 11  A   C N7    1 
ATOM   785  C  C5    . A   C 3 1  ? -0.566  -0.147  11.759  0.40 55.88 ? 11  A   C C5    1 
ATOM   786  C  C6    . A   C 3 1  ? -0.961  -1.473  11.528  0.40 55.97 ? 11  A   C C6    1 
ATOM   787  N  N6    . A   C 3 1  ? -0.576  -2.182  10.463  0.40 57.28 ? 11  A   C N6    1 
ATOM   788  N  N1    . A   C 3 1  ? -1.764  -2.056  12.441  0.40 54.40 ? 11  A   C N1    1 
ATOM   789  C  C2    . A   C 3 1  ? -2.118  -1.354  13.516  0.40 54.64 ? 11  A   C C2    1 
ATOM   790  N  N3    . A   C 3 1  ? -1.799  -0.111  13.849  0.40 55.75 ? 11  A   C N3    1 
ATOM   791  C  C4    . A   C 3 1  ? -1.016  0.444   12.913  0.40 55.42 ? 11  A   C C4    1 
ATOM   792  P  P     . C   C 3 2  ? 1.797   4.316   17.168  0.40 53.42 ? 12  C   C P     1 
ATOM   793  O  OP1   . C   C 3 2  ? 0.702   5.240   16.728  0.40 52.22 ? 12  C   C OP1   1 
ATOM   794  O  OP2   . C   C 3 2  ? 3.001   4.876   17.855  0.40 52.52 ? 12  C   C OP2   1 
ATOM   795  O  "O5'" . C   C 3 2  ? 1.154   3.170   18.091  0.40 50.06 ? 12  C   C "O5'" 1 
ATOM   796  C  "C5'" . C   C 3 2  ? 1.661   1.798   18.129  0.40 43.41 ? 12  C   C "C5'" 1 
ATOM   797  C  "C4'" . C   C 3 2  ? 0.509   0.830   18.359  0.40 39.83 ? 12  C   C "C4'" 1 
ATOM   798  O  "O4'" . C   C 3 2  ? -0.085  0.485   17.083  0.40 37.61 ? 12  C   C "O4'" 1 
ATOM   799  C  "C3'" . C   C 3 2  ? 0.797   -0.533  18.978  0.40 39.74 ? 12  C   C "C3'" 1 
ATOM   800  O  "O3'" . C   C 3 2  ? 0.802   -0.534  20.382  0.40 41.04 ? 12  C   C "O3'" 1 
ATOM   801  C  "C2'" . C   C 3 2  ? -0.350  -1.402  18.522  0.40 37.26 ? 12  C   C "C2'" 1 
ATOM   802  O  "O2'" . C   C 3 2  ? -1.418  -1.320  19.446  0.40 36.44 ? 12  C   C "O2'" 1 
ATOM   803  C  "C1'" . C   C 3 2  ? -0.627  -0.830  17.133  0.40 35.20 ? 12  C   C "C1'" 1 
ATOM   804  N  N1    . C   C 3 2  ? 0.061   -1.631  16.119  0.40 31.38 ? 12  C   C N1    1 
ATOM   805  C  C2    . C   C 3 2  ? -0.357  -2.957  15.895  0.40 30.53 ? 12  C   C C2    1 
ATOM   806  O  O2    . C   C 3 2  ? -1.315  -3.402  16.525  0.40 30.31 ? 12  C   C O2    1 
ATOM   807  N  N3    . C   C 3 2  ? 0.296   -3.712  14.995  0.40 28.32 ? 12  C   C N3    1 
ATOM   808  C  C4    . C   C 3 2  ? 1.321   -3.194  14.320  0.40 28.42 ? 12  C   C C4    1 
ATOM   809  N  N4    . C   C 3 2  ? 1.938   -3.977  13.448  0.40 29.23 ? 12  C   C N4    1 
ATOM   810  C  C5    . C   C 3 2  ? 1.758   -1.845  14.514  0.40 29.06 ? 12  C   C C5    1 
ATOM   811  C  C6    . C   C 3 2  ? 1.105   -1.107  15.415  0.40 28.70 ? 12  C   C C6    1 
ATOM   812  P  P     . C   C 3 3  ? 2.144   -0.900  21.154  0.40 40.91 ? 13  C   C P     1 
ATOM   813  O  OP1   . C   C 3 3  ? 2.603   0.286   21.941  0.40 41.16 ? 13  C   C OP1   1 
ATOM   814  O  OP2   . C   C 3 3  ? 3.067   -1.543  20.170  0.40 40.68 ? 13  C   C OP2   1 
ATOM   815  O  "O5'" . C   C 3 3  ? 1.620   -2.040  22.120  0.40 38.47 ? 13  C   C "O5'" 1 
ATOM   816  C  "C5'" . C   C 3 3  ? 1.972   -3.394  21.875  0.40 36.24 ? 13  C   C "C5'" 1 
ATOM   817  C  "C4'" . C   C 3 3  ? 0.740   -4.224  21.684  0.40 33.35 ? 13  C   C "C4'" 1 
ATOM   818  O  "O4'" . C   C 3 3  ? 0.285   -4.093  20.321  0.40 31.83 ? 13  C   C "O4'" 1 
ATOM   819  C  "C3'" . C   C 3 3  ? 1.006   -5.709  21.829  0.40 32.40 ? 13  C   C "C3'" 1 
ATOM   820  O  "O3'" . C   C 3 3  ? 1.074   -6.113  23.162  0.40 32.75 ? 13  C   C "O3'" 1 
ATOM   821  C  "C2'" . C   C 3 3  ? -0.044  -6.379  20.983  0.40 30.96 ? 13  C   C "C2'" 1 
ATOM   822  O  "O2'" . C   C 3 3  ? -1.244  -6.636  21.679  0.40 28.80 ? 13  C   C "O2'" 1 
ATOM   823  C  "C1'" . C   C 3 3  ? -0.161  -5.365  19.848  0.40 31.84 ? 13  C   C "C1'" 1 
ATOM   824  N  N1    . C   C 3 3  ? 0.661   -5.741  18.684  0.40 31.51 ? 13  C   C N1    1 
ATOM   825  C  C2    . C   C 3 3  ? 0.641   -7.071  18.232  0.40 32.44 ? 13  C   C C2    1 
ATOM   826  O  O2    . C   C 3 3  ? 0.012   -7.920  18.890  0.40 33.82 ? 13  C   C O2    1 
ATOM   827  N  N3    . C   C 3 3  ? 1.307   -7.395  17.095  0.40 31.78 ? 13  C   C N3    1 
ATOM   828  C  C4    . C   C 3 3  ? 1.981   -6.453  16.431  0.40 31.76 ? 13  C   C C4    1 
ATOM   829  N  N4    . C   C 3 3  ? 2.585   -6.789  15.291  0.40 30.47 ? 13  C   C N4    1 
ATOM   830  C  C5    . C   C 3 3  ? 2.062   -5.110  16.904  0.40 32.19 ? 13  C   C C5    1 
ATOM   831  C  C6    . C   C 3 3  ? 1.404   -4.803  18.025  0.40 31.37 ? 13  C   C C6    1 
ATOM   832  P  P     . A   C 3 4  ? 2.504   -6.155  23.866  0.40 33.66 ? 14  A   C P     1 
ATOM   833  O  OP1   . A   C 3 4  ? 2.345   -5.685  25.265  0.40 33.07 ? 14  A   C OP1   1 
ATOM   834  O  OP2   . A   C 3 4  ? 3.524   -5.490  22.991  0.40 33.46 ? 14  A   C OP2   1 
ATOM   835  O  "O5'" . A   C 3 4  ? 2.762   -7.726  23.824  0.40 32.22 ? 14  A   C "O5'" 1 
ATOM   836  C  "C5'" . A   C 3 4  ? 1.841   -8.621  24.461  0.40 30.93 ? 14  A   C "C5'" 1 
ATOM   837  C  "C4'" . A   C 3 4  ? 1.509   -9.765  23.557  0.40 30.33 ? 14  A   C "C4'" 1 
ATOM   838  O  "O4'" . A   C 3 4  ? 1.234   -9.207  22.260  0.40 30.74 ? 14  A   C "O4'" 1 
ATOM   839  C  "C3'" . A   C 3 4  ? 2.579   -10.794 23.252  0.40 31.72 ? 14  A   C "C3'" 1 
ATOM   840  O  "O3'" . A   C 3 4  ? 2.757   -11.770 24.245  0.40 33.71 ? 14  A   C "O3'" 1 
ATOM   841  C  "C2'" . A   C 3 4  ? 2.121   -11.374 21.932  0.40 31.98 ? 14  A   C "C2'" 1 
ATOM   842  O  "O2'" . A   C 3 4  ? 1.083   -12.321 22.063  0.40 32.85 ? 14  A   C "O2'" 1 
ATOM   843  C  "C1'" . A   C 3 4  ? 1.591   -10.131 21.250  0.40 31.04 ? 14  A   C "C1'" 1 
ATOM   844  N  N9    . A   C 3 4  ? 2.600   -9.524  20.382  0.40 30.75 ? 14  A   C N9    1 
ATOM   845  C  C8    . A   C 3 4  ? 3.144   -8.261  20.417  0.40 30.39 ? 14  A   C C8    1 
ATOM   846  N  N7    . A   C 3 4  ? 3.948   -8.010  19.410  0.40 30.54 ? 14  A   C N7    1 
ATOM   847  C  C5    . A   C 3 4  ? 3.946   -9.190  18.679  0.40 28.17 ? 14  A   C C5    1 
ATOM   848  C  C6    . A   C 3 4  ? 4.559   -9.551  17.474  0.40 29.02 ? 14  A   C C6    1 
ATOM   849  N  N6    . A   C 3 4  ? 5.255   -8.712  16.719  0.40 28.84 ? 14  A   C N6    1 
ATOM   850  N  N1    . A   C 3 4  ? 4.398   -10.815 17.041  0.40 30.85 ? 14  A   C N1    1 
ATOM   851  C  C2    . A   C 3 4  ? 3.620   -11.641 17.757  0.40 32.85 ? 14  A   C C2    1 
ATOM   852  N  N3    . A   C 3 4  ? 2.946   -11.401 18.882  0.40 31.21 ? 14  A   C N3    1 
ATOM   853  C  C4    . A   C 3 4  ? 3.157   -10.141 19.292  0.40 29.46 ? 14  A   C C4    1 
ATOM   854  P  P     . C   C 3 5  ? 3.930   -11.579 25.315  0.40 36.39 ? 15  C   C P     1 
ATOM   855  O  OP1   . C   C 3 5  ? 4.081   -12.934 25.894  0.40 37.56 ? 15  C   C OP1   1 
ATOM   856  O  OP2   . C   C 3 5  ? 3.769   -10.404 26.220  0.40 36.15 ? 15  C   C OP2   1 
ATOM   857  O  "O5'" . C   C 3 5  ? 5.207   -11.311 24.408  0.40 37.17 ? 15  C   C "O5'" 1 
ATOM   858  C  "C5'" . C   C 3 5  ? 6.143   -12.370 24.156  0.40 39.15 ? 15  C   C "C5'" 1 
ATOM   859  C  "C4'" . C   C 3 5  ? 5.466   -13.439 23.356  0.40 39.66 ? 15  C   C "C4'" 1 
ATOM   860  O  "O4'" . C   C 3 5  ? 4.701   -12.771 22.330  0.40 39.40 ? 15  C   C "O4'" 1 
ATOM   861  C  "C3'" . C   C 3 5  ? 6.417   -14.379 22.633  0.40 40.56 ? 15  C   C "C3'" 1 
ATOM   862  O  "O3'" . C   C 3 5  ? 7.100   -15.366 23.434  0.40 41.32 ? 15  C   C "O3'" 1 
ATOM   863  C  "C2'" . C   C 3 5  ? 5.696   -14.654 21.311  0.40 39.51 ? 15  C   C "C2'" 1 
ATOM   864  O  "O2'" . C   C 3 5  ? 4.660   -15.629 21.378  0.40 38.03 ? 15  C   C "O2'" 1 
ATOM   865  C  "C1'" . C   C 3 5  ? 5.053   -13.289 21.060  0.40 37.90 ? 15  C   C "C1'" 1 
ATOM   866  N  N1    . C   C 3 5  ? 5.947   -12.303 20.427  0.40 33.95 ? 15  C   C N1    1 
ATOM   867  C  C2    . C   C 3 5  ? 6.626   -12.656 19.283  0.40 32.22 ? 15  C   C C2    1 
ATOM   868  O  O2    . C   C 3 5  ? 6.540   -13.820 18.878  0.40 31.36 ? 15  C   C O2    1 
ATOM   869  N  N3    . C   C 3 5  ? 7.372   -11.728 18.648  0.40 32.10 ? 15  C   C N3    1 
ATOM   870  C  C4    . C   C 3 5  ? 7.476   -10.497 19.155  0.40 32.43 ? 15  C   C C4    1 
ATOM   871  N  N4    . C   C 3 5  ? 8.220   -9.616  18.506  0.40 33.74 ? 15  C   C N4    1 
ATOM   872  C  C5    . C   C 3 5  ? 6.824   -10.120 20.354  0.40 31.46 ? 15  C   C C5    1 
ATOM   873  C  C6    . C   C 3 5  ? 6.079   -11.045 20.953  0.40 33.28 ? 15  C   C C6    1 
ATOM   874  O  "O5'" . G   D 4 1  ? 12.934  -4.906  5.682   0.60 62.17 ? 114 G   D "O5'" 1 
ATOM   875  C  "C5'" . G   D 4 1  ? 12.768  -6.278  5.275   0.60 61.99 ? 114 G   D "C5'" 1 
ATOM   876  C  "C4'" . G   D 4 1  ? 14.025  -6.751  4.597   0.60 60.53 ? 114 G   D "C4'" 1 
ATOM   877  O  "O4'" . G   D 4 1  ? 14.061  -8.204  4.520   0.60 61.84 ? 114 G   D "O4'" 1 
ATOM   878  C  "C3'" . G   D 4 1  ? 14.216  -6.327  3.158   0.60 60.45 ? 114 G   D "C3'" 1 
ATOM   879  O  "O3'" . G   D 4 1  ? 14.590  -4.993  2.997   0.60 55.98 ? 114 G   D "O3'" 1 
ATOM   880  C  "C2'" . G   D 4 1  ? 15.231  -7.318  2.648   0.60 62.14 ? 114 G   D "C2'" 1 
ATOM   881  O  "O2'" . G   D 4 1  ? 16.511  -6.891  3.070   0.60 65.66 ? 114 G   D "O2'" 1 
ATOM   882  C  "C1'" . G   D 4 1  ? 14.762  -8.600  3.345   0.60 62.10 ? 114 G   D "C1'" 1 
ATOM   883  N  N9    . G   D 4 1  ? 13.868  -9.376  2.478   0.60 62.31 ? 114 G   D N9    1 
ATOM   884  C  C8    . G   D 4 1  ? 12.596  -9.852  2.745   0.60 61.49 ? 114 G   D C8    1 
ATOM   885  N  N7    . G   D 4 1  ? 12.085  -10.538 1.754   0.60 58.70 ? 114 G   D N7    1 
ATOM   886  C  C5    . G   D 4 1  ? 13.079  -10.527 0.780   0.60 61.77 ? 114 G   D C5    1 
ATOM   887  C  C6    . G   D 4 1  ? 13.136  -11.144 -0.515  0.60 62.70 ? 114 G   D C6    1 
ATOM   888  O  O6    . G   D 4 1  ? 12.315  -11.887 -1.060  0.60 65.21 ? 114 G   D O6    1 
ATOM   889  N  N1    . G   D 4 1  ? 14.320  -10.831 -1.186  0.60 61.24 ? 114 G   D N1    1 
ATOM   890  C  C2    . G   D 4 1  ? 15.319  -10.043 -0.687  0.60 60.95 ? 114 G   D C2    1 
ATOM   891  N  N2    . G   D 4 1  ? 16.340  -9.815  -1.512  0.60 62.17 ? 114 G   D N2    1 
ATOM   892  N  N3    . G   D 4 1  ? 15.310  -9.506  0.523   0.60 60.91 ? 114 G   D N3    1 
ATOM   893  C  C4    . G   D 4 1  ? 14.169  -9.787  1.198   0.60 61.94 ? 114 G   D C4    1 
ATOM   894  P  P     . G   D 4 2  ? 13.446  -3.929  2.719   0.60 54.08 ? 113 G   D P     1 
ATOM   895  O  OP1   . G   D 4 2  ? 13.538  -2.862  3.742   0.60 52.28 ? 113 G   D OP1   1 
ATOM   896  O  OP2   . G   D 4 2  ? 12.181  -4.691  2.526   0.60 52.77 ? 113 G   D OP2   1 
ATOM   897  O  "O5'" . G   D 4 2  ? 13.849  -3.338  1.310   0.60 53.99 ? 113 G   D "O5'" 1 
ATOM   898  C  "C5'" . G   D 4 2  ? 15.113  -2.719  1.150   0.60 52.91 ? 113 G   D "C5'" 1 
ATOM   899  C  "C4'" . G   D 4 2  ? 15.763  -3.204  -0.106  0.60 50.95 ? 113 G   D "C4'" 1 
ATOM   900  O  "O4'" . G   D 4 2  ? 15.956  -4.635  -0.052  0.60 51.30 ? 113 G   D "O4'" 1 
ATOM   901  C  "C3'" . G   D 4 2  ? 14.952  -3.041  -1.364  0.60 51.08 ? 113 G   D "C3'" 1 
ATOM   902  O  "O3'" . G   D 4 2  ? 14.945  -1.736  -1.811  0.60 52.24 ? 113 G   D "O3'" 1 
ATOM   903  C  "C2'" . G   D 4 2  ? 15.560  -4.038  -2.317  0.60 49.47 ? 113 G   D "C2'" 1 
ATOM   904  O  "O2'" . G   D 4 2  ? 16.750  -3.527  -2.885  0.60 50.57 ? 113 G   D "O2'" 1 
ATOM   905  C  "C1'" . G   D 4 2  ? 15.836  -5.184  -1.361  0.60 48.08 ? 113 G   D "C1'" 1 
ATOM   906  N  N9    . G   D 4 2  ? 14.710  -6.102  -1.376  0.60 41.97 ? 113 G   D N9    1 
ATOM   907  C  C8    . G   D 4 2  ? 13.809  -6.353  -0.371  0.60 42.18 ? 113 G   D C8    1 
ATOM   908  N  N7    . G   D 4 2  ? 12.924  -7.254  -0.696  0.60 40.65 ? 113 G   D N7    1 
ATOM   909  C  C5    . G   D 4 2  ? 13.264  -7.604  -1.992  0.60 40.29 ? 113 G   D C5    1 
ATOM   910  C  C6    . G   D 4 2  ? 12.657  -8.524  -2.880  0.60 40.20 ? 113 G   D C6    1 
ATOM   911  O  O6    . G   D 4 2  ? 11.669  -9.226  -2.695  0.60 41.46 ? 113 G   D O6    1 
ATOM   912  N  N1    . G   D 4 2  ? 13.317  -8.570  -4.099  0.60 41.50 ? 113 G   D N1    1 
ATOM   913  C  C2    . G   D 4 2  ? 14.416  -7.805  -4.426  0.60 43.65 ? 113 G   D C2    1 
ATOM   914  N  N2    . G   D 4 2  ? 14.919  -8.008  -5.657  0.60 46.89 ? 113 G   D N2    1 
ATOM   915  N  N3    . G   D 4 2  ? 14.980  -6.921  -3.611  0.60 38.42 ? 113 G   D N3    1 
ATOM   916  C  C4    . G   D 4 2  ? 14.360  -6.885  -2.420  0.60 39.71 ? 113 G   D C4    1 
ATOM   917  P  P     . C   D 4 3  ? 13.604  -0.908  -1.654  0.60 52.32 ? 112 C   D P     1 
ATOM   918  O  OP1   . C   D 4 3  ? 14.057  0.461   -1.287  0.60 53.87 ? 112 C   D OP1   1 
ATOM   919  O  OP2   . C   D 4 3  ? 12.674  -1.649  -0.745  0.60 49.97 ? 112 C   D OP2   1 
ATOM   920  O  "O5'" . C   D 4 3  ? 13.028  -1.017  -3.145  0.60 50.61 ? 112 C   D "O5'" 1 
ATOM   921  C  "C5'" . C   D 4 3  ? 13.894  -0.787  -4.296  0.60 44.08 ? 112 C   D "C5'" 1 
ATOM   922  C  "C4'" . C   D 4 3  ? 13.820  -1.935  -5.298  0.60 40.34 ? 112 C   D "C4'" 1 
ATOM   923  O  "O4'" . C   D 4 3  ? 13.957  -3.206  -4.616  0.60 36.42 ? 112 C   D "O4'" 1 
ATOM   924  C  "C3'" . C   D 4 3  ? 12.568  -2.195  -6.128  0.60 40.84 ? 112 C   D "C3'" 1 
ATOM   925  O  "O3'" . C   D 4 3  ? 12.385  -1.332  -7.225  0.60 45.18 ? 112 C   D "O3'" 1 
ATOM   926  C  "C2'" . C   D 4 3  ? 12.789  -3.603  -6.636  0.60 36.14 ? 112 C   D "C2'" 1 
ATOM   927  O  "O2'" . C   D 4 3  ? 13.623  -3.666  -7.760  0.60 37.28 ? 112 C   D "O2'" 1 
ATOM   928  C  "C1'" . C   D 4 3  ? 13.487  -4.242  -5.456  0.60 31.76 ? 112 C   D "C1'" 1 
ATOM   929  N  N1    . C   D 4 3  ? 12.437  -4.973  -4.795  0.60 24.46 ? 112 C   D N1    1 
ATOM   930  C  C2    . C   D 4 3  ? 11.837  -5.984  -5.506  0.60 22.01 ? 112 C   D C2    1 
ATOM   931  O  O2    . C   D 4 3  ? 12.251  -6.214  -6.637  0.60 18.96 ? 112 C   D O2    1 
ATOM   932  N  N3    . C   D 4 3  ? 10.827  -6.691  -4.960  0.60 18.19 ? 112 C   D N3    1 
ATOM   933  C  C4    . C   D 4 3  ? 10.421  -6.407  -3.728  0.60 21.67 ? 112 C   D C4    1 
ATOM   934  N  N4    . C   D 4 3  ? 9.424   -7.127  -3.211  0.60 20.55 ? 112 C   D N4    1 
ATOM   935  C  C5    . C   D 4 3  ? 11.026  -5.366  -2.962  0.60 26.48 ? 112 C   D C5    1 
ATOM   936  C  C6    . C   D 4 3  ? 12.028  -4.677  -3.534  0.60 26.07 ? 112 C   D C6    1 
ATOM   937  P  P     . C   D 4 4  ? 11.165  -0.292  -7.209  0.60 48.01 ? 111 C   D P     1 
ATOM   938  O  OP1   . C   D 4 4  ? 11.689  0.984   -7.817  0.60 47.28 ? 111 C   D OP1   1 
ATOM   939  O  OP2   . C   D 4 4  ? 10.507  -0.243  -5.866  0.60 48.23 ? 111 C   D OP2   1 
ATOM   940  O  "O5'" . C   D 4 4  ? 10.138  -1.027  -8.176  0.60 45.45 ? 111 C   D "O5'" 1 
ATOM   941  C  "C5'" . C   D 4 4  ? 10.324  -0.983  -9.586  0.60 42.05 ? 111 C   D "C5'" 1 
ATOM   942  C  "C4'" . C   D 4 4  ? 9.967   -2.302  -10.206 0.60 40.03 ? 111 C   D "C4'" 1 
ATOM   943  O  "O4'" . C   D 4 4  ? 10.439  -3.358  -9.334  0.60 37.68 ? 111 C   D "O4'" 1 
ATOM   944  C  "C3'" . C   D 4 4  ? 8.509   -2.695  -10.389 0.60 40.09 ? 111 C   D "C3'" 1 
ATOM   945  O  "O3'" . C   D 4 4  ? 7.843   -2.064  -11.456 0.60 43.39 ? 111 C   D "O3'" 1 
ATOM   946  C  "C2'" . C   D 4 4  ? 8.613   -4.187  -10.597 0.60 37.55 ? 111 C   D "C2'" 1 
ATOM   947  O  "O2'" . C   D 4 4  ? 9.055   -4.491  -11.896 0.60 39.08 ? 111 C   D "O2'" 1 
ATOM   948  C  "C1'" . C   D 4 4  ? 9.701   -4.539  -9.599  0.60 35.09 ? 111 C   D "C1'" 1 
ATOM   949  N  N1    . C   D 4 4  ? 9.038   -4.995  -8.384  0.60 29.28 ? 111 C   D N1    1 
ATOM   950  C  C2    . C   D 4 4  ? 8.214   -6.119  -8.489  0.60 28.20 ? 111 C   D C2    1 
ATOM   951  O  O2    . C   D 4 4  ? 8.075   -6.653  -9.598  0.60 24.41 ? 111 C   D O2    1 
ATOM   952  N  N3    . C   D 4 4  ? 7.590   -6.591  -7.400  0.60 28.61 ? 111 C   D N3    1 
ATOM   953  C  C4    . C   D 4 4  ? 7.742   -5.967  -6.232  0.60 31.91 ? 111 C   D C4    1 
ATOM   954  N  N4    . C   D 4 4  ? 7.081   -6.462  -5.177  0.60 35.16 ? 111 C   D N4    1 
ATOM   955  C  C5    . C   D 4 4  ? 8.573   -4.804  -6.093  0.60 29.55 ? 111 C   D C5    1 
ATOM   956  C  C6    . C   D 4 4  ? 9.199   -4.360  -7.188  0.60 26.99 ? 111 C   D C6    1 
ATOM   957  P  P     . G   D 4 5  ? 7.142   -0.644  -11.200 0.60 48.61 ? 120 G   D P     1 
ATOM   958  O  OP1   . G   D 4 5  ? 6.630   -0.218  -12.533 0.60 49.81 ? 120 G   D OP1   1 
ATOM   959  O  OP2   . G   D 4 5  ? 8.079   0.250   -10.446 0.60 46.27 ? 120 G   D OP2   1 
ATOM   960  O  "O5'" . G   D 4 5  ? 5.910   -0.979  -10.230 0.60 45.89 ? 120 G   D "O5'" 1 
ATOM   961  C  "C5'" . G   D 4 5  ? 4.620   -1.436  -10.734 0.60 44.37 ? 120 G   D "C5'" 1 
ATOM   962  C  "C4'" . G   D 4 5  ? 4.443   -2.898  -10.424 0.60 42.11 ? 120 G   D "C4'" 1 
ATOM   963  O  "O4'" . G   D 4 5  ? 5.490   -3.265  -9.500  0.60 42.18 ? 120 G   D "O4'" 1 
ATOM   964  C  "C3'" . G   D 4 5  ? 3.160   -3.320  -9.719  0.60 42.64 ? 120 G   D "C3'" 1 
ATOM   965  O  "O3'" . G   D 4 5  ? 2.117   -3.684  -10.596 0.60 44.86 ? 120 G   D "O3'" 1 
ATOM   966  C  "C2'" . G   D 4 5  ? 3.560   -4.550  -8.927  0.60 40.43 ? 120 G   D "C2'" 1 
ATOM   967  O  "O2'" . G   D 4 5  ? 3.468   -5.711  -9.721  0.60 38.17 ? 120 G   D "O2'" 1 
ATOM   968  C  "C1'" . G   D 4 5  ? 5.009   -4.230  -8.579  0.60 39.35 ? 120 G   D "C1'" 1 
ATOM   969  N  N9    . G   D 4 5  ? 5.199   -3.724  -7.221  0.60 34.47 ? 120 G   D N9    1 
ATOM   970  C  C8    . G   D 4 5  ? 5.865   -2.584  -6.824  0.60 31.93 ? 120 G   D C8    1 
ATOM   971  N  N7    . G   D 4 5  ? 5.929   -2.455  -5.532  0.60 27.48 ? 120 G   D N7    1 
ATOM   972  C  C5    . G   D 4 5  ? 5.247   -3.560  -5.049  0.60 29.55 ? 120 G   D C5    1 
ATOM   973  C  C6    . G   D 4 5  ? 4.999   -3.964  -3.735  0.60 31.09 ? 120 G   D C6    1 
ATOM   974  O  O6    . G   D 4 5  ? 5.354   -3.404  -2.686  0.60 36.59 ? 120 G   D O6    1 
ATOM   975  N  N1    . G   D 4 5  ? 4.263   -5.151  -3.693  0.60 26.44 ? 120 G   D N1    1 
ATOM   976  C  C2    . G   D 4 5  ? 3.830   -5.847  -4.790  0.60 25.35 ? 120 G   D C2    1 
ATOM   977  N  N2    . G   D 4 5  ? 3.137   -6.965  -4.560  0.60 24.93 ? 120 G   D N2    1 
ATOM   978  N  N3    . G   D 4 5  ? 4.061   -5.476  -6.026  0.60 27.72 ? 120 G   D N3    1 
ATOM   979  C  C4    . G   D 4 5  ? 4.773   -4.336  -6.083  0.60 30.41 ? 120 G   D C4    1 
ATOM   980  P  P     . A   D 4 6  ? 0.870   -2.711  -10.790 0.60 45.43 ? 130 A   D P     1 
ATOM   981  O  OP1   . A   D 4 6  ? 1.171   -1.923  -12.020 0.60 44.49 ? 130 A   D OP1   1 
ATOM   982  O  OP2   . A   D 4 6  ? 0.614   -1.994  -9.497  0.60 47.53 ? 130 A   D OP2   1 
ATOM   983  O  "O5'" . A   D 4 6  ? -0.344  -3.729  -10.995 0.60 43.37 ? 130 A   D "O5'" 1 
ATOM   984  C  "C5'" . A   D 4 6  ? -0.813  -4.063  -12.305 0.60 43.36 ? 130 A   D "C5'" 1 
ATOM   985  C  "C4'" . A   D 4 6  ? -1.258  -5.496  -12.345 0.60 44.46 ? 130 A   D "C4'" 1 
ATOM   986  O  "O4'" . A   D 4 6  ? -0.317  -6.255  -11.542 0.60 42.98 ? 130 A   D "O4'" 1 
ATOM   987  C  "C3'" . A   D 4 6  ? -2.600  -5.860  -11.723 0.60 48.15 ? 130 A   D "C3'" 1 
ATOM   988  O  "O3'" . A   D 4 6  ? -3.740  -5.556  -12.506 0.60 53.07 ? 130 A   D "O3'" 1 
ATOM   989  C  "C2'" . A   D 4 6  ? -2.427  -7.329  -11.381 0.60 45.90 ? 130 A   D "C2'" 1 
ATOM   990  O  "O2'" . A   D 4 6  ? -2.627  -8.218  -12.470 0.60 45.69 ? 130 A   D "O2'" 1 
ATOM   991  C  "C1'" . A   D 4 6  ? -0.986  -7.321  -10.885 0.60 43.47 ? 130 A   D "C1'" 1 
ATOM   992  N  N9    . A   D 4 6  ? -1.040  -6.976  -9.475  0.60 40.58 ? 130 A   D N9    1 
ATOM   993  C  C8    . A   D 4 6  ? -0.362  -5.993  -8.809  0.60 42.04 ? 130 A   D C8    1 
ATOM   994  N  N7    . A   D 4 6  ? -0.690  -5.901  -7.543  0.60 43.13 ? 130 A   D N7    1 
ATOM   995  C  C5    . A   D 4 6  ? -1.636  -6.898  -7.373  0.60 39.41 ? 130 A   D C5    1 
ATOM   996  C  C6    . A   D 4 6  ? -2.374  -7.306  -6.270  0.60 39.53 ? 130 A   D C6    1 
ATOM   997  N  N6    . A   D 4 6  ? -2.272  -6.735  -5.072  0.60 45.22 ? 130 A   D N6    1 
ATOM   998  N  N1    . A   D 4 6  ? -3.238  -8.327  -6.431  0.60 36.98 ? 130 A   D N1    1 
ATOM   999  C  C2    . A   D 4 6  ? -3.344  -8.885  -7.633  0.60 36.95 ? 130 A   D C2    1 
ATOM   1000 N  N3    . A   D 4 6  ? -2.702  -8.586  -8.753  0.60 39.04 ? 130 A   D N3    1 
ATOM   1001 C  C4    . A   D 4 6  ? -1.852  -7.573  -8.550  0.60 39.06 ? 130 A   D C4    1 
ATOM   1002 P  P     . A   D 4 7  ? -4.400  -4.093  -12.395 0.60 57.70 ? 140 A   D P     1 
ATOM   1003 O  OP1   . A   D 4 7  ? -5.437  -4.060  -13.468 0.60 60.38 ? 140 A   D OP1   1 
ATOM   1004 O  OP2   . A   D 4 7  ? -3.349  -3.011  -12.341 0.60 55.55 ? 140 A   D OP2   1 
ATOM   1005 O  "O5'" . A   D 4 7  ? -5.155  -4.119  -10.985 0.60 57.07 ? 140 A   D "O5'" 1 
ATOM   1006 C  "C5'" . A   D 4 7  ? -6.245  -5.038  -10.723 0.60 57.57 ? 140 A   D "C5'" 1 
ATOM   1007 C  "C4'" . A   D 4 7  ? -6.302  -5.366  -9.246  0.60 58.31 ? 140 A   D "C4'" 1 
ATOM   1008 O  "O4'" . A   D 4 7  ? -4.976  -5.835  -8.866  0.60 60.41 ? 140 A   D "O4'" 1 
ATOM   1009 C  "C3'" . A   D 4 7  ? -6.571  -4.209  -8.281  0.60 58.95 ? 140 A   D "C3'" 1 
ATOM   1010 O  "O3'" . A   D 4 7  ? -7.936  -3.916  -8.014  0.60 56.24 ? 140 A   D "O3'" 1 
ATOM   1011 C  "C2'" . A   D 4 7  ? -5.847  -4.631  -7.007  0.60 60.66 ? 140 A   D "C2'" 1 
ATOM   1012 O  "O2'" . A   D 4 7  ? -6.599  -5.426  -6.107  0.60 64.00 ? 140 A   D "O2'" 1 
ATOM   1013 C  "C1'" . A   D 4 7  ? -4.619  -5.339  -7.577  0.60 59.33 ? 140 A   D "C1'" 1 
ATOM   1014 N  N9    . A   D 4 7  ? -3.637  -4.273  -7.745  0.60 56.95 ? 140 A   D N9    1 
ATOM   1015 C  C8    . A   D 4 7  ? -3.137  -3.663  -8.884  0.60 57.46 ? 140 A   D C8    1 
ATOM   1016 N  N7    . A   D 4 7  ? -2.399  -2.608  -8.640  0.60 52.80 ? 140 A   D N7    1 
ATOM   1017 C  C5    . A   D 4 7  ? -2.381  -2.545  -7.257  0.60 55.05 ? 140 A   D C5    1 
ATOM   1018 C  C6    . A   D 4 7  ? -1.794  -1.654  -6.387  0.60 56.81 ? 140 A   D C6    1 
ATOM   1019 N  N6    . A   D 4 7  ? -1.087  -0.593  -6.810  0.60 55.36 ? 140 A   D N6    1 
ATOM   1020 N  N1    . A   D 4 7  ? -1.956  -1.879  -5.045  0.60 58.14 ? 140 A   D N1    1 
ATOM   1021 C  C2    . A   D 4 7  ? -2.686  -2.949  -4.644  0.60 53.04 ? 140 A   D C2    1 
ATOM   1022 N  N3    . A   D 4 7  ? -3.300  -3.856  -5.386  0.60 51.12 ? 140 A   D N3    1 
ATOM   1023 C  C4    . A   D 4 7  ? -3.106  -3.591  -6.694  0.60 54.64 ? 140 A   D C4    1 
ATOM   1024 P  P     . A   D 4 8  ? -8.776  -2.991  -9.023  0.60 54.83 ? 151 A   D P     1 
ATOM   1025 O  OP1   . A   D 4 8  ? -9.352  -3.857  -10.095 0.60 54.72 ? 151 A   D OP1   1 
ATOM   1026 O  OP2   . A   D 4 8  ? -8.007  -1.772  -9.393  0.60 52.06 ? 151 A   D OP2   1 
ATOM   1027 O  "O5'" . A   D 4 8  ? -9.968  -2.515  -8.090  0.60 54.19 ? 151 A   D "O5'" 1 
ATOM   1028 C  "C5'" . A   D 4 8  ? -9.725  -1.637  -6.981  0.60 52.40 ? 151 A   D "C5'" 1 
ATOM   1029 C  "C4'" . A   D 4 8  ? -9.727  -2.414  -5.692  0.60 50.36 ? 151 A   D "C4'" 1 
ATOM   1030 O  "O4'" . A   D 4 8  ? -8.560  -3.278  -5.667  0.60 48.16 ? 151 A   D "O4'" 1 
ATOM   1031 C  "C3'" . A   D 4 8  ? -9.606  -1.585  -4.418  0.60 50.51 ? 151 A   D "C3'" 1 
ATOM   1032 O  "O3'" . A   D 4 8  ? -10.834 -1.076  -3.947  0.60 50.55 ? 151 A   D "O3'" 1 
ATOM   1033 C  "C2'" . A   D 4 8  ? -8.957  -2.563  -3.479  0.60 50.15 ? 151 A   D "C2'" 1 
ATOM   1034 O  "O2'" . A   D 4 8  ? -9.906  -3.546  -3.123  0.60 51.49 ? 151 A   D "O2'" 1 
ATOM   1035 C  "C1'" . A   D 4 8  ? -7.906  -3.153  -4.414  0.60 49.47 ? 151 A   D "C1'" 1 
ATOM   1036 N  N9    . A   D 4 8  ? -6.780  -2.207  -4.560  0.60 49.28 ? 151 A   D N9    1 
ATOM   1037 C  C8    . A   D 4 8  ? -6.048  -1.929  -5.691  0.60 50.79 ? 151 A   D C8    1 
ATOM   1038 N  N7    . A   D 4 8  ? -5.085  -1.050  -5.503  0.60 49.42 ? 151 A   D N7    1 
ATOM   1039 C  C5    . A   D 4 8  ? -5.189  -0.720  -4.157  0.60 47.72 ? 151 A   D C5    1 
ATOM   1040 C  C6    . A   D 4 8  ? -4.435  0.153   -3.319  0.60 47.50 ? 151 A   D C6    1 
ATOM   1041 N  N6    . A   D 4 8  ? -3.389  0.883   -3.722  0.60 47.57 ? 151 A   D N6    1 
ATOM   1042 N  N1    . A   D 4 8  ? -4.798  0.245   -2.028  0.60 46.81 ? 151 A   D N1    1 
ATOM   1043 C  C2    . A   D 4 8  ? -5.837  -0.482  -1.608  0.60 48.80 ? 151 A   D C2    1 
ATOM   1044 N  N3    . A   D 4 8  ? -6.617  -1.332  -2.285  0.60 48.44 ? 151 A   D N3    1 
ATOM   1045 C  C4    . A   D 4 8  ? -6.235  -1.414  -3.567  0.60 48.45 ? 151 A   D C4    1 
ATOM   1046 P  P     . C   D 4 9  ? -11.731 -0.174  -4.922  0.60 53.02 ? 152 C   D P     1 
ATOM   1047 O  OP1   . C   D 4 9  ? -12.736 -1.063  -5.586  0.60 53.41 ? 152 C   D OP1   1 
ATOM   1048 O  OP2   . C   D 4 9  ? -10.826 0.656   -5.758  0.60 53.50 ? 152 C   D OP2   1 
ATOM   1049 O  "O5'" . C   D 4 9  ? -12.484 0.826   -3.933  0.60 50.76 ? 152 C   D "O5'" 1 
ATOM   1050 C  "C5'" . C   D 4 9  ? -11.812 1.968   -3.379  0.60 43.59 ? 152 C   D "C5'" 1 
ATOM   1051 C  "C4'" . C   D 4 9  ? -11.104 1.584   -2.110  0.60 39.20 ? 152 C   D "C4'" 1 
ATOM   1052 O  "O4'" . C   D 4 9  ? -9.999  0.707   -2.448  0.60 36.06 ? 152 C   D "O4'" 1 
ATOM   1053 C  "C3'" . C   D 4 9  ? -10.436 2.735   -1.377  0.60 40.13 ? 152 C   D "C3'" 1 
ATOM   1054 O  "O3'" . C   D 4 9  ? -11.305 3.515   -0.575  0.60 42.03 ? 152 C   D "O3'" 1 
ATOM   1055 C  "C2'" . C   D 4 9  ? -9.304  2.059   -0.628  0.60 37.68 ? 152 C   D "C2'" 1 
ATOM   1056 O  "O2'" . C   D 4 9  ? -9.661  1.443   0.586   0.60 39.30 ? 152 C   D "O2'" 1 
ATOM   1057 C  "C1'" . C   D 4 9  ? -8.862  1.034   -1.661  0.60 35.97 ? 152 C   D "C1'" 1 
ATOM   1058 N  N1    . C   D 4 9  ? -7.837  1.632   -2.541  0.60 32.56 ? 152 C   D N1    1 
ATOM   1059 C  C2    . C   D 4 9  ? -7.025  2.686   -2.043  0.60 33.43 ? 152 C   D C2    1 
ATOM   1060 O  O2    . C   D 4 9  ? -7.203  3.106   -0.878  0.60 32.11 ? 152 C   D O2    1 
ATOM   1061 N  N3    . C   D 4 9  ? -6.070  3.217   -2.839  0.60 31.05 ? 152 C   D N3    1 
ATOM   1062 C  C4    . C   D 4 9  ? -5.907  2.750   -4.073  0.60 31.18 ? 152 C   D C4    1 
ATOM   1063 N  N4    . C   D 4 9  ? -4.942  3.289   -4.817  0.60 27.62 ? 152 C   D N4    1 
ATOM   1064 C  C5    . C   D 4 9  ? -6.724  1.702   -4.603  0.60 30.34 ? 152 C   D C5    1 
ATOM   1065 C  C6    . C   D 4 9  ? -7.664  1.180   -3.813  0.60 29.90 ? 152 C   D C6    1 
ATOM   1066 P  P     . U   D 4 10 ? -12.246 4.615   -1.271  0.60 42.29 ? 153 U   D P     1 
ATOM   1067 O  OP1   . U   D 4 10 ? -13.479 4.697   -0.442  0.60 44.70 ? 153 U   D OP1   1 
ATOM   1068 O  OP2   . U   D 4 10 ? -12.354 4.305   -2.720  0.60 39.84 ? 153 U   D OP2   1 
ATOM   1069 O  "O5'" . U   D 4 10 ? -11.454 5.977   -1.044  0.60 38.34 ? 153 U   D "O5'" 1 
ATOM   1070 C  "C5'" . U   D 4 10 ? -11.380 6.528   0.268   0.60 36.61 ? 153 U   D "C5'" 1 
ATOM   1071 C  "C4'" . U   D 4 10 ? -10.087 7.266   0.452   0.60 36.78 ? 153 U   D "C4'" 1 
ATOM   1072 O  "O4'" . U   D 4 10 ? -9.004  6.415   0.035   0.60 36.60 ? 153 U   D "O4'" 1 
ATOM   1073 C  "C3'" . U   D 4 10 ? -9.852  8.499   -0.393  0.60 37.88 ? 153 U   D "C3'" 1 
ATOM   1074 O  "O3'" . U   D 4 10 ? -10.489 9.629   0.084   0.60 40.88 ? 153 U   D "O3'" 1 
ATOM   1075 C  "C2'" . U   D 4 10 ? -8.358  8.653   -0.405  0.60 34.50 ? 153 U   D "C2'" 1 
ATOM   1076 O  "O2'" . U   D 4 10 ? -7.943  9.232   0.812   0.60 33.18 ? 153 U   D "O2'" 1 
ATOM   1077 C  "C1'" . U   D 4 10 ? -7.944  7.199   -0.496  0.60 33.58 ? 153 U   D "C1'" 1 
ATOM   1078 N  N1    . U   D 4 10 ? -7.707  6.754   -1.873  0.60 30.28 ? 153 U   D N1    1 
ATOM   1079 C  C2    . U   D 4 10 ? -6.707  7.362   -2.603  0.60 28.80 ? 153 U   D C2    1 
ATOM   1080 O  O2    . U   D 4 10 ? -6.085  8.326   -2.212  0.60 27.06 ? 153 U   D O2    1 
ATOM   1081 N  N3    . U   D 4 10 ? -6.474  6.796   -3.822  0.60 29.52 ? 153 U   D N3    1 
ATOM   1082 C  C4    . U   D 4 10 ? -7.147  5.732   -4.383  0.60 31.70 ? 153 U   D C4    1 
ATOM   1083 O  O4    . U   D 4 10 ? -6.823  5.328   -5.491  0.60 36.72 ? 153 U   D O4    1 
ATOM   1084 C  C5    . U   D 4 10 ? -8.194  5.203   -3.590  0.60 31.05 ? 153 U   D C5    1 
ATOM   1085 C  C6    . U   D 4 10 ? -8.439  5.722   -2.395  0.60 30.60 ? 153 U   D C6    1 
ATOM   1086 P  P     . C   D 4 11 ? -11.601 10.293  -0.828  0.60 42.71 ? 154 C   D P     1 
ATOM   1087 O  OP1   . C   D 4 11 ? -12.596 10.850  0.145   0.60 42.49 ? 154 C   D OP1   1 
ATOM   1088 O  OP2   . C   D 4 11 ? -12.053 9.292   -1.867  0.60 39.00 ? 154 C   D OP2   1 
ATOM   1089 O  "O5'" . C   D 4 11 ? -10.714 11.432  -1.519  0.60 41.13 ? 154 C   D "O5'" 1 
ATOM   1090 C  "C5'" . C   D 4 11 ? -9.958  12.353  -0.694  0.60 40.67 ? 154 C   D "C5'" 1 
ATOM   1091 C  "C4'" . C   D 4 11 ? -8.734  12.907  -1.420  0.60 40.61 ? 154 C   D "C4'" 1 
ATOM   1092 O  "O4'" . C   D 4 11 ? -7.765  11.865  -1.721  0.60 40.49 ? 154 C   D "O4'" 1 
ATOM   1093 C  "C3'" . C   D 4 11 ? -8.873  13.609  -2.754  0.60 41.68 ? 154 C   D "C3'" 1 
ATOM   1094 O  "O3'" . C   D 4 11 ? -9.416  14.898  -2.679  0.60 46.89 ? 154 C   D "O3'" 1 
ATOM   1095 C  "C2'" . C   D 4 11 ? -7.452  13.620  -3.283  0.60 37.73 ? 154 C   D "C2'" 1 
ATOM   1096 O  "O2'" . C   D 4 11 ? -6.707  14.652  -2.678  0.60 36.29 ? 154 C   D "O2'" 1 
ATOM   1097 C  "C1'" . C   D 4 11 ? -6.960  12.253  -2.832  0.60 35.19 ? 154 C   D "C1'" 1 
ATOM   1098 N  N1    . C   D 4 11 ? -7.113  11.258  -3.910  0.60 27.11 ? 154 C   D N1    1 
ATOM   1099 C  C2    . C   D 4 11 ? -6.192  11.265  -4.960  0.60 24.52 ? 154 C   D C2    1 
ATOM   1100 O  O2    . C   D 4 11 ? -5.279  12.101  -4.946  0.60 25.63 ? 154 C   D O2    1 
ATOM   1101 N  N3    . C   D 4 11 ? -6.319  10.370  -5.964  0.60 21.56 ? 154 C   D N3    1 
ATOM   1102 C  C4    . C   D 4 11 ? -7.323  9.495   -5.944  0.60 21.57 ? 154 C   D C4    1 
ATOM   1103 N  N4    . C   D 4 11 ? -7.423  8.629   -6.958  0.60 17.32 ? 154 C   D N4    1 
ATOM   1104 C  C5    . C   D 4 11 ? -8.275  9.464   -4.879  0.60 19.42 ? 154 C   D C5    1 
ATOM   1105 C  C6    . C   D 4 11 ? -8.131  10.351  -3.895  0.60 21.10 ? 154 C   D C6    1 
ATOM   1106 P  P     . G   D 4 12 L -10.893 15.147  -3.245  0.60 49.27 ? 31  G   D P     1 
ATOM   1107 O  OP1   . G   D 4 12 L -11.617 15.978  -2.226  0.60 49.05 ? 31  G   D OP1   1 
ATOM   1108 O  OP2   . G   D 4 12 L -11.479 13.848  -3.706  0.60 44.76 ? 31  G   D OP2   1 
ATOM   1109 O  "O5'" . G   D 4 12 L -10.592 16.014  -4.552  0.60 51.18 ? 31  G   D "O5'" 1 
ATOM   1110 C  "C5'" . G   D 4 12 L -10.747 15.457  -5.885  0.60 51.46 ? 31  G   D "C5'" 1 
ATOM   1111 C  "C4'" . G   D 4 12 L -9.529  15.773  -6.729  0.60 50.59 ? 31  G   D "C4'" 1 
ATOM   1112 O  "O4'" . G   D 4 12 L -8.472  14.815  -6.427  0.60 50.17 ? 31  G   D "O4'" 1 
ATOM   1113 C  "C3'" . G   D 4 12 L -9.701  15.672  -8.241  0.60 49.54 ? 31  G   D "C3'" 1 
ATOM   1114 O  "O3'" . G   D 4 12 L -10.283 16.843  -8.806  0.60 47.36 ? 31  G   D "O3'" 1 
ATOM   1115 C  "C2'" . G   D 4 12 L -8.299  15.347  -8.715  0.60 49.61 ? 31  G   D "C2'" 1 
ATOM   1116 O  "O2'" . G   D 4 12 L -7.470  16.496  -8.737  0.60 52.27 ? 31  G   D "O2'" 1 
ATOM   1117 C  "C1'" . G   D 4 12 L -7.861  14.372  -7.625  0.60 47.57 ? 31  G   D "C1'" 1 
ATOM   1118 N  N9    . G   D 4 12 L -8.426  13.067  -7.946  0.60 44.42 ? 31  G   D N9    1 
ATOM   1119 C  C8    . G   D 4 12 L -9.446  12.406  -7.293  0.60 44.58 ? 31  G   D C8    1 
ATOM   1120 N  N7    . G   D 4 12 L -9.780  11.283  -7.871  0.60 43.83 ? 31  G   D N7    1 
ATOM   1121 C  C5    . G   D 4 12 L -8.918  11.195  -8.962  0.60 43.51 ? 31  G   D C5    1 
ATOM   1122 C  C6    . G   D 4 12 L -8.816  10.210  -9.989  0.60 43.16 ? 31  G   D C6    1 
ATOM   1123 O  O6    . G   D 4 12 L -9.501  9.194   -10.155 0.60 43.23 ? 31  G   D O6    1 
ATOM   1124 N  N1    . G   D 4 12 L -7.806  10.516  -10.900 0.60 41.77 ? 31  G   D N1    1 
ATOM   1125 C  C2    . G   D 4 12 L -7.017  11.636  -10.855 0.60 40.74 ? 31  G   D C2    1 
ATOM   1126 N  N2    . G   D 4 12 L -6.149  11.786  -11.858 0.60 39.20 ? 31  G   D N2    1 
ATOM   1127 N  N3    . G   D 4 12 L -7.092  12.554  -9.906  0.60 41.59 ? 31  G   D N3    1 
ATOM   1128 C  C4    . G   D 4 12 L -8.064  12.276  -9.004  0.60 43.70 ? 31  G   D C4    1 
ATOM   1129 P  P     . U   D 4 13 L -11.870 17.022  -8.730  0.60 43.84 ? 32  U   D P     1 
ATOM   1130 O  OP1   . U   D 4 13 L -12.314 17.944  -9.787  0.60 41.45 ? 32  U   D OP1   1 
ATOM   1131 O  OP2   . U   D 4 13 L -12.193 17.330  -7.299  0.60 40.05 ? 32  U   D OP2   1 
ATOM   1132 O  "O5'" . U   D 4 13 L -12.313 15.554  -9.167  0.60 42.03 ? 32  U   D "O5'" 1 
ATOM   1133 C  "C5'" . U   D 4 13 L -13.578 15.307  -9.766  0.60 40.81 ? 32  U   D "C5'" 1 
ATOM   1134 C  "C4'" . U   D 4 13 L -13.511 15.500  -11.260 0.60 40.02 ? 32  U   D "C4'" 1 
ATOM   1135 O  "O4'" . U   D 4 13 L -13.275 16.887  -11.579 0.60 39.08 ? 32  U   D "O4'" 1 
ATOM   1136 C  "C3'" . U   D 4 13 L -12.414 14.813  -12.047 0.60 41.69 ? 32  U   D "C3'" 1 
ATOM   1137 O  "O3'" . U   D 4 13 L -12.689 13.454  -12.305 0.60 43.26 ? 32  U   D "O3'" 1 
ATOM   1138 C  "C2'" . U   D 4 13 L -12.367 15.591  -13.358 0.60 40.72 ? 32  U   D "C2'" 1 
ATOM   1139 O  "O2'" . U   D 4 13 L -13.221 15.052  -14.357 0.60 38.49 ? 32  U   D "O2'" 1 
ATOM   1140 C  "C1'" . U   D 4 13 L -12.821 16.982  -12.916 0.60 39.75 ? 32  U   D "C1'" 1 
ATOM   1141 N  N1    . U   D 4 13 L -11.763 17.993  -12.996 0.60 39.14 ? 32  U   D N1    1 
ATOM   1142 C  C2    . U   D 4 13 L -11.137 18.168  -14.220 0.60 41.49 ? 32  U   D C2    1 
ATOM   1143 O  O2    . U   D 4 13 L -11.458 17.550  -15.229 0.60 42.92 ? 32  U   D O2    1 
ATOM   1144 N  N3    . U   D 4 13 L -10.137 19.106  -14.225 0.60 41.48 ? 32  U   D N3    1 
ATOM   1145 C  C4    . U   D 4 13 L -9.731  19.881  -13.160 0.60 42.91 ? 32  U   D C4    1 
ATOM   1146 O  O4    . U   D 4 13 L -8.778  20.649  -13.298 0.60 47.82 ? 32  U   D O4    1 
ATOM   1147 C  C5    . U   D 4 13 L -10.451 19.654  -11.944 0.60 41.62 ? 32  U   D C5    1 
ATOM   1148 C  C6    . U   D 4 13 L -11.409 18.734  -11.908 0.60 38.62 ? 32  U   D C6    1 
ATOM   1149 P  P     . A   D 4 14 L -11.757 12.328  -11.657 0.60 40.78 ? 33  A   D P     1 
ATOM   1150 O  OP1   . A   D 4 14 L -12.539 11.602  -10.625 0.60 40.86 ? 33  A   D OP1   1 
ATOM   1151 O  OP2   . A   D 4 14 L -10.492 13.039  -11.265 0.60 36.57 ? 33  A   D OP2   1 
ATOM   1152 O  "O5'" . A   D 4 14 L -11.565 11.352  -12.911 0.60 38.59 ? 33  A   D "O5'" 1 
ATOM   1153 C  "C5'" . A   D 4 14 L -10.263 11.083  -13.458 0.60 37.67 ? 33  A   D "C5'" 1 
ATOM   1154 C  "C4'" . A   D 4 14 L -10.029 11.879  -14.719 0.60 34.01 ? 33  A   D "C4'" 1 
ATOM   1155 O  "O4'" . A   D 4 14 L -10.302 13.269  -14.448 0.60 29.15 ? 33  A   D "O4'" 1 
ATOM   1156 C  "C3'" . A   D 4 14 L -8.577  11.882  -15.160 0.60 36.83 ? 33  A   D "C3'" 1 
ATOM   1157 O  "O3'" . A   D 4 14 L -8.182  10.756  -15.904 0.60 42.14 ? 33  A   D "O3'" 1 
ATOM   1158 C  "C2'" . A   D 4 14 L -8.379  13.198  -15.868 0.60 32.41 ? 33  A   D "C2'" 1 
ATOM   1159 O  "O2'" . A   D 4 14 L -8.687  13.117  -17.243 0.60 34.13 ? 33  A   D "O2'" 1 
ATOM   1160 C  "C1'" . A   D 4 14 L -9.335  14.083  -15.083 0.60 27.19 ? 33  A   D "C1'" 1 
ATOM   1161 N  N9    . A   D 4 14 L -8.691  14.885  -14.059 0.60 17.46 ? 33  A   D N9    1 
ATOM   1162 C  C8    . A   D 4 14 L -8.807  14.766  -12.708 0.60 15.06 ? 33  A   D C8    1 
ATOM   1163 N  N7    . A   D 4 14 L -8.258  15.751  -12.047 0.60 12.28 ? 33  A   D N7    1 
ATOM   1164 C  C5    . A   D 4 14 L -7.702  16.542  -13.034 0.60 11.80 ? 33  A   D C5    1 
ATOM   1165 C  C6    . A   D 4 14 L -7.001  17.740  -12.985 0.60 12.76 ? 33  A   D C6    1 
ATOM   1166 N  N6    . A   D 4 14 L -6.734  18.386  -11.855 0.60 13.92 ? 33  A   D N6    1 
ATOM   1167 N  N1    . A   D 4 14 L -6.577  18.268  -14.149 0.60 15.94 ? 33  A   D N1    1 
ATOM   1168 C  C2    . A   D 4 14 L -6.846  17.610  -15.286 0.60 17.76 ? 33  A   D C2    1 
ATOM   1169 N  N3    . A   D 4 14 L -7.503  16.469  -15.455 0.60 16.65 ? 33  A   D N3    1 
ATOM   1170 C  C4    . A   D 4 14 L -7.917  15.989  -14.274 0.60 14.74 ? 33  A   D C4    1 
ATOM   1171 P  P     . A   D 4 15 L -7.218  9.684   -15.207 0.60 44.25 ? 34  A   D P     1 
ATOM   1172 O  OP1   . A   D 4 15 L -7.507  8.308   -15.749 0.60 42.79 ? 34  A   D OP1   1 
ATOM   1173 O  OP2   . A   D 4 15 L -7.285  9.950   -13.726 0.60 40.68 ? 34  A   D OP2   1 
ATOM   1174 O  "O5'" . A   D 4 15 L -5.787  10.167  -15.710 0.60 41.59 ? 34  A   D "O5'" 1 
ATOM   1175 C  "C5'" . A   D 4 15 L -5.496  10.240  -17.115 0.60 36.83 ? 34  A   D "C5'" 1 
ATOM   1176 C  "C4'" . A   D 4 15 L -4.513  11.336  -17.363 0.60 33.54 ? 34  A   D "C4'" 1 
ATOM   1177 O  "O4'" . A   D 4 15 L -5.047  12.519  -16.729 0.60 32.80 ? 34  A   D "O4'" 1 
ATOM   1178 C  "C3'" . A   D 4 15 L -3.161  11.227  -16.674 0.60 33.63 ? 34  A   D "C3'" 1 
ATOM   1179 O  "O3'" . A   D 4 15 L -2.247  10.366  -17.339 0.60 32.67 ? 34  A   D "O3'" 1 
ATOM   1180 C  "C2'" . A   D 4 15 L -2.689  12.676  -16.619 0.60 32.24 ? 34  A   D "C2'" 1 
ATOM   1181 O  "O2'" . A   D 4 15 L -2.153  13.144  -17.827 0.60 37.11 ? 34  A   D "O2'" 1 
ATOM   1182 C  "C1'" . A   D 4 15 L -3.997  13.422  -16.473 0.60 29.97 ? 34  A   D "C1'" 1 
ATOM   1183 N  N9    . A   D 4 15 L -4.167  14.023  -15.165 0.60 24.00 ? 34  A   D N9    1 
ATOM   1184 C  C8    . A   D 4 15 L -4.656  13.496  -14.011 0.60 23.34 ? 34  A   D C8    1 
ATOM   1185 N  N7    . A   D 4 15 L -4.688  14.352  -13.020 0.60 23.01 ? 34  A   D N7    1 
ATOM   1186 C  C5    . A   D 4 15 L -4.183  15.517  -13.569 0.60 19.82 ? 34  A   D C5    1 
ATOM   1187 C  C6    . A   D 4 15 L -3.971  16.802  -13.041 0.60 21.92 ? 34  A   D C6    1 
ATOM   1188 N  N6    . A   D 4 15 L -4.237  17.145  -11.777 0.60 23.73 ? 34  A   D N6    1 
ATOM   1189 N  N1    . A   D 4 15 L -3.462  17.743  -13.866 0.60 23.98 ? 34  A   D N1    1 
ATOM   1190 C  C2    . A   D 4 15 L -3.180  17.400  -15.125 0.60 25.82 ? 34  A   D C2    1 
ATOM   1191 N  N3    . A   D 4 15 L -3.331  16.219  -15.731 0.60 24.92 ? 34  A   D N3    1 
ATOM   1192 C  C4    . A   D 4 15 L -3.846  15.319  -14.885 0.60 22.06 ? 34  A   D C4    1 
ATOM   1193 P  P     . G   D 4 16 ? -2.016  8.868   -16.793 0.60 31.95 ? 164 G   D P     1 
ATOM   1194 O  OP1   . G   D 4 16 ? -0.737  8.374   -17.381 0.60 31.70 ? 164 G   D OP1   1 
ATOM   1195 O  OP2   . G   D 4 16 ? -3.257  8.075   -17.015 0.60 31.75 ? 164 G   D OP2   1 
ATOM   1196 O  "O5'" . G   D 4 16 ? -1.800  9.094   -15.225 0.60 23.56 ? 164 G   D "O5'" 1 
ATOM   1197 C  "C5'" . G   D 4 16 ? -0.489  9.310   -14.681 0.60 19.48 ? 164 G   D "C5'" 1 
ATOM   1198 C  "C4'" . G   D 4 16 ? -0.486  10.575  -13.888 0.60 18.81 ? 164 G   D "C4'" 1 
ATOM   1199 O  "O4'" . G   D 4 16 ? -1.839  11.042  -13.889 0.60 16.61 ? 164 G   D "O4'" 1 
ATOM   1200 C  "C3'" . G   D 4 16 ? -0.122  10.454  -12.415 0.60 21.51 ? 164 G   D "C3'" 1 
ATOM   1201 O  "O3'" . G   D 4 16 ? 1.268   10.442  -12.118 0.60 26.67 ? 164 G   D "O3'" 1 
ATOM   1202 C  "C2'" . G   D 4 16 ? -1.014  11.465  -11.704 0.60 18.11 ? 164 G   D "C2'" 1 
ATOM   1203 O  "O2'" . G   D 4 16 ? -0.607  12.807  -11.549 0.60 14.76 ? 164 G   D "O2'" 1 
ATOM   1204 C  "C1'" . G   D 4 16 ? -2.253  11.354  -12.562 0.60 18.53 ? 164 G   D "C1'" 1 
ATOM   1205 N  N9    . G   D 4 16 ? -3.031  10.227  -12.066 0.60 21.17 ? 164 G   D N9    1 
ATOM   1206 C  C8    . G   D 4 16 ? -3.307  9.033   -12.701 0.60 19.49 ? 164 G   D C8    1 
ATOM   1207 N  N7    . G   D 4 16 ? -4.074  8.253   -11.997 0.60 13.29 ? 164 G   D N7    1 
ATOM   1208 C  C5    . G   D 4 16 ? -4.317  8.971   -10.847 0.60 14.66 ? 164 G   D C5    1 
ATOM   1209 C  C6    . G   D 4 16 ? -5.086  8.656   -9.781  0.60 19.84 ? 164 G   D C6    1 
ATOM   1210 O  O6    . G   D 4 16 ? -5.809  7.683   -9.658  0.60 29.19 ? 164 G   D O6    1 
ATOM   1211 N  N1    . G   D 4 16 ? -5.011  9.622   -8.771  0.60 20.11 ? 164 G   D N1    1 
ATOM   1212 C  C2    . G   D 4 16 ? -4.284  10.778  -8.844  0.60 18.99 ? 164 G   D C2    1 
ATOM   1213 N  N2    . G   D 4 16 ? -4.271  11.551  -7.745  0.60 16.91 ? 164 G   D N2    1 
ATOM   1214 N  N3    . G   D 4 16 ? -3.599  11.130  -9.910  0.60 16.44 ? 164 G   D N3    1 
ATOM   1215 C  C4    . G   D 4 16 ? -3.651  10.175  -10.861 0.60 17.55 ? 164 G   D C4    1 
ATOM   1216 P  P     . A   D 4 17 ? 1.944   9.065   -11.651 0.60 29.90 ? 163 A   D P     1 
ATOM   1217 O  OP1   . A   D 4 17 ? 3.418   9.145   -11.908 0.60 29.82 ? 163 A   D OP1   1 
ATOM   1218 O  OP2   . A   D 4 17 ? 1.155   7.898   -12.188 0.60 26.41 ? 163 A   D OP2   1 
ATOM   1219 O  "O5'" . A   D 4 17 ? 1.770   9.175   -10.075 0.60 26.96 ? 163 A   D "O5'" 1 
ATOM   1220 C  "C5'" . A   D 4 17 ? 2.510   10.181  -9.370  0.60 26.19 ? 163 A   D "C5'" 1 
ATOM   1221 C  "C4'" . A   D 4 17 ? 1.660   10.811  -8.300  0.60 28.63 ? 163 A   D "C4'" 1 
ATOM   1222 O  "O4'" . A   D 4 17 ? 0.266   10.801  -8.725  0.60 27.92 ? 163 A   D "O4'" 1 
ATOM   1223 C  "C3'" . A   D 4 17 ? 1.567   10.145  -6.939  0.60 31.41 ? 163 A   D "C3'" 1 
ATOM   1224 O  "O3'" . A   D 4 17 ? 2.676   10.355  -6.101  0.60 34.12 ? 163 A   D "O3'" 1 
ATOM   1225 C  "C2'" . A   D 4 17 ? 0.303   10.738  -6.361  0.60 28.54 ? 163 A   D "C2'" 1 
ATOM   1226 O  "O2'" . A   D 4 17 ? 0.577   12.056  -5.915  0.60 29.37 ? 163 A   D "O2'" 1 
ATOM   1227 C  "C1'" . A   D 4 17 ? -0.588  10.755  -7.591  0.60 25.46 ? 163 A   D "C1'" 1 
ATOM   1228 N  N9    . A   D 4 17 ? -1.397  9.545   -7.676  0.60 19.79 ? 163 A   D N9    1 
ATOM   1229 C  C8    . A   D 4 17 ? -1.458  8.653   -8.712  0.60 22.90 ? 163 A   D C8    1 
ATOM   1230 N  N7    . A   D 4 17 ? -2.336  7.689   -8.531  0.60 21.29 ? 163 A   D N7    1 
ATOM   1231 C  C5    . A   D 4 17 ? -2.865  7.962   -7.284  0.60 17.44 ? 163 A   D C5    1 
ATOM   1232 C  C6    . A   D 4 17 ? -3.832  7.317   -6.530  0.60 17.24 ? 163 A   D C6    1 
ATOM   1233 N  N6    . A   D 4 17 ? -4.453  6.208   -6.940  0.60 14.38 ? 163 A   D N6    1 
ATOM   1234 N  N1    . A   D 4 17 ? -4.144  7.841   -5.324  0.60 16.84 ? 163 A   D N1    1 
ATOM   1235 C  C2    . A   D 4 17 ? -3.493  8.928   -4.921  0.60 18.76 ? 163 A   D C2    1 
ATOM   1236 N  N3    . A   D 4 17 ? -2.547  9.623   -5.542  0.60 19.13 ? 163 A   D N3    1 
ATOM   1237 C  C4    . A   D 4 17 ? -2.282  9.087   -6.737  0.60 18.14 ? 163 A   D C4    1 
ATOM   1238 P  P     . G   D 4 18 ? 3.599   9.105   -5.727  0.60 35.51 ? 162 G   D P     1 
ATOM   1239 O  OP1   . G   D 4 18 ? 4.984   9.668   -5.725  0.60 34.63 ? 162 G   D OP1   1 
ATOM   1240 O  OP2   . G   D 4 18 ? 3.245   7.930   -6.606  0.60 30.47 ? 162 G   D OP2   1 
ATOM   1241 O  "O5'" . G   D 4 18 ? 3.129   8.757   -4.236  0.60 37.79 ? 162 G   D "O5'" 1 
ATOM   1242 C  "C5'" . G   D 4 18 ? 3.090   9.789   -3.199  0.60 39.05 ? 162 G   D "C5'" 1 
ATOM   1243 C  "C4'" . G   D 4 18 ? 1.858   9.627   -2.329  0.60 39.15 ? 162 G   D "C4'" 1 
ATOM   1244 O  "O4'" . G   D 4 18 ? 0.731   9.472   -3.221  0.60 37.78 ? 162 G   D "O4'" 1 
ATOM   1245 C  "C3'" . G   D 4 18 ? 1.746   8.410   -1.407  0.60 41.17 ? 162 G   D "C3'" 1 
ATOM   1246 O  "O3'" . G   D 4 18 ? 2.353   8.585   -0.136  0.60 46.29 ? 162 G   D "O3'" 1 
ATOM   1247 C  "C2'" . G   D 4 18 ? 0.249   8.225   -1.261  0.60 38.30 ? 162 G   D "C2'" 1 
ATOM   1248 O  "O2'" . G   D 4 18 ? -0.296  9.129   -0.320  0.60 39.69 ? 162 G   D "O2'" 1 
ATOM   1249 C  "C1'" . G   D 4 18 ? -0.226  8.598   -2.657  0.60 34.85 ? 162 G   D "C1'" 1 
ATOM   1250 N  N9    . G   D 4 18 ? -0.292  7.420   -3.498  0.60 29.10 ? 162 G   D N9    1 
ATOM   1251 C  C8    . G   D 4 18 ? 0.608   7.017   -4.466  0.60 26.61 ? 162 G   D C8    1 
ATOM   1252 N  N7    . G   D 4 18 ? 0.259   5.906   -5.052  0.60 25.24 ? 162 G   D N7    1 
ATOM   1253 C  C5    . G   D 4 18 ? -0.934  5.565   -4.429  0.60 27.74 ? 162 G   D C5    1 
ATOM   1254 C  C6    . G   D 4 18 ? -1.782  4.463   -4.636  0.60 32.71 ? 162 G   D C6    1 
ATOM   1255 O  O6    . G   D 4 18 ? -1.654  3.540   -5.452  0.60 40.58 ? 162 G   D O6    1 
ATOM   1256 N  N1    . G   D 4 18 ? -2.888  4.485   -3.782  0.60 32.02 ? 162 G   D N1    1 
ATOM   1257 C  C2    . G   D 4 18 ? -3.159  5.469   -2.878  0.60 29.57 ? 162 G   D C2    1 
ATOM   1258 N  N2    . G   D 4 18 ? -4.316  5.316   -2.205  0.60 27.76 ? 162 G   D N2    1 
ATOM   1259 N  N3    . G   D 4 18 ? -2.363  6.516   -2.662  0.60 26.64 ? 162 G   D N3    1 
ATOM   1260 C  C4    . G   D 4 18 ? -1.277  6.491   -3.468  0.60 26.88 ? 162 G   D C4    1 
ATOM   1261 P  P     . U   D 4 19 ? 3.841   8.051   0.107   0.60 50.73 ? 161 U   D P     1 
ATOM   1262 O  OP1   . U   D 4 19 ? 4.590   9.161   0.767   0.60 48.95 ? 161 U   D OP1   1 
ATOM   1263 O  OP2   . U   D 4 19 ? 4.347   7.461   -1.170  0.60 46.46 ? 161 U   D OP2   1 
ATOM   1264 O  "O5'" . U   D 4 19 ? 3.610   6.846   1.128   0.60 47.81 ? 161 U   D "O5'" 1 
ATOM   1265 C  "C5'" . U   D 4 19 ? 3.051   7.083   2.447   0.60 44.08 ? 161 U   D "C5'" 1 
ATOM   1266 C  "C4'" . U   D 4 19 ? 2.139   5.941   2.868   0.60 40.67 ? 161 U   D "C4'" 1 
ATOM   1267 O  "O4'" . U   D 4 19 ? 0.990   5.908   1.986   0.60 37.21 ? 161 U   D "O4'" 1 
ATOM   1268 C  "C3'" . U   D 4 19 ? 2.689   4.513   2.828   0.60 40.29 ? 161 U   D "C3'" 1 
ATOM   1269 O  "O3'" . U   D 4 19 ? 3.418   4.050   3.993   0.60 37.56 ? 161 U   D "O3'" 1 
ATOM   1270 C  "C2'" . U   D 4 19 ? 1.428   3.669   2.718   0.60 39.53 ? 161 U   D "C2'" 1 
ATOM   1271 O  "O2'" . U   D 4 19 ? 0.968   3.320   4.014   0.60 39.48 ? 161 U   D "O2'" 1 
ATOM   1272 C  "C1'" . U   D 4 19 ? 0.460   4.606   1.976   0.60 38.79 ? 161 U   D "C1'" 1 
ATOM   1273 N  N1    . U   D 4 19 ? 0.184   4.210   0.590   0.60 38.50 ? 161 U   D N1    1 
ATOM   1274 C  C2    . U   D 4 19 ? -1.103  3.794   0.291   0.60 38.07 ? 161 U   D C2    1 
ATOM   1275 O  O2    . U   D 4 19 ? -2.030  3.866   1.083   0.60 36.41 ? 161 U   D O2    1 
ATOM   1276 N  N3    . U   D 4 19 ? -1.274  3.305   -0.977  0.60 37.77 ? 161 U   D N3    1 
ATOM   1277 C  C4    . U   D 4 19 ? -0.323  3.218   -1.967  0.60 40.10 ? 161 U   D C4    1 
ATOM   1278 O  O4    . U   D 4 19 ? -0.574  2.553   -2.975  0.60 40.37 ? 161 U   D O4    1 
ATOM   1279 C  C5    . U   D 4 19 ? 0.963   3.748   -1.606  0.60 39.94 ? 161 U   D C5    1 
ATOM   1280 C  C6    . U   D 4 19 ? 1.166   4.210   -0.367  0.60 40.76 ? 161 U   D C6    1 
ATOM   1281 P  P     . C   D 4 20 ? 3.273   4.791   5.419   0.60 31.57 ? 170 C   D P     1 
ATOM   1282 O  OP1   . C   D 4 20 ? 2.885   6.205   5.263   0.60 29.07 ? 170 C   D OP1   1 
ATOM   1283 O  OP2   . C   D 4 20 ? 4.514   4.453   6.140   0.60 29.55 ? 170 C   D OP2   1 
ATOM   1284 O  "O5'" . C   D 4 20 ? 2.061   4.081   6.164   0.60 28.69 ? 170 C   D "O5'" 1 
ATOM   1285 C  "C5'" . C   D 4 20 ? 1.895   4.246   7.593   0.60 27.58 ? 170 C   D "C5'" 1 
ATOM   1286 C  "C4'" . C   D 4 20 ? 0.623   5.009   7.905   0.60 25.92 ? 170 C   D "C4'" 1 
ATOM   1287 O  "O4'" . C   D 4 20 ? -0.489  4.366   7.222   0.60 24.55 ? 170 C   D "O4'" 1 
ATOM   1288 C  "C3'" . C   D 4 20 ? 0.219   5.037   9.380   0.60 25.87 ? 170 C   D "C3'" 1 
ATOM   1289 O  "O3'" . C   D 4 20 ? 0.792   6.106   10.136  0.60 31.57 ? 170 C   D "O3'" 1 
ATOM   1290 C  "C2'" . C   D 4 20 ? -1.298  5.102   9.332   0.60 22.57 ? 170 C   D "C2'" 1 
ATOM   1291 O  "O2'" . C   D 4 20 ? -1.775  6.420   9.153   0.60 23.52 ? 170 C   D "O2'" 1 
ATOM   1292 C  "C1'" . C   D 4 20 ? -1.597  4.243   8.102   0.60 20.15 ? 170 C   D "C1'" 1 
ATOM   1293 N  N1    . C   D 4 20 ? -1.761  2.803   8.397   0.60 13.07 ? 170 C   D N1    1 
ATOM   1294 C  C2    . C   D 4 20 ? -2.294  2.395   9.619   0.60 8.24  ? 170 C   D C2    1 
ATOM   1295 O  O2    . C   D 4 20 ? -2.582  3.242   10.462  0.60 10.45 ? 170 C   D O2    1 
ATOM   1296 N  N3    . C   D 4 20 ? -2.480  1.077   9.848   0.60 4.07  ? 170 C   D N3    1 
ATOM   1297 C  C4    . C   D 4 20 ? -2.141  0.186   8.915   0.60 5.37  ? 170 C   D C4    1 
ATOM   1298 N  N4    . C   D 4 20 ? -2.375  -1.099  9.155   0.60 7.74  ? 170 C   D N4    1 
ATOM   1299 C  C5    . C   D 4 20 ? -1.561  0.572   7.688   0.60 4.22  ? 170 C   D C5    1 
ATOM   1300 C  C6    . C   D 4 20 ? -1.396  1.873   7.468   0.60 11.63 ? 170 C   D C6    1 
ATOM   1301 P  P     . A   D 4 21 ? 2.200   5.887   10.883  0.60 38.51 ? 11  A   D P     1 
ATOM   1302 O  OP1   . A   D 4 21 ? 2.596   7.184   11.473  0.60 37.20 ? 11  A   D OP1   1 
ATOM   1303 O  OP2   . A   D 4 21 ? 3.141   5.172   9.988   0.60 37.67 ? 11  A   D OP2   1 
ATOM   1304 O  "O5'" . A   D 4 21 ? 1.824   4.946   12.114  0.60 43.87 ? 11  A   D "O5'" 1 
ATOM   1305 C  "C5'" . A   D 4 21 ? 1.456   5.531   13.375  0.60 50.04 ? 11  A   D "C5'" 1 
ATOM   1306 C  "C4'" . A   D 4 21 ? 0.701   4.547   14.238  0.60 53.96 ? 11  A   D "C4'" 1 
ATOM   1307 O  "O4'" . A   D 4 21 ? -0.400  3.990   13.475  0.60 55.89 ? 11  A   D "O4'" 1 
ATOM   1308 C  "C3'" . A   D 4 21 ? 1.431   3.312   14.748  0.60 57.52 ? 11  A   D "C3'" 1 
ATOM   1309 O  "O3'" . A   D 4 21 ? 2.302   3.511   15.871  0.60 58.33 ? 11  A   D "O3'" 1 
ATOM   1310 C  "C2'" . A   D 4 21 ? 0.261   2.398   15.098  0.60 58.66 ? 11  A   D "C2'" 1 
ATOM   1311 O  "O2'" . A   D 4 21 ? -0.398  2.749   16.296  0.60 60.07 ? 11  A   D "O2'" 1 
ATOM   1312 C  "C1'" . A   D 4 21 ? -0.706  2.697   13.965  0.60 59.08 ? 11  A   D "C1'" 1 
ATOM   1313 N  N9    . A   D 4 21 ? -0.502  1.716   12.909  0.60 61.84 ? 11  A   D N9    1 
ATOM   1314 C  C8    . A   D 4 21 ? 0.223   1.825   11.759  0.60 63.43 ? 11  A   D C8    1 
ATOM   1315 N  N7    . A   D 4 21 ? 0.220   0.735   11.034  0.60 65.36 ? 11  A   D N7    1 
ATOM   1316 C  C5    . A   D 4 21 ? -0.566  -0.147  11.759  0.60 64.80 ? 11  A   D C5    1 
ATOM   1317 C  C6    . A   D 4 21 ? -0.961  -1.473  11.528  0.60 65.54 ? 11  A   D C6    1 
ATOM   1318 N  N6    . A   D 4 21 ? -0.576  -2.182  10.463  0.60 67.72 ? 11  A   D N6    1 
ATOM   1319 N  N1    . A   D 4 21 ? -1.764  -2.056  12.441  0.60 63.77 ? 11  A   D N1    1 
ATOM   1320 C  C2    . A   D 4 21 ? -2.118  -1.354  13.516  0.60 63.78 ? 11  A   D C2    1 
ATOM   1321 N  N3    . A   D 4 21 ? -1.799  -0.111  13.849  0.60 64.64 ? 11  A   D N3    1 
ATOM   1322 C  C4    . A   D 4 21 ? -1.016  0.444   12.913  0.60 63.10 ? 11  A   D C4    1 
ATOM   1323 P  P     . C   D 4 22 ? 1.797   4.316   17.168  0.60 57.50 ? 12  C   D P     1 
ATOM   1324 O  OP1   . C   D 4 22 ? 0.702   5.240   16.728  0.60 56.17 ? 12  C   D OP1   1 
ATOM   1325 O  OP2   . C   D 4 22 ? 3.001   4.876   17.855  0.60 56.62 ? 12  C   D OP2   1 
ATOM   1326 O  "O5'" . C   D 4 22 ? 1.154   3.170   18.091  0.60 53.91 ? 12  C   D "O5'" 1 
ATOM   1327 C  "C5'" . C   D 4 22 ? 1.661   1.798   18.129  0.60 45.31 ? 12  C   D "C5'" 1 
ATOM   1328 C  "C4'" . C   D 4 22 ? 0.509   0.830   18.359  0.60 41.00 ? 12  C   D "C4'" 1 
ATOM   1329 O  "O4'" . C   D 4 22 ? -0.085  0.485   17.083  0.60 37.64 ? 12  C   D "O4'" 1 
ATOM   1330 C  "C3'" . C   D 4 22 ? 0.797   -0.533  18.978  0.60 40.99 ? 12  C   D "C3'" 1 
ATOM   1331 O  "O3'" . C   D 4 22 ? 0.802   -0.534  20.382  0.60 43.30 ? 12  C   D "O3'" 1 
ATOM   1332 C  "C2'" . C   D 4 22 ? -0.350  -1.402  18.522  0.60 37.24 ? 12  C   D "C2'" 1 
ATOM   1333 O  "O2'" . C   D 4 22 ? -1.418  -1.320  19.446  0.60 36.28 ? 12  C   D "O2'" 1 
ATOM   1334 C  "C1'" . C   D 4 22 ? -0.627  -0.830  17.133  0.60 34.05 ? 12  C   D "C1'" 1 
ATOM   1335 N  N1    . C   D 4 22 ? 0.061   -1.631  16.119  0.60 28.53 ? 12  C   D N1    1 
ATOM   1336 C  C2    . C   D 4 22 ? -0.357  -2.957  15.895  0.60 27.51 ? 12  C   D C2    1 
ATOM   1337 O  O2    . C   D 4 22 ? -1.315  -3.402  16.525  0.60 27.28 ? 12  C   D O2    1 
ATOM   1338 N  N3    . C   D 4 22 ? 0.296   -3.712  14.995  0.60 23.78 ? 12  C   D N3    1 
ATOM   1339 C  C4    . C   D 4 22 ? 1.321   -3.194  14.320  0.60 23.94 ? 12  C   D C4    1 
ATOM   1340 N  N4    . C   D 4 22 ? 1.938   -3.977  13.448  0.60 24.90 ? 12  C   D N4    1 
ATOM   1341 C  C5    . C   D 4 22 ? 1.758   -1.845  14.514  0.60 24.82 ? 12  C   D C5    1 
ATOM   1342 C  C6    . C   D 4 22 ? 1.105   -1.107  15.415  0.60 24.51 ? 12  C   D C6    1 
ATOM   1343 P  P     . C   D 4 23 ? 2.144   -0.900  21.154  0.60 43.23 ? 13  C   D P     1 
ATOM   1344 O  OP1   . C   D 4 23 ? 2.603   0.286   21.941  0.60 43.57 ? 13  C   D OP1   1 
ATOM   1345 O  OP2   . C   D 4 23 ? 3.067   -1.543  20.170  0.60 42.87 ? 13  C   D OP2   1 
ATOM   1346 O  "O5'" . C   D 4 23 ? 1.620   -2.040  22.120  0.60 39.77 ? 13  C   D "O5'" 1 
ATOM   1347 C  "C5'" . C   D 4 23 ? 1.972   -3.394  21.875  0.60 36.60 ? 13  C   D "C5'" 1 
ATOM   1348 C  "C4'" . C   D 4 23 ? 0.740   -4.224  21.684  0.60 32.33 ? 13  C   D "C4'" 1 
ATOM   1349 O  "O4'" . C   D 4 23 ? 0.285   -4.093  20.321  0.60 29.95 ? 13  C   D "O4'" 1 
ATOM   1350 C  "C3'" . C   D 4 23 ? 1.006   -5.709  21.829  0.60 31.47 ? 13  C   D "C3'" 1 
ATOM   1351 O  "O3'" . C   D 4 23 ? 1.074   -6.113  23.162  0.60 31.75 ? 13  C   D "O3'" 1 
ATOM   1352 C  "C2'" . C   D 4 23 ? -0.044  -6.379  20.983  0.60 28.69 ? 13  C   D "C2'" 1 
ATOM   1353 O  "O2'" . C   D 4 23 ? -1.244  -6.636  21.679  0.60 25.17 ? 13  C   D "O2'" 1 
ATOM   1354 C  "C1'" . C   D 4 23 ? -0.161  -5.365  19.848  0.60 30.10 ? 13  C   D "C1'" 1 
ATOM   1355 N  N1    . C   D 4 23 ? 0.661   -5.741  18.684  0.60 29.60 ? 13  C   D N1    1 
ATOM   1356 C  C2    . C   D 4 23 ? 0.641   -7.071  18.232  0.60 31.41 ? 13  C   D C2    1 
ATOM   1357 O  O2    . C   D 4 23 ? 0.012   -7.920  18.890  0.60 33.41 ? 13  C   D O2    1 
ATOM   1358 N  N3    . C   D 4 23 ? 1.307   -7.395  17.095  0.60 30.24 ? 13  C   D N3    1 
ATOM   1359 C  C4    . C   D 4 23 ? 1.981   -6.453  16.431  0.60 31.26 ? 13  C   D C4    1 
ATOM   1360 N  N4    . C   D 4 23 ? 2.585   -6.789  15.291  0.60 28.99 ? 13  C   D N4    1 
ATOM   1361 C  C5    . C   D 4 23 ? 2.062   -5.110  16.904  0.60 31.14 ? 13  C   D C5    1 
ATOM   1362 C  C6    . C   D 4 23 ? 1.404   -4.803  18.025  0.60 29.95 ? 13  C   D C6    1 
ATOM   1363 P  P     . A   D 4 24 ? 2.504   -6.155  23.866  0.60 32.99 ? 14  A   D P     1 
ATOM   1364 O  OP1   . A   D 4 24 ? 2.345   -5.685  25.265  0.60 32.34 ? 14  A   D OP1   1 
ATOM   1365 O  OP2   . A   D 4 24 ? 3.524   -5.490  22.991  0.60 32.75 ? 14  A   D OP2   1 
ATOM   1366 O  "O5'" . A   D 4 24 ? 2.762   -7.726  23.824  0.60 31.04 ? 14  A   D "O5'" 1 
ATOM   1367 C  "C5'" . A   D 4 24 ? 1.841   -8.621  24.461  0.60 29.02 ? 14  A   D "C5'" 1 
ATOM   1368 C  "C4'" . A   D 4 24 ? 1.509   -9.765  23.557  0.60 28.35 ? 14  A   D "C4'" 1 
ATOM   1369 O  "O4'" . A   D 4 24 ? 1.234   -9.207  22.260  0.60 29.21 ? 14  A   D "O4'" 1 
ATOM   1370 C  "C3'" . A   D 4 24 ? 2.579   -10.794 23.252  0.60 30.91 ? 14  A   D "C3'" 1 
ATOM   1371 O  "O3'" . A   D 4 24 ? 2.757   -11.770 24.245  0.60 33.88 ? 14  A   D "O3'" 1 
ATOM   1372 C  "C2'" . A   D 4 24 ? 2.121   -11.374 21.932  0.60 31.04 ? 14  A   D "C2'" 1 
ATOM   1373 O  "O2'" . A   D 4 24 ? 1.083   -12.321 22.063  0.60 32.96 ? 14  A   D "O2'" 1 
ATOM   1374 C  "C1'" . A   D 4 24 ? 1.591   -10.131 21.250  0.60 29.52 ? 14  A   D "C1'" 1 
ATOM   1375 N  N9    . A   D 4 24 ? 2.600   -9.524  20.382  0.60 28.81 ? 14  A   D N9    1 
ATOM   1376 C  C8    . A   D 4 24 ? 3.144   -8.261  20.417  0.60 28.66 ? 14  A   D C8    1 
ATOM   1377 N  N7    . A   D 4 24 ? 3.948   -8.010  19.410  0.60 28.65 ? 14  A   D N7    1 
ATOM   1378 C  C5    . A   D 4 24 ? 3.946   -9.190  18.679  0.60 25.36 ? 14  A   D C5    1 
ATOM   1379 C  C6    . A   D 4 24 ? 4.559   -9.551  17.474  0.60 26.84 ? 14  A   D C6    1 
ATOM   1380 N  N6    . A   D 4 24 ? 5.255   -8.712  16.719  0.60 26.41 ? 14  A   D N6    1 
ATOM   1381 N  N1    . A   D 4 24 ? 4.398   -10.815 17.041  0.60 29.32 ? 14  A   D N1    1 
ATOM   1382 C  C2    . A   D 4 24 ? 3.620   -11.641 17.757  0.60 32.69 ? 14  A   D C2    1 
ATOM   1383 N  N3    . A   D 4 24 ? 2.946   -11.401 18.882  0.60 29.79 ? 14  A   D N3    1 
ATOM   1384 C  C4    . A   D 4 24 ? 3.157   -10.141 19.292  0.60 27.30 ? 14  A   D C4    1 
ATOM   1385 P  P     . C   D 4 25 ? 3.930   -11.579 25.315  0.60 37.74 ? 15  C   D P     1 
ATOM   1386 O  OP1   . C   D 4 25 ? 4.081   -12.934 25.894  0.60 39.46 ? 15  C   D OP1   1 
ATOM   1387 O  OP2   . C   D 4 25 ? 3.769   -10.404 26.220  0.60 37.40 ? 15  C   D OP2   1 
ATOM   1388 O  "O5'" . C   D 4 25 ? 5.207   -11.311 24.408  0.60 38.83 ? 15  C   D "O5'" 1 
ATOM   1389 C  "C5'" . C   D 4 25 ? 6.143   -12.370 24.156  0.60 41.63 ? 15  C   D "C5'" 1 
ATOM   1390 C  "C4'" . C   D 4 25 ? 5.466   -13.439 23.356  0.60 42.21 ? 15  C   D "C4'" 1 
ATOM   1391 O  "O4'" . C   D 4 25 ? 4.701   -12.771 22.330  0.60 41.74 ? 15  C   D "O4'" 1 
ATOM   1392 C  "C3'" . C   D 4 25 ? 6.417   -14.379 22.633  0.60 43.61 ? 15  C   D "C3'" 1 
ATOM   1393 O  "O3'" . C   D 4 25 ? 7.100   -15.366 23.434  0.60 44.47 ? 15  C   D "O3'" 1 
ATOM   1394 C  "C2'" . C   D 4 25 ? 5.696   -14.654 21.311  0.60 41.95 ? 15  C   D "C2'" 1 
ATOM   1395 O  "O2'" . C   D 4 25 ? 4.660   -15.629 21.378  0.60 39.83 ? 15  C   D "O2'" 1 
ATOM   1396 C  "C1'" . C   D 4 25 ? 5.053   -13.289 21.060  0.60 39.51 ? 15  C   D "C1'" 1 
ATOM   1397 N  N1    . C   D 4 25 ? 5.947   -12.303 20.427  0.60 33.57 ? 15  C   D N1    1 
ATOM   1398 C  C2    . C   D 4 25 ? 6.626   -12.656 19.283  0.60 30.93 ? 15  C   D C2    1 
ATOM   1399 O  O2    . C   D 4 25 ? 6.540   -13.820 18.878  0.60 29.80 ? 15  C   D O2    1 
ATOM   1400 N  N3    . C   D 4 25 ? 7.372   -11.728 18.648  0.60 30.52 ? 15  C   D N3    1 
ATOM   1401 C  C4    . C   D 4 25 ? 7.476   -10.497 19.155  0.60 31.38 ? 15  C   D C4    1 
ATOM   1402 N  N4    . C   D 4 25 ? 8.220   -9.616  18.506  0.60 33.06 ? 15  C   D N4    1 
ATOM   1403 C  C5    . C   D 4 25 ? 6.824   -10.120 20.354  0.60 29.50 ? 15  C   D C5    1 
ATOM   1404 C  C6    . C   D 4 25 ? 6.079   -11.045 20.953  0.60 32.41 ? 15  C   D C6    1 
HETATM 1405 CD CD    . CD  E 5 .  ? 3.333   -10.008 10.776  1.00 79.90 ? 1   CD  A CD    1 
HETATM 1406 CD CD    . CD  F 5 .  ? -8.945  8.699   8.406   1.00 24.89 ? 2   CD  A CD    1 
HETATM 1407 CD CD    . CD  G 5 .  ? 10.096  -6.026  14.026  1.00 46.61 ? 6   CD  A CD    1 
HETATM 1408 CD CD    . CD  H 5 .  ? 3.993   -11.573 -3.024  1.00 20.34 ? 8   CD  A CD    1 
HETATM 1409 CD CD    . CD  I 5 .  ? -4.962  6.518   -12.261 1.00 26.67 ? 3   CD  B CD    1 
HETATM 1410 CD CD    . CD  J 5 .  ? 10.519  -11.631 1.262   1.00 25.77 ? 4   CD  B CD    1 
HETATM 1411 CD CD    . CD  K 5 .  ? 6.802   -1.081  -4.042  1.00 44.70 ? 5   CD  B CD    1 
HETATM 1412 CD CD    . CD  L 5 .  ? 0.774   4.754   -6.645  1.00 22.57 ? 7   CD  B CD    1 
# 
